data_6V9V
#
_entry.id   6V9V
#
_cell.length_a   1.00
_cell.length_b   1.00
_cell.length_c   1.00
_cell.angle_alpha   90.00
_cell.angle_beta   90.00
_cell.angle_gamma   90.00
#
_symmetry.space_group_name_H-M   'P 1'
#
loop_
_entity.id
_entity.type
_entity.pdbx_description
1 polymer 'Transient receptor potential cation channel subfamily A member 1'
2 non-polymer ~{N}-[[2,2-bis(fluoranyl)-10,12-dimethyl-1,3-diaza-2$l^{4}-boratricyclo[7.3.0.0^{3,7}]dodeca-4,6,9,11-tetraen-4-yl]methyl]ethanamide
3 non-polymer 'CALCIUM ION'
#
_entity_poly.entity_id   1
_entity_poly.type   'polypeptide(L)'
_entity_poly.pdbx_seq_one_letter_code
;MKRSLRKMWRPGEKKEPQGVVYEDVPDDTEDFKESLKVVFEGSAYGLQNFNKQKKLKRCDDMDTFFLHYAAAEGQIELME
KITRDSSLEVLHEMDDYGNTPLHCAVEKNQIESVKFLLSRGANPNLRNFNMMAPLHIAVQGMNNEVMKVLLEHRTIDVNL
EGENGNTAVIIACTTNNSEALQILLKKGAKPCKSNKWGCFPIHQAAFSGSKECMEIILRFGEEHGYSRQLHINFMNNGKA
TPLHLAVQNGDLEMIKMCLDNGAQIDPVEKGRCTAIHFAATQGATEIVKLMISSYSGSVDIVNTTDGCHETMLHRASLFD
HHELADYLISVGADINKIDSEGRSPLILATASASWNIVNLLLSKGAQVDIKDNFGRNFLHLTVQQPYGLKNLRPEFMQMQ
QIKELVMDEDNDGCTPLHYACRQGGPGSVNNLLGFNVSIHSKSKDKKSPLHFAASYGRINTCQRLLQDISDTRLLNEGDL
HGMTPLHLAAKNGHDKVVQLLLKKGALFLSDHNGWTALHHASMGGYTQTMKVILDTNLKCTDRLDEDGNTALHFAAREGH
AKAVALLLSHNADIVLNKQQASFLHLALHNKRKEVVLTIIRSKRWDECLKIFSHNSPGNKCPITEMIEYLPECMKVLLDF
CMLHSTEDKSCRDYYIEYNFKYLQCPLEFTKKTPTQDVIYEPLTALNAMVQNNRIELLNHPVCKEYLLMKWLAYGFRAHM
MNLGSYCLGLIPMTILVVNIKPGMAFNSTGIINETSDHSEILDTTNSYLIKTCMILVFLSSIFGYCKEAGQIFQQKRNYF
MDISNVLEWIIYTTGIIFVLPLFVEIPAHLQWQCGAIAVYFYWMNFLLYLQRFENCGIFIVMLEVILKTLLRSTVVFIFL
LLAFGLSFYILLNLQDPFSSPLLSIIQTFSMMLGDINYRESFLEPYLRNELAHPVLSFAQLVSFTIFVPIVLMNLLIGLA
VGDIADVQKHASLKRIAMQVELHTSLEKKLPLWFLRKVDQKSTIVYPNKPRSGGMLFHIFCFLFCTGEIRQEIPNADKSL
EMEILKQKYRLKDLTFLLEKQHELIKLIIQKMEIISETEDDDSHCSFQDRFKKEQMEQRNSRWNTVLRAVKAKTHHLEP
;
_entity_poly.pdbx_strand_id   A,B,D,C
#
# COMPACT_ATOMS: atom_id res chain seq x y z
N LYS A 447 -26.88 49.66 -29.10
CA LYS A 447 -25.84 48.70 -29.46
C LYS A 447 -25.36 47.97 -28.23
N SER A 448 -24.54 48.66 -27.44
CA SER A 448 -24.18 48.17 -26.12
C SER A 448 -25.36 47.95 -25.17
N PRO A 449 -26.50 48.65 -25.25
CA PRO A 449 -27.69 48.14 -24.56
C PRO A 449 -28.17 46.81 -25.10
N LEU A 450 -28.14 46.61 -26.42
CA LEU A 450 -28.61 45.35 -26.97
C LEU A 450 -27.62 44.22 -26.73
N HIS A 451 -26.33 44.52 -26.78
CA HIS A 451 -25.33 43.51 -26.52
C HIS A 451 -25.34 43.06 -25.06
N PHE A 452 -25.73 43.94 -24.15
CA PHE A 452 -25.83 43.55 -22.76
C PHE A 452 -27.11 42.80 -22.48
N ALA A 453 -28.23 43.27 -23.03
CA ALA A 453 -29.51 42.67 -22.71
C ALA A 453 -29.67 41.29 -23.35
N ALA A 454 -29.09 41.09 -24.52
CA ALA A 454 -29.15 39.78 -25.14
C ALA A 454 -28.22 38.80 -24.46
N SER A 455 -27.10 39.28 -23.93
CA SER A 455 -26.13 38.39 -23.31
C SER A 455 -26.61 37.84 -21.99
N TYR A 456 -27.55 38.52 -21.33
CA TYR A 456 -28.01 38.10 -20.01
C TYR A 456 -29.51 37.84 -19.98
N GLY A 457 -30.10 37.57 -21.14
CA GLY A 457 -31.45 37.06 -21.19
C GLY A 457 -32.54 38.05 -20.85
N ARG A 458 -32.22 39.33 -20.74
CA ARG A 458 -33.24 40.31 -20.41
C ARG A 458 -34.12 40.54 -21.63
N ILE A 459 -35.15 39.71 -21.77
CA ILE A 459 -35.87 39.62 -23.03
C ILE A 459 -36.80 40.81 -23.23
N ASN A 460 -37.36 41.37 -22.15
CA ASN A 460 -38.24 42.52 -22.30
C ASN A 460 -37.46 43.77 -22.66
N THR A 461 -36.20 43.85 -22.25
CA THR A 461 -35.34 44.93 -22.73
C THR A 461 -35.05 44.76 -24.20
N CYS A 462 -34.92 43.51 -24.67
CA CYS A 462 -34.67 43.28 -26.09
C CYS A 462 -35.92 43.54 -26.93
N GLN A 463 -37.11 43.37 -26.35
CA GLN A 463 -38.32 43.68 -27.11
C GLN A 463 -38.50 45.19 -27.25
N ARG A 464 -38.15 45.95 -26.22
CA ARG A 464 -38.19 47.40 -26.30
C ARG A 464 -37.00 47.98 -27.06
N LEU A 465 -36.05 47.16 -27.48
CA LEU A 465 -34.98 47.63 -28.32
C LEU A 465 -35.18 47.26 -29.78
N LEU A 466 -36.01 46.26 -30.06
CA LEU A 466 -36.21 45.77 -31.41
C LEU A 466 -37.63 45.92 -31.90
N GLN A 467 -38.48 46.65 -31.19
CA GLN A 467 -39.80 46.96 -31.73
C GLN A 467 -39.71 48.03 -32.80
N ASP A 468 -38.62 48.79 -32.85
CA ASP A 468 -38.36 49.70 -33.96
C ASP A 468 -37.98 48.89 -35.19
N ILE A 469 -38.97 48.63 -36.05
CA ILE A 469 -38.77 47.77 -37.21
C ILE A 469 -37.97 48.49 -38.28
N SER A 470 -37.50 47.73 -39.28
CA SER A 470 -36.72 48.22 -40.41
C SER A 470 -35.42 48.89 -39.97
N ASP A 471 -34.80 48.37 -38.90
CA ASP A 471 -33.50 48.84 -38.42
C ASP A 471 -32.71 47.58 -38.10
N THR A 472 -31.96 47.09 -39.09
CA THR A 472 -31.29 45.81 -38.98
C THR A 472 -29.77 45.92 -39.01
N ARG A 473 -29.22 47.14 -38.93
CA ARG A 473 -27.78 47.27 -38.88
C ARG A 473 -27.26 46.92 -37.50
N LEU A 474 -28.00 47.29 -36.47
CA LEU A 474 -27.61 47.02 -35.09
C LEU A 474 -27.97 45.60 -34.66
N LEU A 475 -28.91 44.96 -35.34
CA LEU A 475 -29.31 43.61 -35.00
C LEU A 475 -28.22 42.60 -35.32
N ASN A 476 -27.41 42.87 -36.34
CA ASN A 476 -26.31 41.99 -36.71
C ASN A 476 -24.95 42.62 -36.47
N GLU A 477 -24.89 43.73 -35.76
CA GLU A 477 -23.63 44.36 -35.45
C GLU A 477 -22.88 43.54 -34.41
N GLY A 478 -21.58 43.35 -34.64
CA GLY A 478 -20.75 42.60 -33.74
C GLY A 478 -19.95 43.50 -32.82
N ASP A 479 -19.55 42.94 -31.69
CA ASP A 479 -18.77 43.66 -30.70
C ASP A 479 -17.29 43.59 -31.06
N LEU A 480 -16.42 43.92 -30.10
CA LEU A 480 -14.97 43.86 -30.32
C LEU A 480 -14.46 42.46 -30.61
N HIS A 481 -15.18 41.42 -30.20
CA HIS A 481 -14.86 40.06 -30.58
C HIS A 481 -15.71 39.56 -31.74
N GLY A 482 -16.47 40.46 -32.37
CA GLY A 482 -17.25 40.11 -33.52
C GLY A 482 -18.54 39.37 -33.24
N MET A 483 -18.88 39.16 -31.97
CA MET A 483 -20.08 38.41 -31.63
C MET A 483 -21.31 39.27 -31.84
N THR A 484 -22.23 38.78 -32.65
CA THR A 484 -23.54 39.38 -32.79
C THR A 484 -24.36 39.10 -31.53
N PRO A 485 -25.45 39.84 -31.31
CA PRO A 485 -26.38 39.47 -30.24
C PRO A 485 -26.92 38.05 -30.31
N LEU A 486 -26.98 37.44 -31.50
CA LEU A 486 -27.31 36.02 -31.58
C LEU A 486 -26.22 35.17 -30.94
N HIS A 487 -24.96 35.56 -31.07
CA HIS A 487 -23.88 34.82 -30.44
C HIS A 487 -23.94 34.96 -28.93
N LEU A 488 -24.20 36.17 -28.44
CA LEU A 488 -24.20 36.41 -27.01
C LEU A 488 -25.38 35.74 -26.33
N ALA A 489 -26.53 35.70 -27.01
CA ALA A 489 -27.69 35.04 -26.43
C ALA A 489 -27.51 33.55 -26.38
N ALA A 490 -26.85 32.98 -27.38
CA ALA A 490 -26.63 31.54 -27.40
C ALA A 490 -25.44 31.12 -26.55
N LYS A 491 -24.50 32.03 -26.29
CA LYS A 491 -23.35 31.67 -25.48
C LYS A 491 -23.76 31.44 -24.03
N ASN A 492 -24.57 32.33 -23.48
CA ASN A 492 -25.11 32.16 -22.15
C ASN A 492 -26.37 31.31 -22.12
N GLY A 493 -26.86 30.91 -23.29
CA GLY A 493 -27.92 29.93 -23.36
C GLY A 493 -29.29 30.42 -22.94
N HIS A 494 -29.73 31.50 -23.54
CA HIS A 494 -31.05 32.05 -23.27
C HIS A 494 -31.92 31.76 -24.48
N ASP A 495 -32.70 30.69 -24.38
CA ASP A 495 -33.41 30.17 -25.54
C ASP A 495 -34.58 31.06 -25.95
N LYS A 496 -35.18 31.77 -25.02
CA LYS A 496 -36.32 32.60 -25.38
C LYS A 496 -35.89 33.85 -26.12
N VAL A 497 -34.78 34.47 -25.72
CA VAL A 497 -34.35 35.63 -26.46
C VAL A 497 -33.61 35.22 -27.74
N VAL A 498 -33.08 34.01 -27.81
CA VAL A 498 -32.49 33.57 -29.06
C VAL A 498 -33.59 33.17 -30.04
N GLN A 499 -34.79 32.89 -29.54
CA GLN A 499 -35.92 32.72 -30.43
C GLN A 499 -36.40 34.05 -30.96
N LEU A 500 -36.24 35.11 -30.16
CA LEU A 500 -36.71 36.43 -30.56
C LEU A 500 -35.86 37.01 -31.67
N LEU A 501 -34.54 36.81 -31.61
CA LEU A 501 -33.67 37.33 -32.64
C LEU A 501 -33.87 36.60 -33.96
N LEU A 502 -34.13 35.31 -33.89
CA LEU A 502 -34.43 34.56 -35.10
C LEU A 502 -35.82 34.87 -35.62
N LYS A 503 -36.71 35.36 -34.76
CA LYS A 503 -38.01 35.81 -35.23
C LYS A 503 -37.90 37.09 -36.04
N LYS A 504 -36.87 37.90 -35.78
CA LYS A 504 -36.60 39.09 -36.57
C LYS A 504 -35.64 38.80 -37.72
N GLY A 505 -34.57 38.08 -37.44
CA GLY A 505 -33.60 37.73 -38.47
C GLY A 505 -32.20 38.04 -38.00
N ALA A 506 -31.32 37.04 -38.05
CA ALA A 506 -29.99 37.20 -37.49
C ALA A 506 -28.86 36.74 -38.38
N LEU A 507 -29.16 36.05 -39.49
CA LEU A 507 -28.27 35.69 -40.59
C LEU A 507 -27.18 34.69 -40.22
N PHE A 508 -27.03 34.30 -38.95
CA PHE A 508 -26.11 33.27 -38.47
C PHE A 508 -24.66 33.56 -38.85
N LEU A 509 -24.22 34.76 -38.53
CA LEU A 509 -22.88 35.17 -38.91
C LEU A 509 -21.84 34.46 -38.05
N SER A 510 -20.59 34.59 -38.47
CA SER A 510 -19.46 34.03 -37.75
C SER A 510 -18.62 35.15 -37.17
N ASP A 511 -18.21 35.00 -35.93
CA ASP A 511 -17.43 36.02 -35.26
C ASP A 511 -15.94 35.82 -35.57
N HIS A 512 -15.09 36.49 -34.81
CA HIS A 512 -13.68 36.14 -34.80
C HIS A 512 -13.53 34.77 -34.17
N ASN A 513 -12.69 33.94 -34.78
CA ASN A 513 -12.52 32.48 -34.69
C ASN A 513 -13.61 31.75 -35.46
N GLY A 514 -14.53 32.47 -36.10
CA GLY A 514 -15.44 31.85 -37.03
C GLY A 514 -16.58 31.06 -36.41
N TRP A 515 -16.91 31.30 -35.16
CA TRP A 515 -17.95 30.54 -34.50
C TRP A 515 -19.31 31.12 -34.86
N THR A 516 -20.27 30.25 -35.15
CA THR A 516 -21.63 30.74 -35.29
C THR A 516 -22.29 30.67 -33.92
N ALA A 517 -23.61 30.85 -33.88
CA ALA A 517 -24.32 30.73 -32.62
C ALA A 517 -24.36 29.29 -32.14
N LEU A 518 -24.34 28.33 -33.07
CA LEU A 518 -24.42 26.93 -32.67
C LEU A 518 -23.11 26.45 -32.05
N HIS A 519 -21.99 27.07 -32.40
CA HIS A 519 -20.75 26.73 -31.71
C HIS A 519 -20.79 27.19 -30.27
N HIS A 520 -21.42 28.34 -30.02
CA HIS A 520 -21.49 28.84 -28.66
C HIS A 520 -22.52 28.09 -27.83
N ALA A 521 -23.66 27.74 -28.44
CA ALA A 521 -24.70 27.05 -27.69
C ALA A 521 -24.31 25.62 -27.40
N SER A 522 -23.50 25.00 -28.25
CA SER A 522 -23.01 23.66 -27.97
C SER A 522 -21.92 23.69 -26.90
N MET A 523 -21.00 24.63 -26.99
CA MET A 523 -20.02 24.78 -25.92
C MET A 523 -20.70 25.42 -24.73
N GLY A 524 -21.31 24.60 -23.89
CA GLY A 524 -22.16 25.08 -22.83
C GLY A 524 -23.33 24.15 -22.64
N GLY A 525 -23.65 23.39 -23.69
CA GLY A 525 -24.63 22.34 -23.58
C GLY A 525 -26.05 22.83 -23.42
N TYR A 526 -26.36 24.01 -23.90
CA TYR A 526 -27.72 24.54 -23.81
C TYR A 526 -28.53 23.91 -24.92
N THR A 527 -29.04 22.71 -24.64
CA THR A 527 -29.78 21.95 -25.64
C THR A 527 -31.10 22.61 -26.00
N GLN A 528 -31.70 23.33 -25.05
CA GLN A 528 -32.91 24.07 -25.36
C GLN A 528 -32.62 25.25 -26.27
N THR A 529 -31.45 25.85 -26.15
CA THR A 529 -31.04 26.88 -27.09
C THR A 529 -30.65 26.27 -28.43
N MET A 530 -29.99 25.11 -28.39
CA MET A 530 -29.62 24.42 -29.62
C MET A 530 -30.85 23.93 -30.39
N LYS A 531 -31.93 23.63 -29.67
CA LYS A 531 -33.11 23.11 -30.33
C LYS A 531 -33.81 24.16 -31.17
N VAL A 532 -33.96 25.38 -30.64
CA VAL A 532 -34.66 26.42 -31.38
C VAL A 532 -33.79 26.96 -32.51
N ILE A 533 -32.47 26.86 -32.38
CA ILE A 533 -31.58 27.24 -33.47
C ILE A 533 -31.70 26.25 -34.62
N LEU A 534 -31.75 24.96 -34.29
CA LEU A 534 -31.78 23.91 -35.30
C LEU A 534 -33.14 23.74 -35.96
N ASP A 535 -34.15 24.52 -35.60
CA ASP A 535 -35.45 24.42 -36.22
C ASP A 535 -35.75 25.57 -37.18
N THR A 536 -34.75 26.37 -37.52
CA THR A 536 -34.96 27.51 -38.40
C THR A 536 -34.63 27.21 -39.86
N ASN A 537 -33.38 26.89 -40.15
CA ASN A 537 -32.95 26.76 -41.54
C ASN A 537 -32.07 25.57 -41.83
N LEU A 538 -31.38 25.01 -40.83
CA LEU A 538 -30.36 23.95 -40.94
C LEU A 538 -29.16 24.35 -41.80
N LYS A 539 -28.98 25.64 -42.09
CA LYS A 539 -27.82 26.08 -42.86
C LYS A 539 -26.61 26.31 -41.97
N CYS A 540 -26.80 26.29 -40.65
CA CYS A 540 -25.73 26.60 -39.71
C CYS A 540 -25.17 25.36 -39.02
N THR A 541 -25.81 24.20 -39.21
CA THR A 541 -25.43 23.01 -38.46
C THR A 541 -24.12 22.37 -38.93
N ASP A 542 -23.55 22.82 -40.04
CA ASP A 542 -22.34 22.20 -40.56
C ASP A 542 -21.22 23.20 -40.75
N ARG A 543 -21.26 24.31 -40.03
CA ARG A 543 -20.26 25.34 -40.22
C ARG A 543 -18.97 24.96 -39.51
N LEU A 544 -17.90 25.67 -39.85
CA LEU A 544 -16.57 25.35 -39.37
C LEU A 544 -15.95 26.59 -38.74
N ASP A 545 -15.16 26.38 -37.69
CA ASP A 545 -14.46 27.47 -37.05
C ASP A 545 -13.10 27.64 -37.74
N GLU A 546 -12.19 28.39 -37.13
CA GLU A 546 -10.87 28.60 -37.71
C GLU A 546 -10.03 27.32 -37.68
N ASP A 547 -10.28 26.42 -36.75
CA ASP A 547 -9.67 25.10 -36.75
C ASP A 547 -10.52 24.05 -37.43
N GLY A 548 -11.66 24.42 -37.99
CA GLY A 548 -12.46 23.45 -38.69
C GLY A 548 -13.34 22.59 -37.83
N ASN A 549 -13.44 22.89 -36.53
CA ASN A 549 -14.36 22.17 -35.67
C ASN A 549 -15.79 22.52 -36.03
N THR A 550 -16.64 21.52 -36.13
CA THR A 550 -18.06 21.79 -36.28
C THR A 550 -18.68 21.86 -34.89
N ALA A 551 -20.00 22.02 -34.82
CA ALA A 551 -20.67 22.18 -33.54
C ALA A 551 -20.63 20.90 -32.72
N LEU A 552 -20.54 19.75 -33.38
CA LEU A 552 -20.45 18.49 -32.65
C LEU A 552 -19.11 18.35 -31.95
N HIS A 553 -18.07 18.99 -32.50
CA HIS A 553 -16.76 18.95 -31.87
C HIS A 553 -16.78 19.65 -30.53
N PHE A 554 -17.45 20.79 -30.44
CA PHE A 554 -17.48 21.55 -29.20
C PHE A 554 -18.38 20.90 -28.17
N ALA A 555 -19.50 20.34 -28.61
CA ALA A 555 -20.41 19.70 -27.66
C ALA A 555 -19.83 18.41 -27.11
N ALA A 556 -18.98 17.74 -27.87
CA ALA A 556 -18.34 16.54 -27.37
C ALA A 556 -17.08 16.81 -26.58
N ARG A 557 -16.42 17.94 -26.82
CA ARG A 557 -15.19 18.24 -26.09
C ARG A 557 -15.49 18.66 -24.66
N GLU A 558 -16.49 19.50 -24.47
CA GLU A 558 -16.86 19.97 -23.15
C GLU A 558 -17.80 19.02 -22.42
N GLY A 559 -18.15 17.89 -23.02
CA GLY A 559 -18.87 16.86 -22.31
C GLY A 559 -20.33 17.18 -22.05
N HIS A 560 -21.11 17.34 -23.11
CA HIS A 560 -22.54 17.57 -22.98
C HIS A 560 -23.24 16.48 -23.76
N ALA A 561 -23.68 15.44 -23.04
CA ALA A 561 -24.22 14.26 -23.68
C ALA A 561 -25.57 14.53 -24.35
N LYS A 562 -26.39 15.39 -23.75
CA LYS A 562 -27.66 15.72 -24.39
C LYS A 562 -27.47 16.63 -25.59
N ALA A 563 -26.35 17.34 -25.67
CA ALA A 563 -26.11 18.19 -26.83
C ALA A 563 -25.71 17.35 -28.03
N VAL A 564 -24.86 16.35 -27.83
CA VAL A 564 -24.44 15.53 -28.96
C VAL A 564 -25.56 14.60 -29.38
N ALA A 565 -26.45 14.23 -28.47
CA ALA A 565 -27.61 13.45 -28.86
C ALA A 565 -28.58 14.26 -29.71
N LEU A 566 -28.71 15.55 -29.40
CA LEU A 566 -29.53 16.42 -30.23
C LEU A 566 -28.84 16.70 -31.56
N LEU A 567 -27.52 16.85 -31.54
CA LEU A 567 -26.79 17.13 -32.75
C LEU A 567 -26.60 15.91 -33.64
N LEU A 568 -26.87 14.71 -33.13
CA LEU A 568 -26.83 13.52 -33.96
C LEU A 568 -28.21 13.06 -34.39
N SER A 569 -29.25 13.44 -33.66
CA SER A 569 -30.60 13.19 -34.13
C SER A 569 -30.89 13.95 -35.41
N HIS A 570 -30.45 15.20 -35.48
CA HIS A 570 -30.34 15.88 -36.75
C HIS A 570 -29.07 15.42 -37.43
N ASN A 571 -29.13 15.29 -38.76
CA ASN A 571 -28.04 14.69 -39.50
C ASN A 571 -26.94 15.73 -39.75
N ALA A 572 -26.27 16.09 -38.67
CA ALA A 572 -25.11 16.96 -38.78
C ALA A 572 -23.89 16.13 -39.15
N ASP A 573 -23.06 16.68 -40.02
CA ASP A 573 -21.98 15.92 -40.63
C ASP A 573 -20.85 15.70 -39.62
N ILE A 574 -20.15 14.59 -39.80
CA ILE A 574 -19.02 14.21 -38.97
C ILE A 574 -17.75 14.41 -39.79
N VAL A 575 -16.87 15.28 -39.33
CA VAL A 575 -15.69 15.66 -40.09
C VAL A 575 -14.48 15.61 -39.16
N LEU A 576 -13.35 16.06 -39.70
CA LEU A 576 -12.13 16.22 -38.94
C LEU A 576 -11.75 17.69 -38.89
N ASN A 577 -11.02 18.06 -37.85
CA ASN A 577 -10.54 19.42 -37.74
C ASN A 577 -9.19 19.54 -38.45
N LYS A 578 -8.48 20.63 -38.19
CA LYS A 578 -7.12 20.77 -38.72
C LYS A 578 -6.15 19.79 -38.08
N GLN A 579 -6.45 19.30 -36.87
CA GLN A 579 -5.63 18.29 -36.23
C GLN A 579 -6.12 16.88 -36.50
N GLN A 580 -6.97 16.70 -37.53
CA GLN A 580 -7.47 15.41 -38.00
C GLN A 580 -8.23 14.65 -36.92
N ALA A 581 -8.88 15.38 -36.01
CA ALA A 581 -9.64 14.77 -34.94
C ALA A 581 -11.12 14.90 -35.25
N SER A 582 -11.85 13.79 -35.10
CA SER A 582 -13.29 13.84 -35.16
C SER A 582 -13.83 14.28 -33.80
N PHE A 583 -15.15 14.40 -33.71
CA PHE A 583 -15.76 14.69 -32.43
C PHE A 583 -15.63 13.54 -31.46
N LEU A 584 -15.50 12.31 -31.97
CA LEU A 584 -15.26 11.18 -31.10
C LEU A 584 -13.87 11.24 -30.49
N HIS A 585 -12.90 11.79 -31.22
CA HIS A 585 -11.55 11.89 -30.69
C HIS A 585 -11.47 12.92 -29.58
N LEU A 586 -12.23 14.00 -29.69
CA LEU A 586 -12.19 15.04 -28.67
C LEU A 586 -12.87 14.59 -27.40
N ALA A 587 -13.92 13.78 -27.50
CA ALA A 587 -14.55 13.25 -26.31
C ALA A 587 -13.67 12.22 -25.62
N LEU A 588 -12.93 11.43 -26.41
CA LEU A 588 -12.06 10.43 -25.82
C LEU A 588 -10.83 11.06 -25.18
N HIS A 589 -10.32 12.14 -25.75
CA HIS A 589 -9.15 12.79 -25.17
C HIS A 589 -9.51 13.53 -23.89
N ASN A 590 -10.69 14.12 -23.85
CA ASN A 590 -11.13 14.84 -22.67
C ASN A 590 -11.87 13.95 -21.68
N LYS A 591 -11.96 12.64 -21.97
CA LYS A 591 -12.50 11.61 -21.08
C LYS A 591 -13.94 11.88 -20.70
N ARG A 592 -14.76 12.14 -21.71
CA ARG A 592 -16.18 12.44 -21.50
C ARG A 592 -16.94 11.13 -21.60
N LYS A 593 -17.20 10.53 -20.45
CA LYS A 593 -17.76 9.18 -20.42
C LYS A 593 -19.21 9.16 -20.85
N GLU A 594 -20.01 10.11 -20.38
CA GLU A 594 -21.42 10.14 -20.73
C GLU A 594 -21.65 10.54 -22.19
N VAL A 595 -20.67 11.19 -22.81
CA VAL A 595 -20.83 11.57 -24.21
C VAL A 595 -20.63 10.37 -25.12
N VAL A 596 -19.54 9.62 -24.92
CA VAL A 596 -19.25 8.50 -25.79
C VAL A 596 -20.21 7.35 -25.59
N LEU A 597 -20.89 7.28 -24.45
CA LEU A 597 -21.97 6.32 -24.32
C LEU A 597 -23.15 6.70 -25.19
N THR A 598 -23.43 7.99 -25.31
CA THR A 598 -24.48 8.43 -26.22
C THR A 598 -24.05 8.34 -27.67
N ILE A 599 -22.75 8.34 -27.93
CA ILE A 599 -22.30 8.08 -29.29
C ILE A 599 -22.48 6.62 -29.64
N ILE A 600 -22.16 5.74 -28.70
CA ILE A 600 -22.24 4.29 -28.94
C ILE A 600 -23.69 3.85 -29.03
N ARG A 601 -24.50 4.26 -28.06
CA ARG A 601 -25.87 3.75 -27.97
C ARG A 601 -26.78 4.31 -29.04
N SER A 602 -26.41 5.40 -29.69
CA SER A 602 -27.27 5.96 -30.72
C SER A 602 -26.94 5.33 -32.06
N LYS A 603 -27.65 5.77 -33.10
CA LYS A 603 -27.34 5.37 -34.45
C LYS A 603 -26.14 6.15 -34.95
N ARG A 604 -25.80 5.92 -36.23
CA ARG A 604 -24.63 6.50 -36.90
C ARG A 604 -23.32 6.18 -36.18
N TRP A 605 -23.29 5.09 -35.41
CA TRP A 605 -22.11 4.80 -34.61
C TRP A 605 -20.99 4.24 -35.48
N ASP A 606 -21.35 3.43 -36.47
CA ASP A 606 -20.35 2.90 -37.38
C ASP A 606 -19.77 3.99 -38.27
N GLU A 607 -20.57 4.98 -38.65
CA GLU A 607 -20.09 6.00 -39.55
C GLU A 607 -19.22 7.04 -38.85
N CYS A 608 -19.30 7.15 -37.54
CA CYS A 608 -18.30 7.91 -36.82
C CYS A 608 -17.18 7.04 -36.32
N LEU A 609 -17.30 5.72 -36.48
CA LEU A 609 -16.18 4.85 -36.17
C LEU A 609 -15.16 4.86 -37.30
N LYS A 610 -15.64 4.84 -38.54
CA LYS A 610 -14.77 4.82 -39.71
C LYS A 610 -14.40 6.20 -40.19
N ILE A 611 -14.75 7.25 -39.45
CA ILE A 611 -14.52 8.61 -39.91
C ILE A 611 -13.12 9.10 -39.56
N PHE A 612 -12.34 8.32 -38.82
CA PHE A 612 -10.99 8.70 -38.45
C PHE A 612 -10.07 8.66 -39.65
N SER A 613 -8.88 9.24 -39.48
CA SER A 613 -7.88 9.27 -40.52
C SER A 613 -6.60 8.61 -40.01
N HIS A 614 -5.89 7.96 -40.93
CA HIS A 614 -4.60 7.37 -40.63
C HIS A 614 -3.53 8.45 -40.70
N ASN A 615 -2.26 8.01 -40.67
CA ASN A 615 -1.03 8.82 -40.68
C ASN A 615 -1.11 10.05 -39.78
N SER A 616 -1.60 9.83 -38.57
CA SER A 616 -1.73 10.89 -37.59
C SER A 616 -1.24 10.36 -36.25
N PRO A 617 -0.27 11.03 -35.62
CA PRO A 617 0.32 10.50 -34.37
C PRO A 617 -0.67 10.46 -33.21
N GLY A 618 -1.33 11.57 -32.96
CA GLY A 618 -2.53 11.54 -32.16
C GLY A 618 -3.73 11.25 -33.03
N ASN A 619 -4.86 10.99 -32.37
CA ASN A 619 -6.16 10.76 -33.02
C ASN A 619 -6.11 9.58 -33.98
N LYS A 620 -5.80 8.41 -33.42
CA LYS A 620 -5.65 7.20 -34.21
C LYS A 620 -7.01 6.57 -34.51
N CYS A 621 -7.05 5.24 -34.49
CA CYS A 621 -8.28 4.52 -34.68
C CYS A 621 -9.07 4.65 -33.39
N PRO A 622 -10.36 5.00 -33.47
CA PRO A 622 -11.22 5.34 -32.33
C PRO A 622 -11.33 4.25 -31.29
N ILE A 623 -11.20 3.00 -31.72
CA ILE A 623 -11.18 1.88 -30.79
C ILE A 623 -9.93 1.97 -29.91
N THR A 624 -8.79 2.32 -30.51
CA THR A 624 -7.53 2.31 -29.77
C THR A 624 -7.48 3.41 -28.70
N GLU A 625 -8.08 4.57 -28.97
CA GLU A 625 -8.19 5.55 -27.90
C GLU A 625 -9.22 5.13 -26.86
N MET A 626 -10.22 4.35 -27.26
CA MET A 626 -11.17 3.89 -26.27
C MET A 626 -10.55 2.86 -25.34
N ILE A 627 -9.58 2.09 -25.83
CA ILE A 627 -8.78 1.29 -24.92
C ILE A 627 -7.87 2.19 -24.09
N GLU A 628 -7.31 3.21 -24.71
CA GLU A 628 -6.28 4.01 -24.07
C GLU A 628 -6.85 4.93 -23.01
N TYR A 629 -8.06 5.43 -23.20
CA TYR A 629 -8.55 6.50 -22.35
C TYR A 629 -9.78 6.10 -21.55
N LEU A 630 -10.77 5.46 -22.17
CA LEU A 630 -12.04 5.17 -21.50
C LEU A 630 -12.36 3.69 -21.61
N PRO A 631 -11.73 2.86 -20.79
CA PRO A 631 -11.98 1.41 -20.90
C PRO A 631 -13.35 0.97 -20.45
N GLU A 632 -14.04 1.75 -19.60
CA GLU A 632 -15.37 1.34 -19.18
C GLU A 632 -16.39 1.47 -20.30
N CYS A 633 -16.19 2.44 -21.19
CA CYS A 633 -17.08 2.57 -22.33
C CYS A 633 -16.77 1.56 -23.42
N MET A 634 -15.54 1.04 -23.45
CA MET A 634 -15.27 -0.09 -24.31
C MET A 634 -15.99 -1.33 -23.83
N LYS A 635 -16.16 -1.47 -22.51
CA LYS A 635 -16.90 -2.59 -21.96
C LYS A 635 -18.37 -2.53 -22.36
N VAL A 636 -18.93 -1.32 -22.44
CA VAL A 636 -20.29 -1.17 -22.94
C VAL A 636 -20.35 -1.52 -24.43
N LEU A 637 -19.29 -1.21 -25.16
CA LEU A 637 -19.24 -1.57 -26.58
C LEU A 637 -19.12 -3.07 -26.76
N LEU A 638 -18.39 -3.74 -25.87
CA LEU A 638 -18.28 -5.18 -25.94
C LEU A 638 -19.56 -5.88 -25.53
N ASP A 639 -20.39 -5.23 -24.71
CA ASP A 639 -21.69 -5.81 -24.37
C ASP A 639 -22.61 -5.82 -25.58
N PHE A 640 -22.44 -4.88 -26.50
CA PHE A 640 -23.25 -4.89 -27.71
C PHE A 640 -22.81 -5.99 -28.67
N CYS A 641 -21.57 -6.47 -28.55
CA CYS A 641 -21.14 -7.58 -29.37
C CYS A 641 -21.65 -8.91 -28.84
N MET A 642 -21.76 -9.04 -27.53
CA MET A 642 -22.25 -10.27 -26.91
C MET A 642 -23.77 -10.23 -26.89
N LEU A 643 -24.38 -10.79 -27.93
CA LEU A 643 -25.83 -10.84 -28.03
C LEU A 643 -26.30 -12.26 -27.81
N HIS A 644 -27.55 -12.38 -27.36
CA HIS A 644 -28.15 -13.68 -27.06
C HIS A 644 -29.17 -14.11 -28.09
N SER A 645 -30.00 -13.17 -28.56
CA SER A 645 -31.10 -13.41 -29.51
C SER A 645 -32.07 -14.49 -29.02
N THR A 646 -32.26 -14.55 -27.70
CA THR A 646 -33.13 -15.53 -27.07
C THR A 646 -33.48 -15.01 -25.69
N GLU A 647 -34.46 -15.65 -25.07
CA GLU A 647 -34.84 -15.30 -23.71
C GLU A 647 -35.04 -16.53 -22.83
N ASP A 648 -34.98 -17.73 -23.38
CA ASP A 648 -35.14 -18.96 -22.61
C ASP A 648 -33.77 -19.35 -22.09
N LYS A 649 -33.49 -18.99 -20.83
CA LYS A 649 -32.20 -19.31 -20.23
C LYS A 649 -32.11 -20.81 -19.96
N SER A 650 -30.90 -21.35 -20.18
CA SER A 650 -30.57 -22.77 -19.99
C SER A 650 -31.46 -23.68 -20.85
N CYS A 651 -31.78 -23.22 -22.06
CA CYS A 651 -32.57 -23.99 -23.00
C CYS A 651 -31.66 -24.71 -23.98
N ARG A 652 -32.24 -25.68 -24.70
CA ARG A 652 -31.48 -26.42 -25.69
C ARG A 652 -31.22 -25.56 -26.92
N ASP A 653 -32.19 -24.73 -27.30
CA ASP A 653 -32.03 -23.81 -28.41
C ASP A 653 -31.42 -22.49 -27.99
N TYR A 654 -31.05 -22.35 -26.71
CA TYR A 654 -30.43 -21.13 -26.22
C TYR A 654 -28.99 -21.03 -26.68
N TYR A 655 -28.60 -19.84 -27.10
CA TYR A 655 -27.25 -19.61 -27.58
C TYR A 655 -26.85 -18.18 -27.30
N ILE A 656 -25.53 -17.94 -27.29
CA ILE A 656 -24.96 -16.61 -27.15
C ILE A 656 -24.00 -16.43 -28.31
N GLU A 657 -24.31 -15.53 -29.22
CA GLU A 657 -23.42 -15.25 -30.34
C GLU A 657 -22.47 -14.12 -29.97
N TYR A 658 -21.18 -14.38 -30.12
CA TYR A 658 -20.15 -13.38 -29.89
C TYR A 658 -19.68 -12.82 -31.22
N ASN A 659 -19.63 -11.50 -31.31
CA ASN A 659 -19.20 -10.83 -32.52
C ASN A 659 -17.85 -10.16 -32.28
N PHE A 660 -16.96 -10.25 -33.25
CA PHE A 660 -15.62 -9.69 -33.14
C PHE A 660 -15.39 -8.63 -34.20
N LYS A 661 -16.39 -7.82 -34.47
CA LYS A 661 -16.25 -6.79 -35.50
C LYS A 661 -15.41 -5.63 -35.05
N TYR A 662 -15.25 -5.42 -33.74
CA TYR A 662 -14.52 -4.28 -33.22
C TYR A 662 -13.13 -4.65 -32.74
N LEU A 663 -12.75 -5.92 -32.79
CA LEU A 663 -11.49 -6.35 -32.22
C LEU A 663 -10.37 -6.46 -33.24
N GLN A 664 -10.61 -6.09 -34.49
CA GLN A 664 -9.66 -6.45 -35.53
C GLN A 664 -9.81 -5.56 -36.75
N CYS A 665 -8.70 -5.38 -37.46
CA CYS A 665 -8.72 -4.88 -38.82
C CYS A 665 -9.26 -5.98 -39.75
N PRO A 666 -9.61 -5.63 -41.00
CA PRO A 666 -9.96 -6.68 -41.98
C PRO A 666 -8.80 -7.47 -42.55
N LEU A 667 -7.62 -7.40 -41.92
CA LEU A 667 -6.40 -8.20 -42.15
C LEU A 667 -5.65 -7.83 -43.42
N GLU A 668 -6.21 -6.96 -44.25
CA GLU A 668 -5.45 -6.46 -45.38
C GLU A 668 -4.44 -5.40 -44.94
N PHE A 669 -4.66 -4.78 -43.79
CA PHE A 669 -3.76 -3.79 -43.25
C PHE A 669 -2.76 -4.38 -42.27
N THR A 670 -2.71 -5.70 -42.19
CA THR A 670 -1.75 -6.37 -41.32
C THR A 670 -0.45 -6.71 -42.01
N LYS A 671 -0.51 -6.98 -43.32
CA LYS A 671 0.68 -7.32 -44.09
C LYS A 671 1.16 -6.11 -44.87
N LYS A 672 2.48 -6.02 -45.02
CA LYS A 672 3.08 -4.92 -45.76
C LYS A 672 2.81 -5.10 -47.25
N THR A 673 2.13 -4.13 -47.84
CA THR A 673 1.74 -4.16 -49.24
C THR A 673 1.89 -2.77 -49.81
N PRO A 674 2.20 -2.64 -51.11
CA PRO A 674 2.24 -1.30 -51.71
C PRO A 674 0.88 -0.64 -51.80
N THR A 675 -0.20 -1.43 -51.96
CA THR A 675 -1.53 -0.87 -51.98
C THR A 675 -2.06 -0.61 -50.57
N GLN A 676 -1.59 -1.38 -49.59
CA GLN A 676 -2.03 -1.23 -48.20
C GLN A 676 -0.95 -0.47 -47.43
N ASP A 677 -1.11 0.86 -47.39
CA ASP A 677 -0.14 1.69 -46.68
C ASP A 677 -0.27 1.57 -45.16
N VAL A 678 -1.41 1.10 -44.66
CA VAL A 678 -1.60 0.90 -43.23
C VAL A 678 -0.84 -0.36 -42.80
N ILE A 679 -0.16 -0.25 -41.66
CA ILE A 679 0.70 -1.32 -41.17
C ILE A 679 0.23 -1.77 -39.79
N TYR A 680 -1.09 -1.76 -39.57
CA TYR A 680 -1.66 -2.13 -38.28
C TYR A 680 -1.38 -3.60 -37.97
N GLU A 681 -0.59 -3.82 -36.92
CA GLU A 681 -0.25 -5.16 -36.51
C GLU A 681 -1.48 -5.87 -35.96
N PRO A 682 -1.62 -7.18 -36.17
CA PRO A 682 -2.90 -7.86 -35.94
C PRO A 682 -3.25 -7.96 -34.48
N LEU A 683 -4.50 -8.37 -34.25
CA LEU A 683 -5.15 -8.37 -32.94
C LEU A 683 -5.05 -6.99 -32.30
N THR A 684 -5.64 -6.01 -32.98
CA THR A 684 -5.36 -4.61 -32.68
C THR A 684 -5.94 -4.19 -31.34
N ALA A 685 -7.18 -4.59 -31.06
CA ALA A 685 -7.79 -4.20 -29.81
C ALA A 685 -7.16 -4.92 -28.63
N LEU A 686 -6.75 -6.16 -28.84
CA LEU A 686 -6.14 -6.90 -27.73
C LEU A 686 -4.70 -6.49 -27.50
N ASN A 687 -3.97 -6.13 -28.55
CA ASN A 687 -2.63 -5.60 -28.33
C ASN A 687 -2.68 -4.22 -27.71
N ALA A 688 -3.73 -3.46 -27.98
CA ALA A 688 -3.93 -2.20 -27.26
C ALA A 688 -4.32 -2.45 -25.82
N MET A 689 -4.98 -3.57 -25.54
CA MET A 689 -5.39 -3.86 -24.17
C MET A 689 -4.19 -4.22 -23.30
N VAL A 690 -3.27 -5.04 -23.83
CA VAL A 690 -2.11 -5.44 -23.05
C VAL A 690 -1.09 -4.31 -22.95
N GLN A 691 -1.16 -3.31 -23.83
CA GLN A 691 -0.27 -2.17 -23.69
C GLN A 691 -0.79 -1.18 -22.67
N ASN A 692 -2.11 -0.97 -22.66
CA ASN A 692 -2.72 -0.03 -21.74
C ASN A 692 -3.21 -0.69 -20.46
N ASN A 693 -2.75 -1.91 -20.19
CA ASN A 693 -2.95 -2.63 -18.93
C ASN A 693 -4.42 -2.88 -18.62
N ARG A 694 -5.26 -2.97 -19.64
CA ARG A 694 -6.71 -3.11 -19.44
C ARG A 694 -7.03 -4.57 -19.18
N ILE A 695 -6.80 -4.98 -17.92
CA ILE A 695 -7.03 -6.38 -17.55
C ILE A 695 -8.52 -6.68 -17.45
N GLU A 696 -9.33 -5.69 -17.08
CA GLU A 696 -10.77 -5.91 -17.00
C GLU A 696 -11.38 -6.07 -18.38
N LEU A 697 -10.77 -5.46 -19.39
CA LEU A 697 -11.24 -5.67 -20.76
C LEU A 697 -10.78 -6.99 -21.31
N LEU A 698 -9.63 -7.49 -20.86
CA LEU A 698 -9.13 -8.75 -21.39
C LEU A 698 -9.89 -9.94 -20.82
N ASN A 699 -10.46 -9.80 -19.63
CA ASN A 699 -11.26 -10.86 -19.04
C ASN A 699 -12.72 -10.77 -19.45
N HIS A 700 -13.04 -9.95 -20.43
CA HIS A 700 -14.39 -9.87 -20.95
C HIS A 700 -14.72 -11.14 -21.71
N PRO A 701 -15.97 -11.61 -21.66
CA PRO A 701 -16.33 -12.84 -22.36
C PRO A 701 -16.25 -12.75 -23.87
N VAL A 702 -16.28 -11.55 -24.45
CA VAL A 702 -16.06 -11.44 -25.89
C VAL A 702 -14.59 -11.64 -26.20
N CYS A 703 -13.70 -11.07 -25.38
CA CYS A 703 -12.27 -11.20 -25.64
C CYS A 703 -11.78 -12.60 -25.30
N LYS A 704 -12.39 -13.26 -24.33
CA LYS A 704 -12.03 -14.64 -24.06
C LYS A 704 -12.48 -15.56 -25.18
N GLU A 705 -13.65 -15.29 -25.75
CA GLU A 705 -14.09 -16.07 -26.90
C GLU A 705 -13.31 -15.72 -28.14
N TYR A 706 -12.77 -14.51 -28.22
CA TYR A 706 -11.98 -14.14 -29.38
C TYR A 706 -10.64 -14.83 -29.37
N LEU A 707 -10.02 -14.93 -28.20
CA LEU A 707 -8.74 -15.65 -28.10
C LEU A 707 -8.94 -17.13 -28.32
N LEU A 708 -10.04 -17.67 -27.80
CA LEU A 708 -10.33 -19.09 -28.01
C LEU A 708 -10.66 -19.38 -29.46
N MET A 709 -11.20 -18.40 -30.17
CA MET A 709 -11.36 -18.57 -31.61
C MET A 709 -10.02 -18.58 -32.31
N LYS A 710 -9.12 -17.68 -31.92
CA LYS A 710 -7.80 -17.63 -32.51
C LYS A 710 -6.98 -18.85 -32.15
N TRP A 711 -7.25 -19.43 -30.97
CA TRP A 711 -6.56 -20.64 -30.55
C TRP A 711 -6.97 -21.82 -31.41
N LEU A 712 -8.28 -22.01 -31.61
CA LEU A 712 -8.74 -23.15 -32.39
C LEU A 712 -8.57 -22.95 -33.88
N ALA A 713 -8.41 -21.71 -34.35
CA ALA A 713 -8.19 -21.51 -35.77
C ALA A 713 -6.80 -21.94 -36.18
N TYR A 714 -5.79 -21.35 -35.58
CA TYR A 714 -4.42 -21.70 -35.88
C TYR A 714 -3.53 -21.80 -34.66
N GLY A 715 -3.96 -21.31 -33.50
CA GLY A 715 -3.07 -21.26 -32.35
C GLY A 715 -2.79 -22.63 -31.76
N PHE A 716 -3.81 -23.47 -31.64
CA PHE A 716 -3.59 -24.82 -31.17
C PHE A 716 -2.89 -25.66 -32.21
N ARG A 717 -3.14 -25.41 -33.49
CA ARG A 717 -2.52 -26.20 -34.55
C ARG A 717 -1.05 -25.88 -34.68
N ALA A 718 -0.69 -24.60 -34.64
CA ALA A 718 0.71 -24.23 -34.77
C ALA A 718 1.49 -24.60 -33.52
N HIS A 719 0.83 -24.66 -32.37
CA HIS A 719 1.50 -25.10 -31.17
C HIS A 719 1.72 -26.60 -31.18
N MET A 720 0.86 -27.35 -31.84
CA MET A 720 1.01 -28.79 -31.86
C MET A 720 2.03 -29.27 -32.87
N MET A 721 2.30 -28.53 -33.94
CA MET A 721 3.40 -28.97 -34.80
C MET A 721 4.73 -28.60 -34.18
N ASN A 722 4.79 -27.49 -33.44
CA ASN A 722 6.05 -27.07 -32.83
C ASN A 722 6.42 -27.97 -31.67
N LEU A 723 5.45 -28.28 -30.82
CA LEU A 723 5.71 -29.21 -29.73
C LEU A 723 5.80 -30.63 -30.25
N GLY A 724 5.07 -30.95 -31.32
CA GLY A 724 5.09 -32.30 -31.84
C GLY A 724 6.38 -32.64 -32.56
N SER A 725 6.97 -31.68 -33.25
CA SER A 725 8.25 -31.93 -33.91
C SER A 725 9.37 -32.03 -32.90
N TYR A 726 9.23 -31.37 -31.75
CA TYR A 726 10.24 -31.45 -30.71
C TYR A 726 10.18 -32.78 -29.98
N CYS A 727 8.97 -33.26 -29.68
CA CYS A 727 8.80 -34.56 -29.03
C CYS A 727 9.17 -35.71 -29.94
N LEU A 728 9.29 -35.47 -31.24
CA LEU A 728 9.77 -36.48 -32.17
C LEU A 728 11.25 -36.75 -31.99
N GLY A 729 11.97 -35.87 -31.30
CA GLY A 729 13.35 -36.14 -30.96
C GLY A 729 13.54 -36.25 -29.46
N LEU A 730 12.63 -35.65 -28.70
CA LEU A 730 12.72 -35.72 -27.24
C LEU A 730 12.47 -37.13 -26.74
N ILE A 731 11.35 -37.72 -27.15
CA ILE A 731 10.93 -39.04 -26.69
C ILE A 731 11.84 -40.16 -27.23
N PRO A 732 12.26 -40.21 -28.50
CA PRO A 732 13.21 -41.26 -28.89
C PRO A 732 14.59 -41.09 -28.30
N MET A 733 14.95 -39.90 -27.82
CA MET A 733 16.18 -39.77 -27.06
C MET A 733 16.06 -40.45 -25.71
N THR A 734 14.96 -40.21 -25.00
CA THR A 734 14.76 -40.77 -23.68
C THR A 734 14.58 -42.28 -23.74
N ILE A 735 13.93 -42.78 -24.79
CA ILE A 735 13.84 -44.23 -24.96
C ILE A 735 15.21 -44.81 -25.23
N LEU A 736 16.04 -44.10 -25.98
CA LEU A 736 17.36 -44.60 -26.29
C LEU A 736 18.31 -44.55 -25.11
N VAL A 737 18.07 -43.64 -24.17
CA VAL A 737 18.93 -43.53 -23.00
C VAL A 737 18.61 -44.63 -22.00
N VAL A 738 17.32 -44.80 -21.68
CA VAL A 738 16.95 -45.75 -20.63
C VAL A 738 16.97 -47.20 -21.09
N ASN A 739 17.19 -47.47 -22.37
CA ASN A 739 17.21 -48.85 -22.84
C ASN A 739 18.61 -49.34 -23.15
N ILE A 740 19.59 -48.46 -23.23
CA ILE A 740 20.97 -48.85 -23.46
C ILE A 740 21.76 -48.49 -22.21
N LYS A 741 22.64 -49.39 -21.80
CA LYS A 741 23.53 -49.09 -20.69
C LYS A 741 24.50 -47.99 -21.11
N PRO A 742 24.66 -46.92 -20.32
CA PRO A 742 25.36 -45.73 -20.80
C PRO A 742 26.87 -45.88 -20.97
N GLY A 743 27.44 -47.06 -20.81
CA GLY A 743 28.85 -47.18 -21.05
C GLY A 743 29.18 -47.32 -22.52
N MET A 744 28.73 -48.40 -23.15
CA MET A 744 29.29 -48.84 -24.41
C MET A 744 28.50 -48.33 -25.60
N ALA A 745 29.11 -48.45 -26.77
CA ALA A 745 28.57 -47.92 -28.00
C ALA A 745 27.47 -48.81 -28.54
N PHE A 746 26.85 -48.35 -29.62
CA PHE A 746 25.76 -49.11 -30.24
C PHE A 746 25.63 -48.71 -31.70
N ASN A 747 25.58 -49.71 -32.57
CA ASN A 747 25.20 -49.52 -33.97
C ASN A 747 23.69 -49.33 -34.06
N SER A 748 23.19 -49.21 -35.28
CA SER A 748 21.76 -49.35 -35.49
C SER A 748 21.33 -50.80 -35.32
N THR A 749 22.25 -51.75 -35.46
CA THR A 749 21.95 -53.16 -35.28
C THR A 749 21.84 -53.56 -33.82
N GLY A 750 22.21 -52.70 -32.90
CA GLY A 750 22.09 -52.99 -31.48
C GLY A 750 23.33 -52.58 -30.74
N ILE A 751 23.40 -53.02 -29.49
CA ILE A 751 24.50 -52.67 -28.61
C ILE A 751 25.73 -53.49 -28.99
N ILE A 752 26.90 -52.87 -28.97
CA ILE A 752 28.11 -53.53 -29.40
C ILE A 752 28.75 -54.31 -28.25
N ASN A 753 28.97 -53.63 -27.13
CA ASN A 753 29.53 -54.19 -25.89
C ASN A 753 30.89 -54.90 -26.05
N LEU A 762 27.97 -58.53 -28.64
CA LEU A 762 26.95 -57.81 -29.39
C LEU A 762 25.57 -58.35 -29.03
N ASP A 763 24.69 -57.46 -28.57
CA ASP A 763 23.40 -57.89 -28.02
C ASP A 763 22.40 -58.21 -29.12
N THR A 764 22.07 -57.21 -29.94
CA THR A 764 21.09 -57.29 -31.04
C THR A 764 19.71 -57.74 -30.57
N THR A 765 19.35 -57.44 -29.33
CA THR A 765 18.00 -57.64 -28.83
C THR A 765 17.28 -56.31 -28.79
N ASN A 766 15.95 -56.37 -29.02
CA ASN A 766 15.05 -55.25 -29.35
C ASN A 766 15.70 -54.22 -30.27
N SER A 767 16.35 -54.73 -31.32
CA SER A 767 17.11 -53.88 -32.23
C SER A 767 16.21 -53.06 -33.14
N TYR A 768 14.94 -53.43 -33.27
CA TYR A 768 14.01 -52.60 -34.03
C TYR A 768 13.70 -51.31 -33.28
N LEU A 769 13.58 -51.39 -31.95
CA LEU A 769 13.31 -50.20 -31.18
C LEU A 769 14.51 -49.26 -31.16
N ILE A 770 15.71 -49.82 -31.06
CA ILE A 770 16.91 -49.00 -31.05
C ILE A 770 17.15 -48.37 -32.42
N LYS A 771 16.74 -49.03 -33.49
CA LYS A 771 16.99 -48.50 -34.83
C LYS A 771 16.08 -47.33 -35.13
N THR A 772 14.80 -47.42 -34.78
CA THR A 772 13.88 -46.34 -35.13
C THR A 772 14.08 -45.12 -34.24
N CYS A 773 14.42 -45.32 -32.98
CA CYS A 773 14.72 -44.17 -32.12
C CYS A 773 16.02 -43.51 -32.52
N MET A 774 16.96 -44.28 -33.07
CA MET A 774 18.15 -43.71 -33.67
C MET A 774 17.80 -42.91 -34.91
N ILE A 775 16.86 -43.41 -35.70
CA ILE A 775 16.46 -42.74 -36.92
C ILE A 775 15.64 -41.50 -36.61
N LEU A 776 14.71 -41.61 -35.66
CA LEU A 776 13.81 -40.50 -35.33
C LEU A 776 14.55 -39.34 -34.70
N VAL A 777 15.62 -39.62 -33.95
CA VAL A 777 16.34 -38.52 -33.34
C VAL A 777 17.18 -37.81 -34.39
N PHE A 778 17.65 -38.57 -35.38
CA PHE A 778 18.46 -37.97 -36.44
C PHE A 778 17.63 -37.10 -37.37
N LEU A 779 16.42 -37.54 -37.70
CA LEU A 779 15.58 -36.73 -38.57
C LEU A 779 15.00 -35.54 -37.83
N SER A 780 14.75 -35.66 -36.53
CA SER A 780 14.24 -34.52 -35.79
C SER A 780 15.32 -33.48 -35.55
N SER A 781 16.58 -33.89 -35.56
CA SER A 781 17.65 -32.94 -35.41
C SER A 781 17.85 -32.13 -36.69
N ILE A 782 17.83 -32.80 -37.85
CA ILE A 782 17.97 -32.06 -39.10
C ILE A 782 16.67 -31.34 -39.46
N PHE A 783 15.53 -31.74 -38.89
CA PHE A 783 14.37 -30.88 -38.96
C PHE A 783 14.58 -29.63 -38.13
N GLY A 784 15.30 -29.76 -37.02
CA GLY A 784 15.59 -28.62 -36.18
C GLY A 784 16.61 -27.68 -36.77
N TYR A 785 17.47 -28.17 -37.66
CA TYR A 785 18.34 -27.28 -38.41
C TYR A 785 17.52 -26.39 -39.34
N CYS A 786 16.64 -27.00 -40.14
CA CYS A 786 15.81 -26.24 -41.06
C CYS A 786 14.81 -25.37 -40.30
N LYS A 787 14.42 -25.78 -39.10
CA LYS A 787 13.61 -24.91 -38.26
C LYS A 787 14.44 -23.72 -37.77
N GLU A 788 15.70 -23.95 -37.44
CA GLU A 788 16.55 -22.84 -37.01
C GLU A 788 17.04 -22.02 -38.19
N ALA A 789 17.35 -22.67 -39.32
CA ALA A 789 17.76 -21.91 -40.50
C ALA A 789 16.60 -21.11 -41.06
N GLY A 790 15.37 -21.61 -40.91
CA GLY A 790 14.21 -20.80 -41.22
C GLY A 790 13.98 -19.68 -40.25
N GLN A 791 14.49 -19.80 -39.03
CA GLN A 791 14.34 -18.72 -38.06
C GLN A 791 15.34 -17.60 -38.33
N ILE A 792 16.53 -17.91 -38.82
CA ILE A 792 17.47 -16.84 -39.14
C ILE A 792 17.12 -16.17 -40.46
N PHE A 793 16.32 -16.82 -41.30
CA PHE A 793 15.88 -16.18 -42.54
C PHE A 793 14.79 -15.16 -42.26
N GLN A 794 13.92 -15.46 -41.30
CA GLN A 794 12.86 -14.53 -40.93
C GLN A 794 13.36 -13.49 -39.94
N GLN A 795 14.29 -13.86 -39.08
CA GLN A 795 14.85 -12.94 -38.08
C GLN A 795 16.34 -12.82 -38.37
N LYS A 796 16.73 -11.73 -39.01
CA LYS A 796 18.13 -11.47 -39.31
C LYS A 796 18.66 -10.48 -38.29
N ARG A 797 19.76 -10.86 -37.62
CA ARG A 797 20.54 -10.10 -36.66
C ARG A 797 19.80 -9.80 -35.35
N ASN A 798 18.53 -10.16 -35.23
CA ASN A 798 17.85 -10.20 -33.94
C ASN A 798 17.64 -11.63 -33.48
N TYR A 799 17.90 -12.61 -34.35
CA TYR A 799 18.03 -13.99 -33.93
C TYR A 799 19.13 -14.15 -32.90
N PHE A 800 20.26 -13.50 -33.13
CA PHE A 800 21.46 -13.68 -32.33
C PHE A 800 21.42 -12.93 -31.02
N MET A 801 20.40 -12.10 -30.78
CA MET A 801 20.18 -11.50 -29.49
C MET A 801 19.22 -12.33 -28.63
N ASP A 802 19.17 -13.63 -28.85
CA ASP A 802 18.30 -14.53 -28.11
C ASP A 802 19.17 -15.66 -27.56
N ILE A 803 19.01 -15.96 -26.28
CA ILE A 803 19.80 -16.99 -25.66
C ILE A 803 19.21 -18.39 -25.87
N SER A 804 17.91 -18.48 -26.16
CA SER A 804 17.30 -19.79 -26.36
C SER A 804 17.74 -20.44 -27.66
N ASN A 805 18.23 -19.65 -28.62
CA ASN A 805 18.64 -20.23 -29.88
C ASN A 805 19.95 -20.98 -29.76
N VAL A 806 20.84 -20.57 -28.85
CA VAL A 806 22.08 -21.31 -28.72
C VAL A 806 21.85 -22.60 -27.95
N LEU A 807 20.76 -22.68 -27.19
CA LEU A 807 20.40 -23.94 -26.57
C LEU A 807 19.93 -24.94 -27.60
N GLU A 808 19.25 -24.47 -28.64
CA GLU A 808 18.81 -25.36 -29.70
C GLU A 808 19.99 -25.85 -30.53
N TRP A 809 21.00 -25.00 -30.72
CA TRP A 809 22.14 -25.41 -31.52
C TRP A 809 22.99 -26.44 -30.82
N ILE A 810 23.06 -26.39 -29.49
CA ILE A 810 23.71 -27.47 -28.75
C ILE A 810 22.90 -28.75 -28.87
N ILE A 811 21.58 -28.61 -28.84
CA ILE A 811 20.65 -29.72 -28.85
C ILE A 811 20.71 -30.51 -30.15
N TYR A 812 20.86 -29.83 -31.28
CA TYR A 812 20.70 -30.56 -32.52
C TYR A 812 22.01 -31.19 -32.98
N THR A 813 23.16 -30.57 -32.71
CA THR A 813 24.42 -31.22 -33.04
C THR A 813 24.68 -32.42 -32.14
N THR A 814 24.53 -32.23 -30.83
CA THR A 814 24.78 -33.32 -29.90
C THR A 814 23.77 -34.43 -30.01
N GLY A 815 22.59 -34.14 -30.57
CA GLY A 815 21.69 -35.22 -30.96
C GLY A 815 22.29 -36.08 -32.05
N ILE A 816 22.92 -35.45 -33.05
CA ILE A 816 23.46 -36.18 -34.19
C ILE A 816 24.68 -36.99 -33.78
N ILE A 817 25.55 -36.41 -32.96
CA ILE A 817 26.74 -37.14 -32.52
C ILE A 817 26.37 -38.30 -31.60
N PHE A 818 25.22 -38.23 -30.94
CA PHE A 818 24.76 -39.37 -30.19
C PHE A 818 24.34 -40.52 -31.10
N VAL A 819 23.81 -40.21 -32.28
CA VAL A 819 23.31 -41.24 -33.19
C VAL A 819 24.10 -41.28 -34.48
N LEU A 820 25.29 -40.69 -34.48
CA LEU A 820 26.19 -40.82 -35.61
C LEU A 820 26.58 -42.24 -36.02
N PRO A 821 26.56 -43.29 -35.13
CA PRO A 821 26.75 -44.66 -35.65
C PRO A 821 25.69 -45.21 -36.60
N LEU A 822 24.69 -44.43 -36.97
CA LEU A 822 23.87 -44.79 -38.13
C LEU A 822 24.72 -44.90 -39.38
N PHE A 823 25.68 -43.99 -39.55
CA PHE A 823 26.52 -43.96 -40.75
C PHE A 823 27.97 -44.29 -40.45
N VAL A 824 28.61 -43.56 -39.55
CA VAL A 824 30.03 -43.71 -39.29
C VAL A 824 30.24 -44.02 -37.81
N GLU A 825 31.10 -44.98 -37.51
CA GLU A 825 31.33 -45.35 -36.13
C GLU A 825 32.15 -44.29 -35.42
N ILE A 826 31.96 -44.21 -34.11
CA ILE A 826 32.65 -43.26 -33.24
C ILE A 826 33.01 -43.97 -31.96
N PRO A 827 33.97 -43.43 -31.19
CA PRO A 827 34.26 -44.01 -29.87
C PRO A 827 33.06 -43.91 -28.94
N ALA A 828 32.94 -44.93 -28.08
CA ALA A 828 31.84 -44.99 -27.14
C ALA A 828 31.91 -43.88 -26.11
N HIS A 829 33.11 -43.41 -25.80
CA HIS A 829 33.26 -42.32 -24.84
C HIS A 829 32.73 -41.02 -25.43
N LEU A 830 32.91 -40.80 -26.72
CA LEU A 830 32.42 -39.58 -27.35
C LEU A 830 30.91 -39.62 -27.52
N GLN A 831 30.38 -40.80 -27.81
CA GLN A 831 28.96 -40.95 -28.09
C GLN A 831 28.12 -40.66 -26.86
N TRP A 832 28.51 -41.21 -25.71
CA TRP A 832 27.75 -40.98 -24.50
C TRP A 832 28.08 -39.65 -23.85
N GLN A 833 29.21 -39.05 -24.20
CA GLN A 833 29.47 -37.68 -23.75
C GLN A 833 28.52 -36.71 -24.41
N CYS A 834 28.29 -36.87 -25.71
CA CYS A 834 27.29 -36.06 -26.38
C CYS A 834 25.88 -36.51 -26.04
N GLY A 835 25.71 -37.75 -25.59
CA GLY A 835 24.41 -38.19 -25.16
C GLY A 835 23.98 -37.55 -23.86
N ALA A 836 24.93 -37.38 -22.93
CA ALA A 836 24.61 -36.74 -21.66
C ALA A 836 24.32 -35.26 -21.84
N ILE A 837 24.96 -34.62 -22.80
CA ILE A 837 24.67 -33.21 -23.08
C ILE A 837 23.30 -33.08 -23.73
N ALA A 838 22.96 -34.01 -24.62
CA ALA A 838 21.72 -33.89 -25.37
C ALA A 838 20.51 -34.16 -24.50
N VAL A 839 20.55 -35.22 -23.68
CA VAL A 839 19.40 -35.56 -22.88
C VAL A 839 19.25 -34.60 -21.72
N TYR A 840 20.33 -33.92 -21.33
CA TYR A 840 20.16 -32.88 -20.33
C TYR A 840 19.51 -31.66 -20.94
N PHE A 841 19.97 -31.26 -22.12
CA PHE A 841 19.48 -30.02 -22.69
C PHE A 841 18.14 -30.17 -23.39
N TYR A 842 17.73 -31.39 -23.73
CA TYR A 842 16.38 -31.57 -24.29
C TYR A 842 15.32 -31.18 -23.27
N TRP A 843 15.40 -31.74 -22.09
CA TRP A 843 14.39 -31.46 -21.08
C TRP A 843 14.52 -30.07 -20.50
N MET A 844 15.71 -29.47 -20.55
CA MET A 844 15.82 -28.07 -20.15
C MET A 844 15.16 -27.16 -21.16
N ASN A 845 15.22 -27.52 -22.43
CA ASN A 845 14.59 -26.69 -23.44
C ASN A 845 13.11 -26.98 -23.57
N PHE A 846 12.70 -28.19 -23.23
CA PHE A 846 11.28 -28.49 -23.20
C PHE A 846 10.57 -27.73 -22.11
N LEU A 847 11.30 -27.28 -21.10
CA LEU A 847 10.78 -26.35 -20.12
C LEU A 847 10.39 -25.03 -20.76
N LEU A 848 11.11 -24.62 -21.80
CA LEU A 848 10.78 -23.38 -22.49
C LEU A 848 9.57 -23.53 -23.40
N TYR A 849 9.25 -24.73 -23.84
CA TYR A 849 8.12 -24.87 -24.75
C TYR A 849 6.78 -24.86 -24.03
N LEU A 850 6.76 -25.02 -22.72
CA LEU A 850 5.54 -24.88 -21.95
C LEU A 850 5.40 -23.49 -21.36
N GLN A 851 6.32 -22.59 -21.68
CA GLN A 851 6.12 -21.18 -21.37
C GLN A 851 4.95 -20.61 -22.15
N ARG A 852 4.66 -21.17 -23.31
CA ARG A 852 3.51 -20.81 -24.12
C ARG A 852 2.27 -21.59 -23.73
N PHE A 853 1.99 -21.58 -22.43
CA PHE A 853 0.78 -22.14 -21.87
C PHE A 853 0.27 -21.16 -20.83
N GLU A 854 -0.71 -21.58 -20.07
CA GLU A 854 -1.30 -20.70 -19.07
C GLU A 854 -1.26 -21.27 -17.67
N ASN A 855 -1.51 -22.56 -17.50
CA ASN A 855 -1.58 -23.13 -16.16
C ASN A 855 -0.21 -23.32 -15.52
N CYS A 856 0.83 -23.56 -16.31
CA CYS A 856 2.16 -23.75 -15.78
C CYS A 856 3.17 -22.78 -16.36
N GLY A 857 2.75 -21.93 -17.30
CA GLY A 857 3.68 -21.03 -17.94
C GLY A 857 4.13 -19.88 -17.08
N ILE A 858 3.41 -19.58 -16.00
CA ILE A 858 3.82 -18.48 -15.15
C ILE A 858 5.01 -18.87 -14.28
N PHE A 859 5.22 -20.16 -14.04
CA PHE A 859 6.38 -20.57 -13.26
C PHE A 859 7.66 -20.48 -14.06
N ILE A 860 7.57 -20.57 -15.39
CA ILE A 860 8.77 -20.40 -16.20
C ILE A 860 9.17 -18.93 -16.23
N VAL A 861 8.19 -18.03 -16.18
CA VAL A 861 8.51 -16.61 -16.06
C VAL A 861 9.11 -16.31 -14.71
N MET A 862 8.63 -16.99 -13.66
CA MET A 862 9.22 -16.83 -12.34
C MET A 862 10.61 -17.45 -12.30
N LEU A 863 10.79 -18.57 -13.00
CA LEU A 863 12.10 -19.20 -13.04
C LEU A 863 13.10 -18.36 -13.83
N GLU A 864 12.64 -17.64 -14.84
CA GLU A 864 13.56 -16.84 -15.63
C GLU A 864 13.98 -15.58 -14.90
N VAL A 865 13.07 -14.98 -14.13
CA VAL A 865 13.42 -13.73 -13.47
C VAL A 865 14.29 -13.99 -12.25
N ILE A 866 14.16 -15.16 -11.62
CA ILE A 866 15.06 -15.51 -10.53
C ILE A 866 16.44 -15.85 -11.08
N LEU A 867 16.48 -16.56 -12.20
CA LEU A 867 17.74 -16.90 -12.83
C LEU A 867 18.46 -15.68 -13.38
N LYS A 868 17.71 -14.66 -13.81
CA LYS A 868 18.35 -13.47 -14.36
C LYS A 868 19.01 -12.65 -13.27
N THR A 869 18.40 -12.57 -12.10
CA THR A 869 19.00 -11.82 -11.00
C THR A 869 19.99 -12.63 -10.21
N LEU A 870 20.15 -13.91 -10.52
CA LEU A 870 21.27 -14.66 -9.98
C LEU A 870 22.49 -14.52 -10.86
N LEU A 871 22.32 -14.46 -12.17
CA LEU A 871 23.44 -14.18 -13.06
C LEU A 871 23.82 -12.72 -13.07
N ARG A 872 23.00 -11.84 -12.51
CA ARG A 872 23.41 -10.47 -12.34
C ARG A 872 24.31 -10.28 -11.14
N SER A 873 24.23 -11.19 -10.17
CA SER A 873 25.08 -11.15 -8.99
C SER A 873 26.11 -12.27 -9.01
N THR A 874 26.55 -12.67 -10.21
CA THR A 874 27.45 -13.81 -10.28
C THR A 874 28.87 -13.44 -9.88
N VAL A 875 29.25 -12.17 -10.02
CA VAL A 875 30.61 -11.77 -9.68
C VAL A 875 30.79 -11.72 -8.17
N VAL A 876 29.72 -11.49 -7.42
CA VAL A 876 29.78 -11.56 -5.97
C VAL A 876 29.97 -13.00 -5.53
N PHE A 877 29.43 -13.95 -6.28
CA PHE A 877 29.68 -15.35 -5.98
C PHE A 877 31.12 -15.74 -6.32
N ILE A 878 31.65 -15.20 -7.42
CA ILE A 878 33.01 -15.54 -7.84
C ILE A 878 34.02 -15.04 -6.82
N PHE A 879 33.81 -13.83 -6.31
CA PHE A 879 34.78 -13.28 -5.39
C PHE A 879 34.63 -13.84 -3.99
N LEU A 880 33.44 -14.31 -3.63
CA LEU A 880 33.29 -14.99 -2.34
C LEU A 880 33.88 -16.38 -2.40
N LEU A 881 33.67 -17.10 -3.49
CA LEU A 881 34.28 -18.41 -3.63
C LEU A 881 35.77 -18.34 -3.86
N LEU A 882 36.27 -17.24 -4.40
CA LEU A 882 37.71 -17.10 -4.48
C LEU A 882 38.32 -16.74 -3.13
N ALA A 883 37.59 -15.97 -2.32
CA ALA A 883 38.08 -15.63 -0.99
C ALA A 883 38.12 -16.85 -0.10
N PHE A 884 37.00 -17.57 -0.02
CA PHE A 884 36.95 -18.71 0.87
C PHE A 884 37.63 -19.92 0.28
N GLY A 885 37.60 -20.08 -1.04
CA GLY A 885 38.18 -21.27 -1.63
C GLY A 885 39.69 -21.26 -1.61
N LEU A 886 40.29 -20.10 -1.85
CA LEU A 886 41.75 -20.05 -1.82
C LEU A 886 42.28 -20.05 -0.39
N SER A 887 41.51 -19.54 0.56
CA SER A 887 41.95 -19.63 1.94
C SER A 887 41.81 -21.05 2.47
N PHE A 888 40.75 -21.75 2.07
CA PHE A 888 40.61 -23.14 2.46
C PHE A 888 41.63 -24.02 1.76
N TYR A 889 42.10 -23.61 0.59
CA TYR A 889 43.16 -24.34 -0.08
C TYR A 889 44.47 -24.22 0.66
N ILE A 890 44.69 -23.09 1.34
CA ILE A 890 45.92 -22.92 2.10
C ILE A 890 45.82 -23.62 3.44
N LEU A 891 44.71 -23.42 4.14
CA LEU A 891 44.57 -23.94 5.50
C LEU A 891 44.38 -25.44 5.49
N LEU A 892 43.37 -25.93 4.80
CA LEU A 892 43.08 -27.36 4.80
C LEU A 892 43.74 -28.06 3.63
N ASN A 893 45.03 -27.82 3.43
CA ASN A 893 45.69 -28.29 2.22
C ASN A 893 45.95 -29.79 2.24
N LEU A 894 46.12 -30.37 3.42
CA LEU A 894 46.45 -31.78 3.51
C LEU A 894 45.26 -32.69 3.27
N GLN A 895 44.05 -32.14 3.23
CA GLN A 895 42.86 -32.95 3.01
C GLN A 895 42.54 -33.06 1.54
N ASP A 896 42.11 -34.25 1.13
CA ASP A 896 41.79 -34.48 -0.27
C ASP A 896 40.69 -33.60 -0.88
N PRO A 897 39.67 -33.10 -0.15
CA PRO A 897 38.79 -32.11 -0.78
C PRO A 897 39.45 -30.81 -1.14
N PHE A 898 40.56 -30.46 -0.53
CA PHE A 898 41.25 -29.20 -0.81
C PHE A 898 42.68 -29.57 -1.17
N SER A 899 42.89 -29.98 -2.40
CA SER A 899 44.22 -30.39 -2.82
C SER A 899 44.76 -29.55 -3.96
N SER A 900 43.91 -29.19 -4.91
CA SER A 900 44.21 -28.24 -5.95
C SER A 900 43.36 -27.01 -5.68
N PRO A 901 43.71 -25.86 -6.25
CA PRO A 901 42.82 -24.70 -6.12
C PRO A 901 41.49 -24.89 -6.80
N LEU A 902 41.44 -25.68 -7.86
CA LEU A 902 40.21 -25.84 -8.60
C LEU A 902 39.32 -26.91 -7.98
N LEU A 903 39.82 -27.68 -7.02
CA LEU A 903 38.97 -28.52 -6.21
C LEU A 903 38.59 -27.86 -4.90
N SER A 904 39.29 -26.79 -4.53
CA SER A 904 38.91 -26.05 -3.35
C SER A 904 37.71 -25.16 -3.61
N ILE A 905 37.58 -24.66 -4.84
CA ILE A 905 36.48 -23.78 -5.15
C ILE A 905 35.18 -24.57 -5.30
N ILE A 906 35.27 -25.75 -5.91
CA ILE A 906 34.08 -26.58 -6.09
C ILE A 906 33.58 -27.09 -4.75
N GLN A 907 34.49 -27.42 -3.84
CA GLN A 907 34.07 -27.84 -2.51
C GLN A 907 33.47 -26.69 -1.73
N THR A 908 34.06 -25.51 -1.86
CA THR A 908 33.47 -24.32 -1.26
C THR A 908 32.13 -23.98 -1.91
N PHE A 909 32.00 -24.25 -3.20
CA PHE A 909 30.70 -24.11 -3.84
C PHE A 909 29.73 -25.18 -3.36
N SER A 910 30.24 -26.34 -2.95
CA SER A 910 29.36 -27.38 -2.44
C SER A 910 28.98 -27.12 -0.99
N MET A 911 29.84 -26.44 -0.23
CA MET A 911 29.54 -26.07 1.14
C MET A 911 28.63 -24.85 1.22
N MET A 912 28.24 -24.28 0.09
CA MET A 912 27.44 -23.08 0.04
C MET A 912 26.05 -23.29 0.62
N LEU A 913 25.48 -24.47 0.44
CA LEU A 913 24.11 -24.70 0.87
C LEU A 913 24.00 -24.99 2.36
N GLY A 914 25.11 -25.13 3.06
CA GLY A 914 25.10 -25.56 4.42
C GLY A 914 25.61 -26.96 4.62
N ASP A 915 26.29 -27.52 3.63
CA ASP A 915 26.86 -28.86 3.71
C ASP A 915 28.33 -28.79 4.09
N ILE A 916 28.67 -27.83 4.96
CA ILE A 916 29.95 -27.85 5.63
C ILE A 916 30.03 -29.12 6.44
N ASN A 917 31.10 -29.89 6.24
CA ASN A 917 31.17 -31.18 6.89
C ASN A 917 31.51 -31.02 8.37
N TYR A 918 32.60 -30.32 8.66
CA TYR A 918 33.09 -29.88 9.97
C TYR A 918 33.60 -31.03 10.84
N ARG A 919 33.20 -32.25 10.55
CA ARG A 919 33.70 -33.36 11.34
C ARG A 919 34.83 -34.07 10.63
N GLU A 920 34.61 -34.46 9.38
CA GLU A 920 35.69 -35.05 8.61
C GLU A 920 36.63 -34.01 8.05
N SER A 921 36.31 -32.73 8.16
CA SER A 921 37.15 -31.68 7.61
C SER A 921 37.75 -30.77 8.66
N PHE A 922 37.07 -30.51 9.76
CA PHE A 922 37.57 -29.58 10.74
C PHE A 922 37.82 -30.21 12.10
N LEU A 923 36.88 -30.99 12.63
CA LEU A 923 37.01 -31.46 14.00
C LEU A 923 38.01 -32.59 14.11
N GLU A 924 37.77 -33.69 13.39
CA GLU A 924 38.66 -34.84 13.46
C GLU A 924 40.07 -34.59 12.91
N PRO A 925 40.30 -33.70 11.94
CA PRO A 925 41.68 -33.27 11.74
C PRO A 925 42.27 -32.51 12.91
N TYR A 926 41.46 -31.74 13.63
CA TYR A 926 41.99 -30.97 14.75
C TYR A 926 42.32 -31.86 15.93
N LEU A 927 41.52 -32.89 16.16
CA LEU A 927 41.80 -33.79 17.26
C LEU A 927 42.92 -34.77 16.95
N ARG A 928 43.29 -34.92 15.68
CA ARG A 928 44.44 -35.72 15.31
C ARG A 928 45.68 -34.87 15.07
N ASN A 929 45.61 -33.57 15.40
CA ASN A 929 46.68 -32.60 15.16
C ASN A 929 47.09 -32.54 13.70
N GLU A 930 46.11 -32.68 12.81
CA GLU A 930 46.37 -32.64 11.39
C GLU A 930 46.06 -31.28 10.78
N LEU A 931 45.57 -30.34 11.57
CA LEU A 931 45.37 -28.98 11.09
C LEU A 931 46.67 -28.21 11.24
N ALA A 932 47.13 -27.62 10.14
CA ALA A 932 48.36 -26.84 10.19
C ALA A 932 48.13 -25.54 10.95
N HIS A 933 47.07 -24.81 10.62
CA HIS A 933 46.70 -23.59 11.30
C HIS A 933 45.34 -23.81 11.94
N PRO A 934 45.29 -24.28 13.18
CA PRO A 934 44.03 -24.65 13.80
C PRO A 934 43.14 -23.46 14.11
N VAL A 935 43.73 -22.41 14.66
CA VAL A 935 42.93 -21.27 15.08
C VAL A 935 42.43 -20.48 13.88
N LEU A 936 43.17 -20.47 12.77
CA LEU A 936 42.67 -19.83 11.57
C LEU A 936 41.62 -20.65 10.87
N SER A 937 41.72 -21.98 10.96
CA SER A 937 40.77 -22.83 10.26
C SER A 937 39.39 -22.74 10.88
N PHE A 938 39.33 -22.69 12.21
CA PHE A 938 38.03 -22.52 12.86
C PHE A 938 37.52 -21.10 12.68
N ALA A 939 38.42 -20.12 12.60
CA ALA A 939 37.99 -18.76 12.33
C ALA A 939 37.48 -18.62 10.90
N GLN A 940 38.11 -19.33 9.96
CA GLN A 940 37.59 -19.33 8.60
C GLN A 940 36.30 -20.11 8.50
N LEU A 941 36.13 -21.13 9.33
CA LEU A 941 34.90 -21.90 9.36
C LEU A 941 33.72 -21.06 9.84
N VAL A 942 33.93 -20.30 10.91
CA VAL A 942 32.86 -19.47 11.46
C VAL A 942 32.53 -18.34 10.50
N SER A 943 33.55 -17.73 9.90
CA SER A 943 33.29 -16.64 8.98
C SER A 943 32.71 -17.13 7.67
N PHE A 944 33.00 -18.37 7.29
CA PHE A 944 32.32 -18.93 6.12
C PHE A 944 30.85 -19.16 6.41
N THR A 945 30.56 -19.80 7.54
CA THR A 945 29.20 -20.18 7.90
C THR A 945 28.31 -18.97 8.09
N ILE A 946 28.87 -17.86 8.58
CA ILE A 946 28.10 -16.64 8.69
C ILE A 946 27.82 -16.06 7.31
N PHE A 947 28.84 -16.03 6.45
CA PHE A 947 28.71 -15.31 5.18
C PHE A 947 27.90 -16.09 4.16
N VAL A 948 28.36 -17.27 3.78
CA VAL A 948 27.81 -17.89 2.58
C VAL A 948 26.50 -18.66 2.84
N PRO A 949 26.38 -19.59 3.81
CA PRO A 949 25.09 -20.27 3.95
C PRO A 949 24.07 -19.44 4.67
N ILE A 950 24.50 -18.54 5.55
CA ILE A 950 23.54 -17.74 6.28
C ILE A 950 23.26 -16.44 5.54
N VAL A 951 24.27 -15.60 5.35
CA VAL A 951 23.99 -14.25 4.84
C VAL A 951 23.75 -14.28 3.34
N LEU A 952 24.61 -14.98 2.60
CA LEU A 952 24.48 -14.96 1.15
C LEU A 952 23.26 -15.72 0.67
N MET A 953 22.94 -16.84 1.32
CA MET A 953 21.76 -17.59 0.90
C MET A 953 20.48 -16.93 1.32
N ASN A 954 20.49 -16.17 2.42
CA ASN A 954 19.31 -15.40 2.76
C ASN A 954 19.15 -14.20 1.85
N LEU A 955 20.24 -13.73 1.25
CA LEU A 955 20.12 -12.68 0.27
C LEU A 955 19.44 -13.18 -0.99
N LEU A 956 19.75 -14.41 -1.41
CA LEU A 956 19.11 -14.94 -2.60
C LEU A 956 17.65 -15.28 -2.34
N ILE A 957 17.31 -15.63 -1.11
CA ILE A 957 15.91 -15.88 -0.77
C ILE A 957 15.13 -14.58 -0.82
N GLY A 958 15.64 -13.54 -0.16
CA GLY A 958 14.97 -12.26 -0.16
C GLY A 958 14.95 -11.58 -1.49
N LEU A 959 15.90 -11.89 -2.37
CA LEU A 959 15.79 -11.44 -3.75
C LEU A 959 14.66 -12.17 -4.46
N ALA A 960 14.52 -13.47 -4.19
CA ALA A 960 13.51 -14.25 -4.89
C ALA A 960 12.10 -13.95 -4.40
N VAL A 961 11.97 -13.49 -3.15
CA VAL A 961 10.64 -13.15 -2.65
C VAL A 961 10.13 -11.89 -3.31
N GLY A 962 11.00 -10.88 -3.46
CA GLY A 962 10.59 -9.68 -4.16
C GLY A 962 10.41 -9.88 -5.64
N ASP A 963 11.16 -10.81 -6.24
CA ASP A 963 11.04 -11.07 -7.67
C ASP A 963 9.77 -11.84 -8.00
N ILE A 964 9.31 -12.69 -7.09
CA ILE A 964 8.06 -13.38 -7.34
C ILE A 964 6.88 -12.46 -7.06
N ALA A 965 7.07 -11.50 -6.15
CA ALA A 965 5.98 -10.62 -5.73
C ALA A 965 5.53 -9.70 -6.86
N ASP A 966 6.47 -9.11 -7.59
CA ASP A 966 6.04 -8.26 -8.69
C ASP A 966 5.73 -9.04 -9.96
N VAL A 967 6.07 -10.32 -10.02
CA VAL A 967 5.57 -11.13 -11.11
C VAL A 967 4.13 -11.52 -10.84
N GLN A 968 3.83 -11.93 -9.60
CA GLN A 968 2.46 -12.24 -9.24
C GLN A 968 1.56 -11.02 -9.17
N LYS A 969 2.14 -9.82 -9.05
CA LYS A 969 1.32 -8.62 -9.11
C LYS A 969 0.77 -8.41 -10.52
N HIS A 970 1.53 -8.80 -11.54
CA HIS A 970 1.09 -8.67 -12.91
C HIS A 970 0.84 -10.02 -13.57
N ALA A 971 0.53 -11.05 -12.77
CA ALA A 971 0.48 -12.40 -13.31
C ALA A 971 -0.77 -12.64 -14.15
N SER A 972 -1.90 -12.08 -13.73
CA SER A 972 -3.14 -12.27 -14.47
C SER A 972 -3.10 -11.58 -15.82
N LEU A 973 -2.37 -10.48 -15.92
CA LEU A 973 -2.20 -9.83 -17.22
C LEU A 973 -1.10 -10.50 -18.02
N LYS A 974 -0.14 -11.14 -17.36
CA LYS A 974 1.01 -11.70 -18.06
C LYS A 974 0.62 -12.90 -18.90
N ARG A 975 -0.26 -13.76 -18.37
CA ARG A 975 -0.64 -14.94 -19.13
C ARG A 975 -1.51 -14.59 -20.32
N ILE A 976 -2.31 -13.54 -20.20
CA ILE A 976 -3.12 -13.11 -21.34
C ILE A 976 -2.25 -12.40 -22.36
N ALA A 977 -1.28 -11.62 -21.90
CA ALA A 977 -0.38 -10.94 -22.83
C ALA A 977 0.55 -11.92 -23.52
N MET A 978 0.85 -13.04 -22.88
CA MET A 978 1.64 -14.07 -23.54
C MET A 978 0.82 -14.79 -24.60
N GLN A 979 -0.49 -14.94 -24.38
CA GLN A 979 -1.33 -15.55 -25.40
C GLN A 979 -1.54 -14.61 -26.57
N VAL A 980 -1.63 -13.31 -26.29
CA VAL A 980 -1.84 -12.33 -27.35
C VAL A 980 -0.58 -12.21 -28.21
N GLU A 981 0.58 -12.13 -27.56
CA GLU A 981 1.85 -12.02 -28.27
C GLU A 981 2.17 -13.30 -29.03
N LEU A 982 1.64 -14.44 -28.61
CA LEU A 982 1.76 -15.68 -29.37
C LEU A 982 1.03 -15.56 -30.70
N HIS A 983 -0.26 -15.25 -30.64
CA HIS A 983 -1.08 -15.20 -31.84
C HIS A 983 -0.71 -14.03 -32.74
N THR A 984 -0.20 -12.94 -32.15
CA THR A 984 0.24 -11.81 -32.94
C THR A 984 1.48 -12.17 -33.75
N SER A 985 2.43 -12.86 -33.15
CA SER A 985 3.61 -13.26 -33.87
C SER A 985 3.33 -14.42 -34.82
N LEU A 986 2.29 -15.19 -34.55
CA LEU A 986 1.98 -16.32 -35.42
C LEU A 986 1.41 -15.85 -36.75
N GLU A 987 0.35 -15.05 -36.70
CA GLU A 987 -0.27 -14.61 -37.94
C GLU A 987 0.44 -13.43 -38.58
N LYS A 988 1.51 -12.94 -37.98
CA LYS A 988 2.37 -12.00 -38.69
C LYS A 988 3.18 -12.71 -39.77
N LYS A 989 3.45 -14.01 -39.58
CA LYS A 989 4.19 -14.78 -40.56
C LYS A 989 3.32 -15.75 -41.34
N LEU A 990 2.05 -15.86 -41.00
CA LEU A 990 1.15 -16.71 -41.75
C LEU A 990 0.74 -16.03 -43.05
N PRO A 991 0.43 -16.80 -44.09
CA PRO A 991 -0.03 -16.19 -45.34
C PRO A 991 -1.45 -15.67 -45.20
N LEU A 992 -1.76 -14.66 -46.02
CA LEU A 992 -3.02 -13.96 -45.88
C LEU A 992 -4.19 -14.79 -46.36
N TRP A 993 -3.99 -15.63 -47.38
CA TRP A 993 -5.07 -16.49 -47.85
C TRP A 993 -5.42 -17.55 -46.83
N PHE A 994 -4.44 -18.00 -46.05
CA PHE A 994 -4.72 -18.96 -45.00
C PHE A 994 -5.48 -18.29 -43.85
N LEU A 995 -5.13 -17.04 -43.55
CA LEU A 995 -5.82 -16.32 -42.49
C LEU A 995 -7.25 -16.00 -42.89
N ARG A 996 -7.52 -15.82 -44.18
CA ARG A 996 -8.88 -15.64 -44.64
C ARG A 996 -9.70 -16.90 -44.47
N LYS A 997 -9.06 -18.06 -44.56
CA LYS A 997 -9.78 -19.32 -44.47
C LYS A 997 -10.16 -19.65 -43.04
N VAL A 998 -9.22 -19.47 -42.10
CA VAL A 998 -9.48 -19.94 -40.75
C VAL A 998 -10.20 -18.93 -39.87
N ASP A 999 -10.15 -17.64 -40.21
CA ASP A 999 -10.85 -16.65 -39.42
C ASP A 999 -12.33 -16.71 -39.70
N GLN A 1000 -13.13 -16.57 -38.64
CA GLN A 1000 -14.57 -16.62 -38.78
C GLN A 1000 -15.32 -15.45 -38.17
N LYS A 1001 -14.68 -14.66 -37.30
CA LYS A 1001 -15.08 -13.31 -36.89
C LYS A 1001 -16.40 -13.20 -36.13
N SER A 1002 -17.10 -14.32 -35.95
CA SER A 1002 -18.34 -14.36 -35.19
C SER A 1002 -18.61 -15.81 -34.82
N THR A 1003 -18.60 -16.12 -33.54
CA THR A 1003 -18.86 -17.49 -33.08
C THR A 1003 -20.16 -17.55 -32.30
N ILE A 1004 -20.85 -18.67 -32.42
CA ILE A 1004 -22.11 -18.93 -31.73
C ILE A 1004 -21.84 -20.01 -30.70
N VAL A 1005 -22.15 -19.72 -29.45
CA VAL A 1005 -21.88 -20.62 -28.34
C VAL A 1005 -23.20 -21.02 -27.72
N TYR A 1006 -23.47 -22.33 -27.68
CA TYR A 1006 -24.66 -22.86 -27.04
C TYR A 1006 -24.28 -23.25 -25.62
N PRO A 1007 -24.80 -22.55 -24.59
CA PRO A 1007 -24.35 -22.86 -23.22
C PRO A 1007 -24.92 -24.16 -22.67
N ASN A 1008 -26.19 -24.45 -22.93
CA ASN A 1008 -26.86 -25.59 -22.32
C ASN A 1008 -27.08 -26.75 -23.29
N LYS A 1009 -26.72 -26.61 -24.56
CA LYS A 1009 -26.96 -27.69 -25.51
C LYS A 1009 -25.96 -28.84 -25.39
N PRO A 1010 -24.62 -28.62 -25.33
CA PRO A 1010 -23.85 -29.85 -25.16
C PRO A 1010 -23.68 -30.22 -23.69
N SER A 1039 -7.74 1.14 -9.16
CA SER A 1039 -9.04 1.00 -8.51
C SER A 1039 -9.25 2.13 -7.52
N LEU A 1040 -8.15 2.76 -7.13
CA LEU A 1040 -8.20 3.89 -6.20
C LEU A 1040 -7.61 5.16 -6.79
N GLU A 1041 -6.52 5.05 -7.55
CA GLU A 1041 -5.98 6.22 -8.24
C GLU A 1041 -6.91 6.69 -9.35
N MET A 1042 -7.71 5.77 -9.91
CA MET A 1042 -8.72 6.18 -10.87
C MET A 1042 -9.85 6.95 -10.19
N GLU A 1043 -10.09 6.67 -8.91
CA GLU A 1043 -11.10 7.42 -8.17
C GLU A 1043 -10.63 8.83 -7.87
N ILE A 1044 -9.32 9.01 -7.62
CA ILE A 1044 -8.80 10.34 -7.35
C ILE A 1044 -8.78 11.17 -8.62
N LEU A 1045 -8.44 10.57 -9.76
CA LEU A 1045 -8.41 11.32 -11.01
C LEU A 1045 -9.81 11.65 -11.50
N LYS A 1046 -10.80 10.83 -11.15
CA LYS A 1046 -12.17 11.23 -11.42
C LYS A 1046 -12.59 12.37 -10.52
N GLN A 1047 -12.09 12.40 -9.29
CA GLN A 1047 -12.45 13.46 -8.36
C GLN A 1047 -11.73 14.77 -8.67
N LYS A 1048 -10.54 14.69 -9.25
CA LYS A 1048 -9.83 15.91 -9.62
C LYS A 1048 -10.51 16.61 -10.78
N TYR A 1049 -11.00 15.84 -11.75
CA TYR A 1049 -11.73 16.45 -12.84
C TYR A 1049 -13.10 16.95 -12.39
N ARG A 1050 -13.70 16.27 -11.41
CA ARG A 1050 -14.96 16.76 -10.86
C ARG A 1050 -14.76 17.98 -9.96
N LEU A 1051 -13.53 18.27 -9.56
CA LEU A 1051 -13.25 19.50 -8.85
C LEU A 1051 -12.74 20.59 -9.77
N LYS A 1052 -12.12 20.23 -10.89
CA LYS A 1052 -11.57 21.22 -11.79
C LYS A 1052 -12.66 21.98 -12.52
N ASP A 1053 -13.77 21.32 -12.84
CA ASP A 1053 -14.87 22.04 -13.42
C ASP A 1053 -15.72 22.74 -12.37
N LEU A 1054 -15.60 22.31 -11.12
CA LEU A 1054 -16.33 22.97 -10.04
C LEU A 1054 -15.74 24.34 -9.77
N THR A 1055 -14.42 24.43 -9.71
CA THR A 1055 -13.80 25.74 -9.57
C THR A 1055 -13.89 26.55 -10.85
N PHE A 1056 -14.10 25.90 -12.00
CA PHE A 1056 -14.35 26.67 -13.20
C PHE A 1056 -15.74 27.27 -13.19
N LEU A 1057 -16.70 26.54 -12.63
CA LEU A 1057 -18.05 27.07 -12.52
C LEU A 1057 -18.12 28.18 -11.49
N LEU A 1058 -17.37 28.05 -10.39
CA LEU A 1058 -17.42 29.04 -9.33
C LEU A 1058 -16.79 30.35 -9.76
N GLU A 1059 -15.73 30.29 -10.57
CA GLU A 1059 -15.16 31.51 -11.11
C GLU A 1059 -16.09 32.15 -12.11
N LYS A 1060 -16.79 31.35 -12.92
CA LYS A 1060 -17.81 31.88 -13.80
C LYS A 1060 -18.98 32.44 -13.00
N GLN A 1061 -19.27 31.84 -11.86
CA GLN A 1061 -20.31 32.34 -10.98
C GLN A 1061 -19.90 33.64 -10.32
N HIS A 1062 -18.61 33.80 -10.04
CA HIS A 1062 -18.14 34.96 -9.30
C HIS A 1062 -18.22 36.23 -10.12
N GLU A 1063 -17.99 36.14 -11.43
CA GLU A 1063 -18.09 37.32 -12.27
C GLU A 1063 -19.53 37.74 -12.49
N LEU A 1064 -20.47 36.81 -12.34
CA LEU A 1064 -21.88 37.18 -12.42
C LEU A 1064 -22.29 37.99 -11.21
N ILE A 1065 -21.85 37.58 -10.03
CA ILE A 1065 -22.19 38.28 -8.81
C ILE A 1065 -21.48 39.64 -8.77
N LYS A 1066 -20.27 39.69 -9.32
CA LYS A 1066 -19.59 40.97 -9.50
C LYS A 1066 -20.34 41.85 -10.48
N LEU A 1067 -21.05 41.26 -11.43
CA LEU A 1067 -21.84 42.05 -12.36
C LEU A 1067 -23.11 42.55 -11.70
N ILE A 1068 -23.66 41.79 -10.75
CA ILE A 1068 -24.89 42.20 -10.07
C ILE A 1068 -24.66 43.47 -9.28
N ILE A 1069 -23.57 43.52 -8.52
CA ILE A 1069 -23.25 44.72 -7.75
C ILE A 1069 -22.87 45.86 -8.69
N GLN A 1070 -22.32 45.53 -9.85
CA GLN A 1070 -21.94 46.54 -10.83
C GLN A 1070 -23.16 47.20 -11.43
N LYS A 1071 -24.23 46.46 -11.61
CA LYS A 1071 -25.47 46.98 -12.20
C LYS A 1071 -26.59 46.69 -11.22
N MET A 1072 -26.83 47.61 -10.28
CA MET A 1072 -27.83 47.38 -9.25
C MET A 1072 -28.40 48.72 -8.84
N GLU A 1073 -29.68 48.72 -8.52
CA GLU A 1073 -30.29 49.95 -8.04
C GLU A 1073 -30.01 50.08 -6.55
N ILE A 1074 -29.37 51.18 -6.18
CA ILE A 1074 -29.08 51.51 -4.80
C ILE A 1074 -29.52 52.95 -4.62
N ILE A 1075 -30.66 53.15 -3.94
CA ILE A 1075 -31.11 54.47 -3.53
C ILE A 1075 -31.22 54.57 -2.01
N SER A 1076 -31.81 53.56 -1.38
CA SER A 1076 -32.03 53.62 0.06
C SER A 1076 -30.74 53.46 0.84
N GLU A 1077 -29.73 52.81 0.26
CA GLU A 1077 -28.49 52.49 0.97
C GLU A 1077 -27.30 53.25 0.41
N THR A 1078 -27.48 54.54 0.13
CA THR A 1078 -26.42 55.37 -0.43
C THR A 1078 -25.64 56.14 0.62
N GLU A 1079 -25.60 55.64 1.86
CA GLU A 1079 -24.92 56.26 3.00
C GLU A 1079 -25.34 57.70 3.27
N LYS B 447 -17.27 61.18 -0.77
CA LYS B 447 -16.09 60.46 -0.31
C LYS B 447 -16.40 58.98 -0.19
N SER B 448 -17.12 58.62 0.87
CA SER B 448 -17.66 57.28 0.97
C SER B 448 -18.62 56.88 -0.16
N PRO B 449 -19.36 57.78 -0.83
CA PRO B 449 -19.95 57.37 -2.11
C PRO B 449 -18.93 57.03 -3.17
N LEU B 450 -17.84 57.79 -3.26
CA LEU B 450 -16.85 57.50 -4.29
C LEU B 450 -16.03 56.27 -3.95
N HIS B 451 -15.74 56.07 -2.66
CA HIS B 451 -14.99 54.89 -2.26
C HIS B 451 -15.78 53.62 -2.44
N PHE B 452 -17.11 53.71 -2.36
CA PHE B 452 -17.93 52.53 -2.60
C PHE B 452 -18.10 52.28 -4.09
N ALA B 453 -18.35 53.34 -4.86
CA ALA B 453 -18.66 53.16 -6.28
C ALA B 453 -17.43 52.75 -7.06
N ALA B 454 -16.25 53.22 -6.67
CA ALA B 454 -15.05 52.81 -7.36
C ALA B 454 -14.65 51.39 -6.98
N SER B 455 -14.95 50.98 -5.76
CA SER B 455 -14.55 49.65 -5.31
C SER B 455 -15.36 48.55 -5.97
N TYR B 456 -16.55 48.86 -6.47
CA TYR B 456 -17.42 47.84 -7.05
C TYR B 456 -17.78 48.15 -8.49
N GLY B 457 -16.98 48.96 -9.16
CA GLY B 457 -17.08 49.12 -10.59
C GLY B 457 -18.28 49.89 -11.08
N ARG B 458 -19.03 50.54 -10.20
CA ARG B 458 -20.18 51.30 -10.63
C ARG B 458 -19.72 52.57 -11.31
N ILE B 459 -19.46 52.46 -12.61
CA ILE B 459 -18.74 53.51 -13.31
C ILE B 459 -19.60 54.73 -13.58
N ASN B 460 -20.91 54.55 -13.78
CA ASN B 460 -21.78 55.68 -14.02
C ASN B 460 -22.00 56.49 -12.75
N THR B 461 -21.93 55.84 -11.60
CA THR B 461 -21.94 56.57 -10.35
C THR B 461 -20.66 57.38 -10.19
N CYS B 462 -19.54 56.85 -10.68
CA CYS B 462 -18.27 57.58 -10.60
C CYS B 462 -18.24 58.74 -11.59
N GLN B 463 -18.94 58.63 -12.70
CA GLN B 463 -18.99 59.75 -13.63
C GLN B 463 -19.84 60.89 -13.09
N ARG B 464 -20.93 60.56 -12.40
CA ARG B 464 -21.75 61.58 -11.76
C ARG B 464 -21.15 62.08 -10.45
N LEU B 465 -20.03 61.52 -10.00
CA LEU B 465 -19.33 62.04 -8.85
C LEU B 465 -18.11 62.86 -9.22
N LEU B 466 -17.59 62.67 -10.44
CA LEU B 466 -16.37 63.34 -10.87
C LEU B 466 -16.58 64.26 -12.06
N GLN B 467 -17.83 64.52 -12.45
CA GLN B 467 -18.05 65.53 -13.48
C GLN B 467 -17.88 66.94 -12.92
N ASP B 468 -17.93 67.10 -11.60
CA ASP B 468 -17.57 68.35 -10.95
C ASP B 468 -16.06 68.54 -11.03
N ILE B 469 -15.61 69.28 -12.03
CA ILE B 469 -14.18 69.45 -12.29
C ILE B 469 -13.56 70.38 -11.26
N SER B 470 -12.23 70.42 -11.22
CA SER B 470 -11.42 71.24 -10.32
C SER B 470 -11.71 70.94 -8.85
N ASP B 471 -11.98 69.68 -8.54
CA ASP B 471 -12.19 69.21 -7.16
C ASP B 471 -11.40 67.91 -7.04
N THR B 472 -10.14 68.02 -6.64
CA THR B 472 -9.23 66.88 -6.64
C THR B 472 -8.77 66.47 -5.25
N ARG B 473 -9.37 67.02 -4.20
CA ARG B 473 -9.01 66.60 -2.86
C ARG B 473 -9.63 65.25 -2.54
N LEU B 474 -10.85 65.04 -3.00
CA LEU B 474 -11.58 63.79 -2.76
C LEU B 474 -11.16 62.70 -3.74
N LEU B 475 -10.59 63.06 -4.89
CA LEU B 475 -10.17 62.07 -5.87
C LEU B 475 -8.97 61.27 -5.39
N ASN B 476 -8.12 61.87 -4.56
CA ASN B 476 -6.96 61.18 -4.02
C ASN B 476 -7.05 60.98 -2.51
N GLU B 477 -8.22 61.20 -1.93
CA GLU B 477 -8.40 60.97 -0.51
C GLU B 477 -8.41 59.48 -0.22
N GLY B 478 -7.70 59.09 0.83
CA GLY B 478 -7.63 57.70 1.23
C GLY B 478 -8.58 57.39 2.37
N ASP B 479 -8.93 56.12 2.49
CA ASP B 479 -9.84 55.65 3.53
C ASP B 479 -9.04 55.37 4.80
N LEU B 480 -9.64 54.62 5.74
CA LEU B 480 -8.97 54.26 6.98
C LEU B 480 -7.75 53.38 6.76
N HIS B 481 -7.68 52.67 5.64
CA HIS B 481 -6.48 51.93 5.28
C HIS B 481 -5.62 52.69 4.28
N GLY B 482 -5.94 53.95 4.02
CA GLY B 482 -5.14 54.77 3.14
C GLY B 482 -5.35 54.52 1.67
N MET B 483 -6.26 53.63 1.29
CA MET B 483 -6.46 53.31 -0.11
C MET B 483 -7.23 54.42 -0.80
N THR B 484 -6.65 54.97 -1.87
CA THR B 484 -7.35 55.90 -2.72
C THR B 484 -8.37 55.13 -3.56
N PRO B 485 -9.34 55.82 -4.18
CA PRO B 485 -10.21 55.16 -5.16
C PRO B 485 -9.50 54.46 -6.30
N LEU B 486 -8.28 54.90 -6.66
CA LEU B 486 -7.49 54.14 -7.62
C LEU B 486 -7.09 52.78 -7.06
N HIS B 487 -6.81 52.71 -5.75
CA HIS B 487 -6.47 51.43 -5.14
C HIS B 487 -7.67 50.51 -5.09
N LEU B 488 -8.83 51.06 -4.75
CA LEU B 488 -10.03 50.23 -4.61
C LEU B 488 -10.52 49.73 -5.96
N ALA B 489 -10.39 50.55 -6.99
CA ALA B 489 -10.80 50.12 -8.32
C ALA B 489 -9.88 49.06 -8.87
N ALA B 490 -8.60 49.14 -8.57
CA ALA B 490 -7.65 48.15 -9.04
C ALA B 490 -7.62 46.90 -8.18
N LYS B 491 -8.04 47.00 -6.93
CA LYS B 491 -8.05 45.82 -6.06
C LYS B 491 -9.10 44.83 -6.51
N ASN B 492 -10.30 45.30 -6.79
CA ASN B 492 -11.35 44.45 -7.33
C ASN B 492 -11.29 44.31 -8.84
N GLY B 493 -10.35 45.01 -9.48
CA GLY B 493 -10.07 44.78 -10.88
C GLY B 493 -11.13 45.26 -11.84
N HIS B 494 -11.48 46.53 -11.74
CA HIS B 494 -12.45 47.13 -12.63
C HIS B 494 -11.68 48.06 -13.56
N ASP B 495 -11.37 47.57 -14.76
CA ASP B 495 -10.46 48.25 -15.64
C ASP B 495 -11.06 49.50 -16.27
N LYS B 496 -12.38 49.53 -16.44
CA LYS B 496 -13.00 50.69 -17.07
C LYS B 496 -13.04 51.87 -16.11
N VAL B 497 -13.33 51.63 -14.84
CA VAL B 497 -13.34 52.75 -13.91
C VAL B 497 -11.92 53.10 -13.48
N VAL B 498 -10.97 52.18 -13.58
CA VAL B 498 -9.59 52.56 -13.30
C VAL B 498 -9.00 53.32 -14.47
N GLN B 499 -9.61 53.21 -15.65
CA GLN B 499 -9.23 54.08 -16.76
C GLN B 499 -9.81 55.47 -16.56
N LEU B 500 -10.95 55.57 -15.90
CA LEU B 500 -11.61 56.84 -15.70
C LEU B 500 -10.86 57.70 -14.69
N LEU B 501 -10.35 57.09 -13.63
CA LEU B 501 -9.61 57.84 -12.62
C LEU B 501 -8.28 58.33 -13.16
N LEU B 502 -7.64 57.53 -14.01
CA LEU B 502 -6.41 57.96 -14.65
C LEU B 502 -6.68 58.99 -15.74
N LYS B 503 -7.89 59.02 -16.28
CA LYS B 503 -8.26 60.07 -17.22
C LYS B 503 -8.39 61.42 -16.53
N LYS B 504 -8.71 61.42 -15.24
CA LYS B 504 -8.76 62.64 -14.46
C LYS B 504 -7.43 62.91 -13.77
N GLY B 505 -6.85 61.90 -13.15
CA GLY B 505 -5.57 62.05 -12.48
C GLY B 505 -5.62 61.47 -11.09
N ALA B 506 -4.71 60.56 -10.79
CA ALA B 506 -4.77 59.83 -9.53
C ALA B 506 -3.46 59.78 -8.77
N LEU B 507 -2.34 60.16 -9.38
CA LEU B 507 -1.02 60.38 -8.78
C LEU B 507 -0.33 59.13 -8.27
N PHE B 508 -0.98 57.96 -8.31
CA PHE B 508 -0.41 56.65 -7.98
C PHE B 508 0.17 56.62 -6.58
N LEU B 509 -0.63 57.02 -5.61
CA LEU B 509 -0.15 57.11 -4.24
C LEU B 509 -0.01 55.71 -3.64
N SER B 510 0.65 55.66 -2.49
CA SER B 510 0.82 54.43 -1.75
C SER B 510 0.01 54.49 -0.47
N ASP B 511 -0.66 53.40 -0.15
CA ASP B 511 -1.50 53.35 1.03
C ASP B 511 -0.67 52.93 2.23
N HIS B 512 -1.34 52.56 3.32
CA HIS B 512 -0.66 51.87 4.40
C HIS B 512 -0.26 50.49 3.90
N ASN B 513 0.97 50.09 4.24
CA ASN B 513 1.83 49.02 3.70
C ASN B 513 2.45 49.43 2.38
N GLY B 514 2.18 50.65 1.89
CA GLY B 514 2.93 51.18 0.78
C GLY B 514 2.58 50.62 -0.57
N TRP B 515 1.40 50.03 -0.73
CA TRP B 515 1.03 49.44 -2.01
C TRP B 515 0.49 50.51 -2.93
N THR B 516 0.90 50.47 -4.18
CA THR B 516 0.26 51.33 -5.17
C THR B 516 -0.92 50.57 -5.75
N ALA B 517 -1.49 51.10 -6.83
CA ALA B 517 -2.58 50.40 -7.50
C ALA B 517 -2.09 49.15 -8.21
N LEU B 518 -0.83 49.15 -8.65
CA LEU B 518 -0.32 48.00 -9.37
C LEU B 518 -0.05 46.83 -8.43
N HIS B 519 0.21 47.09 -7.16
CA HIS B 519 0.32 45.99 -6.21
C HIS B 519 -1.02 45.32 -6.01
N HIS B 520 -2.09 46.10 -6.01
CA HIS B 520 -3.42 45.53 -5.82
C HIS B 520 -3.91 44.82 -7.07
N ALA B 521 -3.64 45.39 -8.24
CA ALA B 521 -4.11 44.79 -9.48
C ALA B 521 -3.35 43.51 -9.80
N SER B 522 -2.09 43.42 -9.39
CA SER B 522 -1.35 42.20 -9.58
C SER B 522 -1.78 41.12 -8.60
N MET B 523 -1.97 41.50 -7.34
CA MET B 523 -2.51 40.54 -6.38
C MET B 523 -3.99 40.36 -6.67
N GLY B 524 -4.32 39.45 -7.57
CA GLY B 524 -5.67 39.34 -8.08
C GLY B 524 -5.63 38.99 -9.54
N GLY B 525 -4.52 39.32 -10.20
CA GLY B 525 -4.31 38.90 -11.56
C GLY B 525 -5.19 39.57 -12.58
N TYR B 526 -5.64 40.78 -12.30
CA TYR B 526 -6.47 41.50 -13.25
C TYR B 526 -5.55 42.12 -14.28
N THR B 527 -5.22 41.32 -15.29
CA THR B 527 -4.28 41.76 -16.33
C THR B 527 -4.85 42.87 -17.17
N GLN B 528 -6.16 42.89 -17.35
CA GLN B 528 -6.78 43.99 -18.08
C GLN B 528 -6.73 45.29 -17.29
N THR B 529 -6.78 45.20 -15.96
CA THR B 529 -6.58 46.38 -15.13
C THR B 529 -5.10 46.76 -15.09
N MET B 530 -4.22 45.75 -15.07
CA MET B 530 -2.78 46.02 -15.09
C MET B 530 -2.34 46.63 -16.41
N LYS B 531 -3.05 46.33 -17.49
CA LYS B 531 -2.65 46.82 -18.80
C LYS B 531 -2.89 48.32 -18.92
N VAL B 532 -4.06 48.79 -18.48
CA VAL B 532 -4.36 50.21 -18.62
C VAL B 532 -3.57 51.04 -17.63
N ILE B 533 -3.17 50.44 -16.50
CA ILE B 533 -2.30 51.14 -15.55
C ILE B 533 -0.91 51.31 -16.15
N LEU B 534 -0.40 50.27 -16.80
CA LEU B 534 0.95 50.29 -17.34
C LEU B 534 1.08 51.07 -18.63
N ASP B 535 0.01 51.69 -19.13
CA ASP B 535 0.10 52.48 -20.35
C ASP B 535 0.01 53.97 -20.08
N THR B 536 0.12 54.40 -18.82
CA THR B 536 0.01 55.81 -18.50
C THR B 536 1.37 56.50 -18.39
N ASN B 537 2.19 56.07 -17.43
CA ASN B 537 3.42 56.79 -17.13
C ASN B 537 4.65 55.91 -16.92
N LEU B 538 4.48 54.63 -16.56
CA LEU B 538 5.52 53.68 -16.16
C LEU B 538 6.31 54.13 -14.94
N LYS B 539 5.82 55.11 -14.17
CA LYS B 539 6.50 55.53 -12.96
C LYS B 539 6.12 54.67 -11.77
N CYS B 540 5.10 53.82 -11.90
CA CYS B 540 4.59 53.02 -10.81
C CYS B 540 5.01 51.56 -10.89
N THR B 541 5.62 51.14 -11.99
CA THR B 541 5.91 49.73 -12.21
C THR B 541 7.07 49.21 -11.37
N ASP B 542 7.80 50.06 -10.67
CA ASP B 542 8.97 49.60 -9.91
C ASP B 542 8.88 50.02 -8.45
N ARG B 543 7.67 50.26 -7.95
CA ARG B 543 7.54 50.72 -6.59
C ARG B 543 7.67 49.56 -5.62
N LEU B 544 7.86 49.90 -4.35
CA LEU B 544 8.13 48.91 -3.32
C LEU B 544 7.14 49.09 -2.18
N ASP B 545 6.77 47.98 -1.56
CA ASP B 545 5.89 48.01 -0.41
C ASP B 545 6.74 48.14 0.85
N GLU B 546 6.14 47.90 2.02
CA GLU B 546 6.89 48.00 3.27
C GLU B 546 7.91 46.87 3.42
N ASP B 547 7.68 45.73 2.78
CA ASP B 547 8.67 44.67 2.70
C ASP B 547 9.51 44.73 1.44
N GLY B 548 9.32 45.74 0.60
CA GLY B 548 10.14 45.85 -0.57
C GLY B 548 9.72 45.00 -1.75
N ASN B 549 8.57 44.34 -1.66
CA ASN B 549 8.06 43.59 -2.80
C ASN B 549 7.64 44.55 -3.91
N THR B 550 8.02 44.24 -5.14
CA THR B 550 7.50 44.99 -6.25
C THR B 550 6.23 44.30 -6.73
N ALA B 551 5.66 44.80 -7.83
CA ALA B 551 4.40 44.25 -8.31
C ALA B 551 4.57 42.85 -8.87
N LEU B 552 5.77 42.51 -9.35
CA LEU B 552 6.01 41.17 -9.85
C LEU B 552 6.03 40.16 -8.72
N HIS B 553 6.40 40.60 -7.52
CA HIS B 553 6.40 39.70 -6.37
C HIS B 553 4.99 39.24 -6.03
N PHE B 554 4.03 40.16 -6.08
CA PHE B 554 2.66 39.81 -5.73
C PHE B 554 2.00 38.99 -6.81
N ALA B 555 2.28 39.29 -8.07
CA ALA B 555 1.66 38.55 -9.16
C ALA B 555 2.21 37.14 -9.25
N ALA B 556 3.46 36.93 -8.81
CA ALA B 556 4.02 35.60 -8.81
C ALA B 556 3.69 34.82 -7.56
N ARG B 557 3.42 35.50 -6.45
CA ARG B 557 3.12 34.78 -5.21
C ARG B 557 1.73 34.17 -5.26
N GLU B 558 0.76 34.93 -5.74
CA GLU B 558 -0.61 34.44 -5.82
C GLU B 558 -0.90 33.65 -7.08
N GLY B 559 0.11 33.45 -7.93
CA GLY B 559 -0.05 32.54 -9.05
C GLY B 559 -0.92 33.05 -10.17
N HIS B 560 -0.50 34.14 -10.81
CA HIS B 560 -1.22 34.68 -11.95
C HIS B 560 -0.22 34.73 -13.10
N ALA B 561 -0.28 33.72 -13.97
CA ALA B 561 0.72 33.56 -15.01
C ALA B 561 0.60 34.64 -16.08
N LYS B 562 -0.62 35.07 -16.39
CA LYS B 562 -0.77 36.14 -17.36
C LYS B 562 -0.38 37.49 -16.80
N ALA B 563 -0.37 37.63 -15.48
CA ALA B 563 0.05 38.89 -14.89
C ALA B 563 1.57 39.04 -14.94
N VAL B 564 2.30 37.96 -14.66
CA VAL B 564 3.74 38.06 -14.69
C VAL B 564 4.24 38.11 -16.13
N ALA B 565 3.49 37.55 -17.07
CA ALA B 565 3.86 37.69 -18.47
C ALA B 565 3.66 39.12 -18.95
N LEU B 566 2.64 39.80 -18.46
CA LEU B 566 2.45 41.19 -18.78
C LEU B 566 3.48 42.06 -18.07
N LEU B 567 3.81 41.71 -16.83
CA LEU B 567 4.79 42.48 -16.08
C LEU B 567 6.23 42.22 -16.51
N LEU B 568 6.48 41.18 -17.29
CA LEU B 568 7.80 40.96 -17.84
C LEU B 568 7.94 41.41 -19.28
N SER B 569 6.82 41.52 -20.00
CA SER B 569 6.87 42.12 -21.33
C SER B 569 7.26 43.58 -21.25
N HIS B 570 6.71 44.29 -20.27
CA HIS B 570 7.26 45.58 -19.87
C HIS B 570 8.47 45.31 -18.99
N ASN B 571 9.49 46.15 -19.12
CA ASN B 571 10.76 45.90 -18.45
C ASN B 571 10.69 46.38 -17.00
N ALA B 572 9.91 45.66 -16.21
CA ALA B 572 9.86 45.91 -14.79
C ALA B 572 11.03 45.21 -14.11
N ASP B 573 11.61 45.89 -13.14
CA ASP B 573 12.87 45.46 -12.56
C ASP B 573 12.64 44.24 -11.65
N ILE B 574 13.67 43.41 -11.56
CA ILE B 574 13.66 42.22 -10.72
C ILE B 574 14.57 42.48 -9.53
N VAL B 575 14.00 42.44 -8.33
CA VAL B 575 14.72 42.80 -7.12
C VAL B 575 14.49 41.75 -6.06
N LEU B 576 14.98 42.02 -4.86
CA LEU B 576 14.73 41.21 -3.70
C LEU B 576 13.95 42.00 -2.68
N ASN B 577 13.22 41.29 -1.83
CA ASN B 577 12.48 41.93 -0.76
C ASN B 577 13.37 42.05 0.46
N LYS B 578 12.78 42.34 1.62
CA LYS B 578 13.53 42.33 2.86
C LYS B 578 13.97 40.95 3.27
N GLN B 579 13.28 39.91 2.80
CA GLN B 579 13.69 38.53 3.06
C GLN B 579 14.56 37.96 1.95
N GLN B 580 15.13 38.83 1.11
CA GLN B 580 16.08 38.48 0.05
C GLN B 580 15.49 37.50 -0.97
N ALA B 581 14.18 37.57 -1.17
CA ALA B 581 13.50 36.69 -2.12
C ALA B 581 13.16 37.48 -3.37
N SER B 582 13.47 36.91 -4.52
CA SER B 582 13.00 37.46 -5.77
C SER B 582 11.57 37.00 -6.02
N PHE B 583 11.00 37.47 -7.12
CA PHE B 583 9.67 36.98 -7.50
C PHE B 583 9.70 35.52 -7.92
N LEU B 584 10.84 35.04 -8.38
CA LEU B 584 10.96 33.62 -8.69
C LEU B 584 10.95 32.78 -7.43
N HIS B 585 11.46 33.31 -6.32
CA HIS B 585 11.47 32.57 -5.08
C HIS B 585 10.07 32.45 -4.50
N LEU B 586 9.26 33.49 -4.67
CA LEU B 586 7.92 33.46 -4.12
C LEU B 586 7.02 32.51 -4.90
N ALA B 587 7.23 32.41 -6.21
CA ALA B 587 6.45 31.46 -7.00
C ALA B 587 6.87 30.03 -6.70
N LEU B 588 8.15 29.81 -6.44
CA LEU B 588 8.62 28.46 -6.12
C LEU B 588 8.17 28.03 -4.74
N HIS B 589 8.12 28.95 -3.78
CA HIS B 589 7.70 28.59 -2.44
C HIS B 589 6.21 28.31 -2.39
N ASN B 590 5.43 29.06 -3.15
CA ASN B 590 3.99 28.87 -3.18
C ASN B 590 3.55 27.87 -4.23
N LYS B 591 4.52 27.25 -4.92
CA LYS B 591 4.30 26.14 -5.86
C LYS B 591 3.38 26.55 -7.01
N ARG B 592 3.69 27.68 -7.63
CA ARG B 592 2.89 28.20 -8.73
C ARG B 592 3.49 27.68 -10.02
N LYS B 593 2.91 26.58 -10.52
CA LYS B 593 3.50 25.87 -11.65
C LYS B 593 3.36 26.65 -12.94
N GLU B 594 2.18 27.20 -13.18
CA GLU B 594 1.95 27.94 -14.43
C GLU B 594 2.70 29.26 -14.46
N VAL B 595 3.09 29.78 -13.31
CA VAL B 595 3.84 31.04 -13.30
C VAL B 595 5.28 30.81 -13.70
N VAL B 596 5.94 29.81 -13.09
CA VAL B 596 7.35 29.59 -13.38
C VAL B 596 7.57 29.03 -14.77
N LEU B 597 6.54 28.43 -15.38
CA LEU B 597 6.66 28.07 -16.78
C LEU B 597 6.68 29.30 -17.66
N THR B 598 5.90 30.32 -17.30
CA THR B 598 5.96 31.58 -18.03
C THR B 598 7.21 32.36 -17.71
N ILE B 599 7.85 32.11 -16.57
CA ILE B 599 9.14 32.72 -16.31
C ILE B 599 10.20 32.07 -17.18
N ILE B 600 10.15 30.74 -17.29
CA ILE B 600 11.15 30.01 -18.05
C ILE B 600 11.00 30.25 -19.54
N ARG B 601 9.77 30.13 -20.05
CA ARG B 601 9.56 30.19 -21.49
C ARG B 601 9.71 31.59 -22.06
N SER B 602 9.66 32.62 -21.22
CA SER B 602 9.78 33.97 -21.73
C SER B 602 11.26 34.37 -21.76
N LYS B 603 11.51 35.59 -22.20
CA LYS B 603 12.85 36.16 -22.15
C LYS B 603 13.14 36.61 -20.72
N ARG B 604 14.32 37.21 -20.55
CA ARG B 604 14.86 37.66 -19.27
C ARG B 604 14.97 36.53 -18.25
N TRP B 605 15.07 35.28 -18.71
CA TRP B 605 15.05 34.16 -17.81
C TRP B 605 16.38 34.01 -17.10
N ASP B 606 17.48 34.27 -17.81
CA ASP B 606 18.79 34.22 -17.19
C ASP B 606 18.98 35.34 -16.18
N GLU B 607 18.41 36.51 -16.44
CA GLU B 607 18.62 37.63 -15.54
C GLU B 607 17.78 37.54 -14.28
N CYS B 608 16.71 36.74 -14.27
CA CYS B 608 16.07 36.41 -13.02
C CYS B 608 16.61 35.12 -12.43
N LEU B 609 17.46 34.41 -13.16
CA LEU B 609 18.13 33.26 -12.58
C LEU B 609 19.29 33.70 -11.69
N LYS B 610 20.05 34.69 -12.14
CA LYS B 610 21.20 35.18 -11.41
C LYS B 610 20.86 36.30 -10.44
N ILE B 611 19.57 36.58 -10.24
CA ILE B 611 19.18 37.71 -9.40
C ILE B 611 19.10 37.32 -7.94
N PHE B 612 19.28 36.04 -7.60
CA PHE B 612 19.23 35.59 -6.23
C PHE B 612 20.45 36.08 -5.45
N SER B 613 20.36 35.94 -4.14
CA SER B 613 21.45 36.33 -3.24
C SER B 613 21.90 35.13 -2.43
N HIS B 614 23.18 35.11 -2.12
CA HIS B 614 23.75 34.07 -1.26
C HIS B 614 23.51 34.47 0.20
N ASN B 615 24.18 33.74 1.10
CA ASN B 615 24.12 33.86 2.58
C ASN B 615 22.69 34.09 3.10
N SER B 616 21.78 33.28 2.59
CA SER B 616 20.38 33.34 2.98
C SER B 616 19.89 31.92 3.19
N PRO B 617 19.34 31.59 4.37
CA PRO B 617 18.95 30.21 4.67
C PRO B 617 17.80 29.72 3.80
N GLY B 618 16.72 30.50 3.75
CA GLY B 618 15.76 30.33 2.68
C GLY B 618 16.18 31.14 1.48
N ASN B 619 15.47 30.89 0.37
CA ASN B 619 15.64 31.62 -0.89
C ASN B 619 17.07 31.49 -1.42
N LYS B 620 17.45 30.25 -1.70
CA LYS B 620 18.81 29.95 -2.15
C LYS B 620 18.94 30.19 -3.65
N CYS B 621 19.72 29.33 -4.31
CA CYS B 621 19.87 29.40 -5.74
C CYS B 621 18.59 28.86 -6.36
N PRO B 622 18.01 29.58 -7.33
CA PRO B 622 16.68 29.31 -7.90
C PRO B 622 16.53 27.92 -8.50
N ILE B 623 17.64 27.37 -8.98
CA ILE B 623 17.63 25.99 -9.47
C ILE B 623 17.36 25.03 -8.32
N THR B 624 17.95 25.28 -7.16
CA THR B 624 17.84 24.36 -6.03
C THR B 624 16.43 24.33 -5.45
N GLU B 625 15.73 25.48 -5.44
CA GLU B 625 14.33 25.42 -5.05
C GLU B 625 13.48 24.78 -6.13
N MET B 626 13.90 24.88 -7.39
CA MET B 626 13.14 24.22 -8.44
C MET B 626 13.28 22.71 -8.36
N ILE B 627 14.41 22.22 -7.87
CA ILE B 627 14.49 20.81 -7.52
C ILE B 627 13.65 20.52 -6.29
N GLU B 628 13.68 21.44 -5.33
CA GLU B 628 13.08 21.17 -4.02
C GLU B 628 11.57 21.23 -4.07
N TYR B 629 11.00 22.09 -4.90
CA TYR B 629 9.58 22.38 -4.83
C TYR B 629 8.82 21.98 -6.08
N LEU B 630 9.33 22.30 -7.27
CA LEU B 630 8.59 22.10 -8.51
C LEU B 630 9.44 21.32 -9.49
N PRO B 631 9.55 19.99 -9.32
CA PRO B 631 10.41 19.22 -10.22
C PRO B 631 9.88 19.08 -11.63
N GLU B 632 8.57 19.24 -11.85
CA GLU B 632 8.07 19.12 -13.21
C GLU B 632 8.47 20.32 -14.06
N CYS B 633 8.60 21.49 -13.45
CA CYS B 633 9.06 22.65 -14.19
C CYS B 633 10.56 22.63 -14.41
N MET B 634 11.31 21.91 -13.58
CA MET B 634 12.71 21.66 -13.88
C MET B 634 12.85 20.76 -15.10
N LYS B 635 11.91 19.83 -15.28
CA LYS B 635 11.92 18.97 -16.46
C LYS B 635 11.70 19.77 -17.74
N VAL B 636 10.86 20.80 -17.66
CA VAL B 636 10.68 21.70 -18.79
C VAL B 636 11.94 22.50 -19.04
N LEU B 637 12.65 22.85 -17.98
CA LEU B 637 13.91 23.57 -18.12
C LEU B 637 14.98 22.67 -18.74
N LEU B 638 14.97 21.39 -18.38
CA LEU B 638 15.93 20.47 -18.98
C LEU B 638 15.61 20.15 -20.42
N ASP B 639 14.35 20.29 -20.83
CA ASP B 639 14.01 20.13 -22.24
C ASP B 639 14.60 21.25 -23.08
N PHE B 640 14.77 22.43 -22.51
CA PHE B 640 15.40 23.51 -23.25
C PHE B 640 16.89 23.30 -23.40
N CYS B 641 17.50 22.51 -22.53
CA CYS B 641 18.91 22.20 -22.69
C CYS B 641 19.13 21.14 -23.76
N MET B 642 18.22 20.19 -23.88
CA MET B 642 18.34 19.13 -24.88
C MET B 642 17.80 19.66 -26.20
N LEU B 643 18.68 20.20 -27.02
CA LEU B 643 18.31 20.72 -28.33
C LEU B 643 18.83 19.80 -29.41
N HIS B 644 18.17 19.84 -30.56
CA HIS B 644 18.51 19.00 -31.69
C HIS B 644 19.18 19.75 -32.83
N SER B 645 18.69 20.96 -33.12
CA SER B 645 19.16 21.82 -34.22
C SER B 645 19.12 21.10 -35.57
N THR B 646 18.13 20.23 -35.75
CA THR B 646 17.96 19.45 -36.96
C THR B 646 16.52 18.97 -37.00
N GLU B 647 16.13 18.47 -38.16
CA GLU B 647 14.80 17.88 -38.30
C GLU B 647 14.82 16.55 -39.04
N ASP B 648 15.96 16.13 -39.57
CA ASP B 648 16.06 14.85 -40.27
C ASP B 648 16.37 13.78 -39.23
N LYS B 649 15.34 13.07 -38.80
CA LYS B 649 15.52 12.02 -37.80
C LYS B 649 16.24 10.83 -38.42
N SER B 650 17.13 10.22 -37.62
CA SER B 650 17.95 9.07 -38.00
C SER B 650 18.81 9.36 -39.22
N CYS B 651 19.33 10.59 -39.31
CA CYS B 651 20.21 10.98 -40.39
C CYS B 651 21.66 10.89 -39.94
N ARG B 652 22.56 10.93 -40.92
CA ARG B 652 23.99 10.88 -40.61
C ARG B 652 24.47 12.19 -40.00
N ASP B 653 23.93 13.31 -40.48
CA ASP B 653 24.24 14.61 -39.92
C ASP B 653 23.34 14.98 -38.74
N TYR B 654 22.46 14.08 -38.33
CA TYR B 654 21.57 14.34 -37.22
C TYR B 654 22.33 14.23 -35.90
N TYR B 655 22.05 15.17 -35.00
CA TYR B 655 22.72 15.19 -33.71
C TYR B 655 21.80 15.79 -32.67
N ILE B 656 22.09 15.50 -31.41
CA ILE B 656 21.39 16.08 -30.27
C ILE B 656 22.45 16.67 -29.35
N GLU B 657 22.47 17.98 -29.22
CA GLU B 657 23.42 18.62 -28.33
C GLU B 657 22.80 18.79 -26.95
N TYR B 658 23.49 18.30 -25.93
CA TYR B 658 23.06 18.43 -24.55
C TYR B 658 23.86 19.56 -23.90
N ASN B 659 23.16 20.46 -23.24
CA ASN B 659 23.79 21.59 -22.55
C ASN B 659 23.66 21.41 -21.05
N PHE B 660 24.73 21.70 -20.33
CA PHE B 660 24.76 21.55 -18.88
C PHE B 660 24.97 22.88 -18.19
N LYS B 661 24.35 23.94 -18.71
CA LYS B 661 24.55 25.25 -18.12
C LYS B 661 23.80 25.42 -16.81
N TYR B 662 22.78 24.61 -16.56
CA TYR B 662 21.96 24.75 -15.37
C TYR B 662 22.29 23.72 -14.31
N LEU B 663 23.21 22.80 -14.57
CA LEU B 663 23.47 21.71 -13.64
C LEU B 663 24.65 21.97 -12.73
N GLN B 664 25.27 23.15 -12.79
CA GLN B 664 26.56 23.29 -12.14
C GLN B 664 26.87 24.76 -11.87
N CYS B 665 27.65 25.00 -10.82
CA CYS B 665 28.35 26.26 -10.64
C CYS B 665 29.50 26.36 -11.64
N PRO B 666 30.09 27.55 -11.81
CA PRO B 666 31.30 27.64 -12.63
C PRO B 666 32.59 27.13 -11.99
N LEU B 667 32.47 26.36 -10.90
CA LEU B 667 33.52 25.58 -10.21
C LEU B 667 34.48 26.44 -9.40
N GLU B 668 34.39 27.76 -9.50
CA GLU B 668 35.17 28.60 -8.60
C GLU B 668 34.56 28.66 -7.22
N PHE B 669 33.27 28.35 -7.10
CA PHE B 669 32.57 28.33 -5.83
C PHE B 669 32.56 26.94 -5.20
N THR B 670 33.31 26.01 -5.78
CA THR B 670 33.37 24.66 -5.24
C THR B 670 34.52 24.48 -4.26
N LYS B 671 35.62 25.20 -4.46
CA LYS B 671 36.78 25.11 -3.59
C LYS B 671 36.79 26.28 -2.61
N LYS B 672 37.28 25.99 -1.40
CA LYS B 672 37.38 27.02 -0.37
C LYS B 672 38.47 28.00 -0.73
N THR B 673 38.11 29.27 -0.87
CA THR B 673 39.02 30.33 -1.26
C THR B 673 38.65 31.57 -0.48
N PRO B 674 39.63 32.44 -0.17
CA PRO B 674 39.29 33.71 0.49
C PRO B 674 38.51 34.65 -0.41
N THR B 675 38.74 34.61 -1.72
CA THR B 675 37.97 35.44 -2.64
C THR B 675 36.61 34.82 -2.95
N GLN B 676 36.50 33.49 -2.89
CA GLN B 676 35.26 32.79 -3.18
C GLN B 676 34.60 32.40 -1.86
N ASP B 677 33.73 33.28 -1.37
CA ASP B 677 33.03 33.02 -0.11
C ASP B 677 31.96 31.94 -0.25
N VAL B 678 31.49 31.69 -1.47
CA VAL B 678 30.51 30.64 -1.71
C VAL B 678 31.18 29.28 -1.62
N ILE B 679 30.52 28.33 -0.95
CA ILE B 679 31.08 27.02 -0.69
C ILE B 679 30.18 25.95 -1.29
N TYR B 680 29.59 26.24 -2.45
CA TYR B 680 28.67 25.32 -3.10
C TYR B 680 29.39 24.06 -3.54
N GLU B 681 29.04 22.94 -2.93
CA GLU B 681 29.64 21.65 -3.25
C GLU B 681 29.25 21.23 -4.66
N PRO B 682 30.15 20.57 -5.40
CA PRO B 682 29.95 20.41 -6.85
C PRO B 682 28.83 19.45 -7.19
N LEU B 683 28.48 19.45 -8.47
CA LEU B 683 27.31 18.77 -9.03
C LEU B 683 26.05 19.21 -8.27
N THR B 684 25.77 20.51 -8.34
CA THR B 684 24.82 21.12 -7.43
C THR B 684 23.40 20.67 -7.72
N ALA B 685 23.01 20.64 -8.99
CA ALA B 685 21.66 20.25 -9.32
C ALA B 685 21.43 18.76 -9.09
N LEU B 686 22.46 17.95 -9.31
CA LEU B 686 22.30 16.52 -9.11
C LEU B 686 22.36 16.14 -7.65
N ASN B 687 23.15 16.85 -6.85
CA ASN B 687 23.13 16.60 -5.41
C ASN B 687 21.84 17.09 -4.79
N ALA B 688 21.23 18.11 -5.38
CA ALA B 688 19.90 18.51 -4.94
C ALA B 688 18.85 17.50 -5.38
N MET B 689 19.09 16.80 -6.48
CA MET B 689 18.14 15.81 -6.95
C MET B 689 18.12 14.58 -6.05
N VAL B 690 19.29 14.11 -5.63
CA VAL B 690 19.34 12.93 -4.78
C VAL B 690 18.94 13.25 -3.35
N GLN B 691 18.96 14.52 -2.95
CA GLN B 691 18.49 14.88 -1.63
C GLN B 691 16.98 15.00 -1.61
N ASN B 692 16.40 15.56 -2.67
CA ASN B 692 14.97 15.76 -2.75
C ASN B 692 14.27 14.62 -3.47
N ASN B 693 14.94 13.48 -3.64
CA ASN B 693 14.38 12.22 -4.13
C ASN B 693 13.81 12.34 -5.54
N ARG B 694 14.34 13.26 -6.35
CA ARG B 694 13.79 13.51 -7.67
C ARG B 694 14.36 12.49 -8.64
N ILE B 695 13.77 11.29 -8.62
CA ILE B 695 14.25 10.21 -9.46
C ILE B 695 13.85 10.43 -10.92
N GLU B 696 12.73 11.10 -11.16
CA GLU B 696 12.32 11.38 -12.54
C GLU B 696 13.21 12.43 -13.18
N LEU B 697 13.80 13.31 -12.37
CA LEU B 697 14.76 14.26 -12.90
C LEU B 697 16.11 13.62 -13.13
N LEU B 698 16.47 12.61 -12.34
CA LEU B 698 17.77 11.98 -12.51
C LEU B 698 17.81 11.08 -13.73
N ASN B 699 16.66 10.54 -14.14
CA ASN B 699 16.59 9.73 -15.33
C ASN B 699 16.36 10.54 -16.59
N HIS B 700 16.47 11.86 -16.49
CA HIS B 700 16.36 12.70 -17.67
C HIS B 700 17.57 12.51 -18.57
N PRO B 701 17.38 12.58 -19.89
CA PRO B 701 18.52 12.39 -20.81
C PRO B 701 19.59 13.45 -20.71
N VAL B 702 19.29 14.64 -20.18
CA VAL B 702 20.36 15.61 -19.97
C VAL B 702 21.19 15.20 -18.76
N CYS B 703 20.54 14.73 -17.70
CA CYS B 703 21.29 14.34 -16.51
C CYS B 703 22.04 13.03 -16.72
N LYS B 704 21.52 12.15 -17.56
CA LYS B 704 22.26 10.93 -17.88
C LYS B 704 23.47 11.26 -18.73
N GLU B 705 23.34 12.21 -19.65
CA GLU B 705 24.49 12.63 -20.44
C GLU B 705 25.47 13.44 -19.60
N TYR B 706 24.98 14.11 -18.56
CA TYR B 706 25.86 14.88 -17.70
C TYR B 706 26.71 13.97 -16.84
N LEU B 707 26.13 12.90 -16.32
CA LEU B 707 26.90 11.95 -15.54
C LEU B 707 27.88 11.19 -16.41
N LEU B 708 27.46 10.85 -17.63
CA LEU B 708 28.35 10.17 -18.55
C LEU B 708 29.48 11.08 -19.01
N MET B 709 29.24 12.39 -19.04
CA MET B 709 30.34 13.31 -19.29
C MET B 709 31.30 13.33 -18.12
N LYS B 710 30.78 13.35 -16.90
CA LYS B 710 31.63 13.35 -15.71
C LYS B 710 32.35 12.02 -15.56
N TRP B 711 31.75 10.94 -16.06
CA TRP B 711 32.40 9.64 -16.01
C TRP B 711 33.60 9.59 -16.94
N LEU B 712 33.42 10.04 -18.18
CA LEU B 712 34.50 9.99 -19.15
C LEU B 712 35.54 11.07 -18.94
N ALA B 713 35.20 12.13 -18.21
CA ALA B 713 36.18 13.18 -17.95
C ALA B 713 37.21 12.71 -16.93
N TYR B 714 36.75 12.34 -15.74
CA TYR B 714 37.64 11.86 -14.71
C TYR B 714 37.11 10.66 -13.96
N GLY B 715 35.82 10.33 -14.09
CA GLY B 715 35.24 9.30 -13.25
C GLY B 715 35.71 7.90 -13.63
N PHE B 716 35.79 7.62 -14.93
CA PHE B 716 36.33 6.34 -15.37
C PHE B 716 37.83 6.28 -15.16
N ARG B 717 38.53 7.40 -15.30
CA ARG B 717 39.98 7.38 -15.14
C ARG B 717 40.37 7.20 -13.69
N ALA B 718 39.69 7.88 -12.77
CA ALA B 718 40.04 7.74 -11.36
C ALA B 718 39.60 6.39 -10.82
N HIS B 719 38.58 5.79 -11.41
CA HIS B 719 38.19 4.46 -11.01
C HIS B 719 39.16 3.41 -11.52
N MET B 720 39.80 3.67 -12.65
CA MET B 720 40.73 2.69 -13.19
C MET B 720 42.10 2.73 -12.53
N MET B 721 42.52 3.85 -11.97
CA MET B 721 43.77 3.78 -11.22
C MET B 721 43.54 3.16 -9.86
N ASN B 722 42.37 3.36 -9.28
CA ASN B 722 42.09 2.80 -7.97
C ASN B 722 41.90 1.30 -8.03
N LEU B 723 41.14 0.83 -9.02
CA LEU B 723 40.99 -0.59 -9.21
C LEU B 723 42.25 -1.21 -9.81
N GLY B 724 42.98 -0.44 -10.62
CA GLY B 724 44.17 -0.97 -11.25
C GLY B 724 45.32 -1.13 -10.30
N SER B 725 45.45 -0.22 -9.32
CA SER B 725 46.50 -0.37 -8.33
C SER B 725 46.19 -1.51 -7.37
N TYR B 726 44.92 -1.81 -7.17
CA TYR B 726 44.55 -2.90 -6.30
C TYR B 726 44.79 -4.25 -6.96
N CYS B 727 44.45 -4.35 -8.25
CA CYS B 727 44.68 -5.59 -8.99
C CYS B 727 46.17 -5.84 -9.22
N LEU B 728 47.01 -4.83 -9.03
CA LEU B 728 48.45 -5.02 -9.10
C LEU B 728 48.97 -5.82 -7.92
N GLY B 729 48.18 -5.95 -6.86
CA GLY B 729 48.55 -6.82 -5.77
C GLY B 729 47.59 -7.98 -5.61
N LEU B 730 46.37 -7.81 -6.12
CA LEU B 730 45.38 -8.88 -6.05
C LEU B 730 45.77 -10.05 -6.93
N ILE B 731 46.05 -9.78 -8.20
CA ILE B 731 46.36 -10.81 -9.18
C ILE B 731 47.71 -11.47 -8.92
N PRO B 732 48.82 -10.78 -8.60
CA PRO B 732 50.04 -11.52 -8.26
C PRO B 732 49.96 -12.28 -6.96
N MET B 733 49.03 -11.94 -6.07
CA MET B 733 48.79 -12.78 -4.91
C MET B 733 48.18 -14.11 -5.31
N THR B 734 47.16 -14.07 -6.15
CA THR B 734 46.46 -15.27 -6.57
C THR B 734 47.34 -16.16 -7.44
N ILE B 735 48.19 -15.55 -8.26
CA ILE B 735 49.15 -16.33 -9.04
C ILE B 735 50.15 -17.00 -8.11
N LEU B 736 50.55 -16.29 -7.05
CA LEU B 736 51.52 -16.85 -6.12
C LEU B 736 50.93 -17.94 -5.25
N VAL B 737 49.62 -17.91 -5.01
CA VAL B 737 49.00 -18.93 -4.18
C VAL B 737 48.81 -20.21 -4.97
N VAL B 738 48.24 -20.12 -6.17
CA VAL B 738 47.92 -21.33 -6.94
C VAL B 738 49.13 -21.96 -7.61
N ASN B 739 50.29 -21.34 -7.57
CA ASN B 739 51.47 -21.92 -8.20
C ASN B 739 52.46 -22.49 -7.21
N ILE B 740 52.32 -22.19 -5.93
CA ILE B 740 53.17 -22.76 -4.89
C ILE B 740 52.31 -23.63 -4.01
N LYS B 741 52.83 -24.80 -3.65
CA LYS B 741 52.14 -25.65 -2.69
C LYS B 741 52.12 -24.97 -1.34
N PRO B 742 50.96 -24.87 -0.68
CA PRO B 742 50.83 -24.00 0.50
C PRO B 742 51.56 -24.48 1.74
N GLY B 743 52.32 -25.56 1.70
CA GLY B 743 53.05 -25.94 2.87
C GLY B 743 54.31 -25.13 3.08
N MET B 744 55.26 -25.27 2.16
CA MET B 744 56.63 -24.88 2.43
C MET B 744 56.94 -23.47 1.95
N ALA B 745 58.07 -22.96 2.41
CA ALA B 745 58.48 -21.59 2.17
C ALA B 745 59.03 -21.43 0.76
N PHE B 746 59.34 -20.19 0.41
CA PHE B 746 59.89 -19.90 -0.91
C PHE B 746 60.67 -18.60 -0.87
N ASN B 747 61.89 -18.63 -1.40
CA ASN B 747 62.67 -17.44 -1.68
C ASN B 747 62.12 -16.75 -2.92
N SER B 748 62.77 -15.66 -3.32
CA SER B 748 62.53 -15.15 -4.65
C SER B 748 63.13 -16.05 -5.72
N THR B 749 64.10 -16.88 -5.35
CA THR B 749 64.71 -17.83 -6.28
C THR B 749 63.84 -19.05 -6.53
N GLY B 750 62.77 -19.24 -5.78
CA GLY B 750 61.89 -20.35 -6.01
C GLY B 750 61.51 -21.01 -4.71
N ILE B 751 60.88 -22.17 -4.82
CA ILE B 751 60.40 -22.91 -3.67
C ILE B 751 61.57 -23.59 -2.99
N ILE B 752 61.57 -23.59 -1.66
CA ILE B 752 62.69 -24.14 -0.91
C ILE B 752 62.53 -25.64 -0.69
N ASN B 753 61.37 -26.04 -0.16
CA ASN B 753 60.98 -27.44 0.09
C ASN B 753 61.97 -28.24 0.95
N LEU B 762 65.06 -27.86 -3.38
CA LEU B 762 64.84 -26.54 -3.95
C LEU B 762 64.44 -26.68 -5.42
N ASP B 763 63.27 -26.12 -5.78
CA ASP B 763 62.70 -26.35 -7.10
C ASP B 763 63.36 -25.47 -8.16
N THR B 764 63.26 -24.14 -7.99
CA THR B 764 63.78 -23.12 -8.91
C THR B 764 63.24 -23.26 -10.33
N THR B 765 62.04 -23.81 -10.48
CA THR B 765 61.35 -23.82 -11.76
C THR B 765 60.28 -22.74 -11.77
N ASN B 766 60.05 -22.18 -12.96
CA ASN B 766 59.32 -20.93 -13.25
C ASN B 766 59.60 -19.85 -12.20
N SER B 767 60.88 -19.67 -11.89
CA SER B 767 61.30 -18.77 -10.84
C SER B 767 61.17 -17.31 -11.25
N TYR B 768 61.06 -17.03 -12.55
CA TYR B 768 60.82 -15.66 -12.99
C TYR B 768 59.40 -15.24 -12.65
N LEU B 769 58.44 -16.15 -12.76
CA LEU B 769 57.06 -15.81 -12.42
C LEU B 769 56.90 -15.61 -10.93
N ILE B 770 57.57 -16.44 -10.12
CA ILE B 770 57.47 -16.32 -8.68
C ILE B 770 58.16 -15.06 -8.20
N LYS B 771 59.21 -14.62 -8.90
CA LYS B 771 59.95 -13.44 -8.45
C LYS B 771 59.17 -12.17 -8.70
N THR B 772 58.54 -12.03 -9.87
CA THR B 772 57.85 -10.80 -10.19
C THR B 772 56.54 -10.67 -9.41
N CYS B 773 55.85 -11.79 -9.18
CA CYS B 773 54.64 -11.72 -8.36
C CYS B 773 54.98 -11.45 -6.91
N MET B 774 56.14 -11.90 -6.45
CA MET B 774 56.64 -11.51 -5.14
C MET B 774 56.96 -10.02 -5.10
N ILE B 775 57.52 -9.50 -6.19
CA ILE B 775 57.88 -8.09 -6.24
C ILE B 775 56.64 -7.22 -6.37
N LEU B 776 55.71 -7.63 -7.24
CA LEU B 776 54.51 -6.84 -7.49
C LEU B 776 53.60 -6.76 -6.28
N VAL B 777 53.57 -7.80 -5.46
CA VAL B 777 52.71 -7.75 -4.29
C VAL B 777 53.33 -6.85 -3.24
N PHE B 778 54.66 -6.82 -3.19
CA PHE B 778 55.35 -5.99 -2.22
C PHE B 778 55.24 -4.52 -2.55
N LEU B 779 55.34 -4.16 -3.83
CA LEU B 779 55.21 -2.77 -4.21
C LEU B 779 53.77 -2.30 -4.14
N SER B 780 52.81 -3.18 -4.41
CA SER B 780 51.42 -2.77 -4.30
C SER B 780 50.98 -2.62 -2.86
N SER B 781 51.66 -3.31 -1.94
CA SER B 781 51.34 -3.14 -0.53
C SER B 781 51.86 -1.80 -0.01
N ILE B 782 53.09 -1.45 -0.36
CA ILE B 782 53.62 -0.16 0.08
C ILE B 782 53.02 0.98 -0.72
N PHE B 783 52.46 0.72 -1.90
CA PHE B 783 51.62 1.72 -2.53
C PHE B 783 50.33 1.89 -1.74
N GLY B 784 49.84 0.80 -1.15
CA GLY B 784 48.64 0.88 -0.34
C GLY B 784 48.85 1.55 1.00
N TYR B 785 50.09 1.55 1.51
CA TYR B 785 50.40 2.37 2.68
C TYR B 785 50.27 3.84 2.36
N CYS B 786 50.93 4.29 1.29
CA CYS B 786 50.86 5.69 0.90
C CYS B 786 49.46 6.06 0.43
N LYS B 787 48.70 5.11 -0.08
CA LYS B 787 47.30 5.38 -0.37
C LYS B 787 46.50 5.53 0.92
N GLU B 788 46.82 4.74 1.94
CA GLU B 788 46.13 4.89 3.21
C GLU B 788 46.67 6.06 4.02
N ALA B 789 47.98 6.30 3.97
CA ALA B 789 48.52 7.47 4.66
C ALA B 789 48.08 8.77 4.00
N GLY B 790 47.86 8.74 2.69
CA GLY B 790 47.22 9.87 2.03
C GLY B 790 45.76 10.01 2.39
N GLN B 791 45.11 8.93 2.80
CA GLN B 791 43.72 9.02 3.19
C GLN B 791 43.57 9.60 4.59
N ILE B 792 44.51 9.34 5.49
CA ILE B 792 44.42 9.94 6.82
C ILE B 792 44.87 11.40 6.80
N PHE B 793 45.61 11.82 5.77
CA PHE B 793 45.98 13.22 5.68
C PHE B 793 44.81 14.05 5.19
N GLN B 794 44.00 13.49 4.30
CA GLN B 794 42.82 14.20 3.81
C GLN B 794 41.64 14.04 4.76
N GLN B 795 41.54 12.89 5.42
CA GLN B 795 40.45 12.63 6.36
C GLN B 795 41.09 12.41 7.73
N LYS B 796 41.04 13.42 8.58
CA LYS B 796 41.57 13.33 9.93
C LYS B 796 40.41 13.10 10.89
N ARG B 797 40.52 12.03 11.68
CA ARG B 797 39.60 11.61 12.75
C ARG B 797 38.23 11.16 12.26
N ASN B 798 37.94 11.26 10.97
CA ASN B 798 36.80 10.59 10.38
C ASN B 798 37.23 9.41 9.53
N TYR B 799 38.54 9.28 9.28
CA TYR B 799 39.10 8.05 8.74
C TYR B 799 38.80 6.88 9.66
N PHE B 800 38.97 7.09 10.96
CA PHE B 800 38.89 6.02 11.95
C PHE B 800 37.47 5.63 12.29
N MET B 801 36.47 6.35 11.79
CA MET B 801 35.08 5.93 11.89
C MET B 801 34.63 5.13 10.68
N ASP B 802 35.56 4.44 10.02
CA ASP B 802 35.26 3.64 8.85
C ASP B 802 35.82 2.25 9.08
N ILE B 803 35.01 1.24 8.82
CA ILE B 803 35.43 -0.14 9.04
C ILE B 803 36.22 -0.70 7.87
N SER B 804 36.05 -0.13 6.67
CA SER B 804 36.77 -0.63 5.51
C SER B 804 38.26 -0.31 5.57
N ASN B 805 38.65 0.68 6.35
CA ASN B 805 40.06 1.02 6.42
C ASN B 805 40.85 0.01 7.22
N VAL B 806 40.24 -0.63 8.21
CA VAL B 806 40.99 -1.62 8.98
C VAL B 806 41.13 -2.90 8.17
N LEU B 807 40.25 -3.11 7.18
CA LEU B 807 40.42 -4.24 6.28
C LEU B 807 41.63 -4.02 5.39
N GLU B 808 41.87 -2.78 4.98
CA GLU B 808 43.04 -2.49 4.15
C GLU B 808 44.33 -2.64 4.96
N TRP B 809 44.30 -2.29 6.23
CA TRP B 809 45.51 -2.39 7.03
C TRP B 809 45.89 -3.84 7.31
N ILE B 810 44.91 -4.73 7.41
CA ILE B 810 45.23 -6.15 7.50
C ILE B 810 45.80 -6.63 6.18
N ILE B 811 45.26 -6.11 5.08
CA ILE B 811 45.63 -6.52 3.73
C ILE B 811 47.07 -6.17 3.40
N TYR B 812 47.53 -5.00 3.82
CA TYR B 812 48.84 -4.58 3.32
C TYR B 812 49.97 -5.12 4.17
N THR B 813 49.78 -5.28 5.49
CA THR B 813 50.84 -5.90 6.28
C THR B 813 50.97 -7.37 5.96
N THR B 814 49.86 -8.10 5.94
CA THR B 814 49.91 -9.53 5.67
C THR B 814 50.32 -9.84 4.25
N GLY B 815 50.16 -8.88 3.33
CA GLY B 815 50.78 -9.02 2.03
C GLY B 815 52.30 -9.02 2.13
N ILE B 816 52.85 -8.15 2.97
CA ILE B 816 54.30 -8.02 3.08
C ILE B 816 54.90 -9.23 3.78
N ILE B 817 54.24 -9.72 4.83
CA ILE B 817 54.75 -10.88 5.55
C ILE B 817 54.65 -12.13 4.69
N PHE B 818 53.74 -12.15 3.73
CA PHE B 818 53.71 -13.26 2.78
C PHE B 818 54.93 -13.25 1.87
N VAL B 819 55.43 -12.07 1.52
CA VAL B 819 56.53 -11.95 0.58
C VAL B 819 57.77 -11.36 1.23
N LEU B 820 57.81 -11.37 2.56
CA LEU B 820 59.01 -10.98 3.27
C LEU B 820 60.29 -11.77 2.94
N PRO B 821 60.27 -13.05 2.44
CA PRO B 821 61.52 -13.64 1.95
C PRO B 821 62.19 -13.01 0.74
N LEU B 822 61.67 -11.90 0.22
CA LEU B 822 62.45 -11.08 -0.68
C LEU B 822 63.71 -10.57 -0.02
N PHE B 823 63.62 -10.20 1.25
CA PHE B 823 64.75 -9.63 1.99
C PHE B 823 65.22 -10.53 3.12
N VAL B 824 64.33 -10.89 4.05
CA VAL B 824 64.70 -11.64 5.23
C VAL B 824 63.88 -12.92 5.29
N GLU B 825 64.53 -14.04 5.61
CA GLU B 825 63.82 -15.30 5.66
C GLU B 825 62.93 -15.37 6.90
N ILE B 826 61.87 -16.14 6.79
CA ILE B 826 60.89 -16.34 7.86
C ILE B 826 60.50 -17.81 7.88
N PRO B 827 59.93 -18.30 8.98
CA PRO B 827 59.41 -19.67 8.99
C PRO B 827 58.27 -19.84 8.00
N ALA B 828 58.20 -21.05 7.43
CA ALA B 828 57.18 -21.36 6.43
C ALA B 828 55.79 -21.36 7.05
N HIS B 829 55.69 -21.68 8.33
CA HIS B 829 54.39 -21.66 8.99
C HIS B 829 53.87 -20.24 9.13
N LEU B 830 54.75 -19.28 9.36
CA LEU B 830 54.31 -17.89 9.50
C LEU B 830 53.97 -17.30 8.14
N GLN B 831 54.70 -17.69 7.11
CA GLN B 831 54.52 -17.12 5.78
C GLN B 831 53.16 -17.49 5.20
N TRP B 832 52.78 -18.76 5.31
CA TRP B 832 51.50 -19.18 4.77
C TRP B 832 50.35 -18.87 5.71
N GLN B 833 50.63 -18.61 6.98
CA GLN B 833 49.57 -18.13 7.85
C GLN B 833 49.15 -16.72 7.46
N CYS B 834 50.12 -15.87 7.16
CA CYS B 834 49.80 -14.54 6.65
C CYS B 834 49.35 -14.61 5.20
N GLY B 835 49.70 -15.66 4.49
CA GLY B 835 49.21 -15.81 3.13
C GLY B 835 47.74 -16.14 3.07
N ALA B 836 47.27 -16.97 4.01
CA ALA B 836 45.87 -17.31 4.06
C ALA B 836 45.02 -16.13 4.48
N ILE B 837 45.55 -15.27 5.34
CA ILE B 837 44.82 -14.07 5.74
C ILE B 837 44.76 -13.08 4.59
N ALA B 838 45.86 -12.97 3.83
CA ALA B 838 45.93 -11.97 2.78
C ALA B 838 45.04 -12.33 1.60
N VAL B 839 45.09 -13.59 1.15
CA VAL B 839 44.32 -13.97 -0.01
C VAL B 839 42.85 -14.09 0.34
N TYR B 840 42.51 -14.27 1.61
CA TYR B 840 41.11 -14.23 1.97
C TYR B 840 40.61 -12.79 1.97
N PHE B 841 41.38 -11.88 2.54
CA PHE B 841 40.91 -10.52 2.68
C PHE B 841 41.06 -9.69 1.41
N TYR B 842 41.90 -10.12 0.46
CA TYR B 842 41.97 -9.42 -0.81
C TYR B 842 40.64 -9.49 -1.55
N TRP B 843 40.12 -10.69 -1.73
CA TRP B 843 38.89 -10.86 -2.47
C TRP B 843 37.68 -10.41 -1.68
N MET B 844 37.76 -10.36 -0.35
CA MET B 844 36.67 -9.77 0.41
C MET B 844 36.65 -8.26 0.24
N ASN B 845 37.81 -7.65 0.10
CA ASN B 845 37.85 -6.21 -0.07
C ASN B 845 37.62 -5.82 -1.52
N PHE B 846 37.95 -6.70 -2.45
CA PHE B 846 37.64 -6.45 -3.84
C PHE B 846 36.15 -6.46 -4.09
N LEU B 847 35.39 -7.10 -3.21
CA LEU B 847 33.94 -6.98 -3.23
C LEU B 847 33.50 -5.55 -2.95
N LEU B 848 34.26 -4.82 -2.15
CA LEU B 848 33.91 -3.44 -1.87
C LEU B 848 34.26 -2.51 -3.01
N TYR B 849 35.19 -2.88 -3.88
CA TYR B 849 35.56 -1.98 -4.96
C TYR B 849 34.59 -2.01 -6.12
N LEU B 850 33.71 -3.01 -6.17
CA LEU B 850 32.67 -3.02 -7.18
C LEU B 850 31.36 -2.48 -6.64
N GLN B 851 31.37 -1.97 -5.41
CA GLN B 851 30.23 -1.21 -4.91
C GLN B 851 30.07 0.08 -5.70
N ARG B 852 31.16 0.59 -6.23
CA ARG B 852 31.16 1.78 -7.09
C ARG B 852 30.92 1.42 -8.54
N PHE B 853 29.87 0.63 -8.76
CA PHE B 853 29.39 0.29 -10.08
C PHE B 853 27.88 0.39 -10.06
N GLU B 854 27.24 -0.08 -11.11
CA GLU B 854 25.79 0.02 -11.19
C GLU B 854 25.11 -1.33 -11.40
N ASN B 855 25.68 -2.20 -12.21
CA ASN B 855 25.02 -3.47 -12.52
C ASN B 855 25.12 -4.47 -11.40
N CYS B 856 26.19 -4.45 -10.61
CA CYS B 856 26.36 -5.38 -9.51
C CYS B 856 26.53 -4.68 -8.18
N GLY B 857 26.58 -3.36 -8.17
CA GLY B 857 26.82 -2.64 -6.94
C GLY B 857 25.66 -2.63 -5.98
N ILE B 858 24.45 -2.92 -6.46
CA ILE B 858 23.30 -2.93 -5.56
C ILE B 858 23.30 -4.16 -4.68
N PHE B 859 23.96 -5.25 -5.09
CA PHE B 859 24.02 -6.43 -4.25
C PHE B 859 24.98 -6.26 -3.09
N ILE B 860 25.97 -5.38 -3.23
CA ILE B 860 26.87 -5.12 -2.11
C ILE B 860 26.16 -4.28 -1.07
N VAL B 861 25.25 -3.40 -1.51
CA VAL B 861 24.44 -2.66 -0.56
C VAL B 861 23.46 -3.58 0.13
N MET B 862 22.93 -4.57 -0.59
CA MET B 862 22.08 -5.57 0.03
C MET B 862 22.87 -6.48 0.96
N LEU B 863 24.11 -6.78 0.59
CA LEU B 863 24.96 -7.60 1.45
C LEU B 863 25.36 -6.86 2.71
N GLU B 864 25.51 -5.53 2.62
CA GLU B 864 25.93 -4.77 3.79
C GLU B 864 24.78 -4.60 4.77
N VAL B 865 23.56 -4.43 4.27
CA VAL B 865 22.45 -4.18 5.17
C VAL B 865 21.99 -5.48 5.84
N ILE B 866 22.20 -6.63 5.19
CA ILE B 866 21.91 -7.90 5.83
C ILE B 866 22.96 -8.21 6.88
N LEU B 867 24.23 -7.91 6.57
CA LEU B 867 25.31 -8.13 7.52
C LEU B 867 25.22 -7.20 8.70
N LYS B 868 24.68 -5.99 8.52
CA LYS B 868 24.58 -5.06 9.63
C LYS B 868 23.52 -5.49 10.62
N THR B 869 22.41 -6.04 10.14
CA THR B 869 21.37 -6.49 11.04
C THR B 869 21.61 -7.89 11.55
N LEU B 870 22.64 -8.57 11.08
CA LEU B 870 23.06 -9.79 11.73
C LEU B 870 24.03 -9.51 12.86
N LEU B 871 24.90 -8.52 12.70
CA LEU B 871 25.76 -8.10 13.80
C LEU B 871 25.01 -7.28 14.83
N ARG B 872 23.81 -6.82 14.53
CA ARG B 872 23.01 -6.17 15.55
C ARG B 872 22.31 -7.17 16.44
N SER B 873 22.13 -8.40 15.97
CA SER B 873 21.53 -9.46 16.76
C SER B 873 22.55 -10.51 17.14
N THR B 874 23.80 -10.11 17.31
CA THR B 874 24.83 -11.11 17.57
C THR B 874 24.80 -11.61 19.00
N VAL B 875 24.27 -10.81 19.94
CA VAL B 875 24.24 -11.24 21.33
C VAL B 875 23.16 -12.29 21.54
N VAL B 876 22.12 -12.29 20.71
CA VAL B 876 21.13 -13.36 20.77
C VAL B 876 21.73 -14.66 20.26
N PHE B 877 22.65 -14.59 19.31
CA PHE B 877 23.36 -15.78 18.89
C PHE B 877 24.30 -16.28 19.96
N ILE B 878 24.98 -15.36 20.66
CA ILE B 878 25.93 -15.75 21.69
C ILE B 878 25.23 -16.45 22.84
N PHE B 879 24.06 -15.95 23.23
CA PHE B 879 23.39 -16.54 24.37
C PHE B 879 22.65 -17.80 24.00
N LEU B 880 22.27 -17.96 22.74
CA LEU B 880 21.68 -19.22 22.31
C LEU B 880 22.74 -20.29 22.17
N LEU B 881 23.92 -19.95 21.61
CA LEU B 881 24.99 -20.92 21.54
C LEU B 881 25.61 -21.20 22.88
N LEU B 882 25.51 -20.29 23.84
CA LEU B 882 25.97 -20.63 25.17
C LEU B 882 24.97 -21.51 25.90
N ALA B 883 23.69 -21.31 25.63
CA ALA B 883 22.67 -22.16 26.25
C ALA B 883 22.76 -23.58 25.72
N PHE B 884 22.75 -23.73 24.41
CA PHE B 884 22.77 -25.07 23.83
C PHE B 884 24.14 -25.69 23.86
N GLY B 885 25.19 -24.87 23.73
CA GLY B 885 26.53 -25.44 23.67
C GLY B 885 27.00 -25.95 25.01
N LEU B 886 26.69 -25.23 26.08
CA LEU B 886 27.12 -25.70 27.39
C LEU B 886 26.27 -26.86 27.88
N SER B 887 25.01 -26.92 27.46
CA SER B 887 24.19 -28.07 27.83
C SER B 887 24.60 -29.29 27.04
N PHE B 888 24.97 -29.12 25.77
CA PHE B 888 25.46 -30.26 25.00
C PHE B 888 26.83 -30.69 25.48
N TYR B 889 27.59 -29.78 26.06
CA TYR B 889 28.88 -30.16 26.64
C TYR B 889 28.70 -31.02 27.87
N ILE B 890 27.61 -30.83 28.61
CA ILE B 890 27.37 -31.64 29.78
C ILE B 890 26.76 -32.97 29.39
N LEU B 891 25.76 -32.95 28.51
CA LEU B 891 25.03 -34.16 28.18
C LEU B 891 25.87 -35.08 27.31
N LEU B 892 26.33 -34.59 26.16
CA LEU B 892 27.07 -35.42 25.24
C LEU B 892 28.57 -35.30 25.46
N ASN B 893 29.01 -35.44 26.71
CA ASN B 893 30.39 -35.14 27.05
C ASN B 893 31.35 -36.21 26.57
N LEU B 894 30.90 -37.45 26.47
CA LEU B 894 31.78 -38.54 26.10
C LEU B 894 32.10 -38.57 24.62
N GLN B 895 31.41 -37.78 23.81
CA GLN B 895 31.64 -37.77 22.38
C GLN B 895 32.68 -36.72 22.02
N ASP B 896 33.54 -37.07 21.08
CA ASP B 896 34.60 -36.17 20.64
C ASP B 896 34.15 -34.81 20.08
N PRO B 897 32.99 -34.65 19.43
CA PRO B 897 32.56 -33.28 19.11
C PRO B 897 32.27 -32.40 20.30
N PHE B 898 31.99 -32.97 21.47
CA PHE B 898 31.67 -32.18 22.66
C PHE B 898 32.63 -32.66 23.72
N SER B 899 33.85 -32.15 23.71
CA SER B 899 34.84 -32.57 24.68
C SER B 899 35.34 -31.43 25.52
N SER B 900 35.55 -30.27 24.93
CA SER B 900 35.85 -29.04 25.62
C SER B 900 34.64 -28.14 25.46
N PRO B 901 34.48 -27.12 26.31
CA PRO B 901 33.40 -26.16 26.07
C PRO B 901 33.57 -25.38 24.79
N LEU B 902 34.79 -25.14 24.35
CA LEU B 902 35.03 -24.33 23.17
C LEU B 902 34.91 -25.16 21.90
N LEU B 903 34.84 -26.48 22.00
CA LEU B 903 34.45 -27.29 20.87
C LEU B 903 32.99 -27.63 20.87
N SER B 904 32.30 -27.42 21.99
CA SER B 904 30.87 -27.63 22.03
C SER B 904 30.13 -26.46 21.39
N ILE B 905 30.69 -25.26 21.49
CA ILE B 905 30.02 -24.09 20.92
C ILE B 905 30.18 -24.07 19.41
N ILE B 906 31.35 -24.47 18.91
CA ILE B 906 31.59 -24.49 17.47
C ILE B 906 30.74 -25.56 16.81
N GLN B 907 30.58 -26.70 17.47
CA GLN B 907 29.72 -27.74 16.93
C GLN B 907 28.27 -27.32 16.96
N THR B 908 27.84 -26.65 18.04
CA THR B 908 26.50 -26.09 18.09
C THR B 908 26.33 -24.99 17.06
N PHE B 909 27.39 -24.25 16.79
CA PHE B 909 27.35 -23.28 15.69
C PHE B 909 27.31 -23.99 14.34
N SER B 910 27.86 -25.18 14.25
CA SER B 910 27.81 -25.91 13.00
C SER B 910 26.47 -26.60 12.81
N MET B 911 25.81 -26.97 13.91
CA MET B 911 24.48 -27.56 13.84
C MET B 911 23.39 -26.52 13.61
N MET B 912 23.76 -25.25 13.52
CA MET B 912 22.80 -24.16 13.38
C MET B 912 22.04 -24.24 12.07
N LEU B 913 22.69 -24.68 11.00
CA LEU B 913 22.05 -24.68 9.70
C LEU B 913 21.10 -25.84 9.48
N GLY B 914 21.04 -26.77 10.41
CA GLY B 914 20.30 -27.99 10.22
C GLY B 914 21.16 -29.21 10.02
N ASP B 915 22.45 -29.12 10.33
CA ASP B 915 23.37 -30.24 10.20
C ASP B 915 23.54 -30.94 11.55
N ILE B 916 22.44 -31.02 12.30
CA ILE B 916 22.39 -31.92 13.44
C ILE B 916 22.58 -33.33 12.93
N ASN B 917 23.55 -34.04 13.50
CA ASN B 917 23.86 -35.35 12.98
C ASN B 917 22.80 -36.37 13.37
N TYR B 918 22.53 -36.47 14.68
CA TYR B 918 21.48 -37.25 15.33
C TYR B 918 21.69 -38.76 15.25
N ARG B 919 22.50 -39.23 14.32
CA ARG B 919 22.74 -40.65 14.25
C ARG B 919 24.07 -41.00 14.91
N GLU B 920 25.13 -40.33 14.50
CA GLU B 920 26.41 -40.55 15.16
C GLU B 920 26.53 -39.81 16.48
N SER B 921 25.57 -38.94 16.80
CA SER B 921 25.62 -38.17 18.02
C SER B 921 24.51 -38.49 19.01
N PHE B 922 23.33 -38.85 18.53
CA PHE B 922 22.22 -39.08 19.44
C PHE B 922 21.69 -40.49 19.39
N LEU B 923 21.46 -41.04 18.20
CA LEU B 923 20.78 -42.33 18.12
C LEU B 923 21.70 -43.48 18.47
N GLU B 924 22.80 -43.62 17.73
CA GLU B 924 23.73 -44.71 17.97
C GLU B 924 24.45 -44.66 19.32
N PRO B 925 24.71 -43.48 19.93
CA PRO B 925 25.06 -43.53 21.35
C PRO B 925 23.95 -44.03 22.24
N TYR B 926 22.69 -43.76 21.91
CA TYR B 926 21.59 -44.18 22.76
C TYR B 926 21.38 -45.69 22.65
N LEU B 927 21.55 -46.25 21.46
CA LEU B 927 21.38 -47.68 21.30
C LEU B 927 22.55 -48.47 21.82
N ARG B 928 23.69 -47.83 22.06
CA ARG B 928 24.82 -48.48 22.69
C ARG B 928 24.91 -48.18 24.17
N ASN B 929 23.88 -47.54 24.73
CA ASN B 929 23.82 -47.10 26.13
C ASN B 929 25.00 -46.20 26.49
N GLU B 930 25.40 -45.36 25.54
CA GLU B 930 26.50 -44.44 25.77
C GLU B 930 26.03 -43.05 26.12
N LEU B 931 24.73 -42.81 26.14
CA LEU B 931 24.21 -41.54 26.60
C LEU B 931 24.08 -41.57 28.11
N ALA B 932 24.68 -40.58 28.78
CA ALA B 932 24.58 -40.52 30.24
C ALA B 932 23.19 -40.12 30.67
N HIS B 933 22.65 -39.06 30.05
CA HIS B 933 21.29 -38.60 30.33
C HIS B 933 20.50 -38.73 29.03
N PRO B 934 19.86 -39.87 28.79
CA PRO B 934 19.20 -40.11 27.51
C PRO B 934 17.98 -39.26 27.29
N VAL B 935 17.14 -39.14 28.32
CA VAL B 935 15.88 -38.42 28.16
C VAL B 935 16.14 -36.92 28.07
N LEU B 936 17.18 -36.40 28.71
CA LEU B 936 17.51 -35.00 28.55
C LEU B 936 18.17 -34.71 27.22
N SER B 937 18.92 -35.67 26.68
CA SER B 937 19.63 -35.42 25.43
C SER B 937 18.66 -35.33 24.27
N PHE B 938 17.63 -36.18 24.26
CA PHE B 938 16.62 -36.08 23.22
C PHE B 938 15.74 -34.87 23.43
N ALA B 939 15.52 -34.47 24.67
CA ALA B 939 14.76 -33.25 24.94
C ALA B 939 15.55 -32.03 24.53
N GLN B 940 16.87 -32.05 24.73
CA GLN B 940 17.69 -30.96 24.25
C GLN B 940 17.81 -30.96 22.74
N LEU B 941 17.74 -32.14 22.13
CA LEU B 941 17.77 -32.25 20.68
C LEU B 941 16.53 -31.64 20.04
N VAL B 942 15.37 -31.94 20.61
CA VAL B 942 14.12 -31.42 20.07
C VAL B 942 14.04 -29.92 20.29
N SER B 943 14.44 -29.45 21.46
CA SER B 943 14.39 -28.02 21.73
C SER B 943 15.44 -27.25 20.96
N PHE B 944 16.55 -27.90 20.62
CA PHE B 944 17.52 -27.24 19.75
C PHE B 944 16.95 -27.10 18.35
N THR B 945 16.41 -28.20 17.81
CA THR B 945 15.92 -28.22 16.44
C THR B 945 14.76 -27.27 16.22
N ILE B 946 13.94 -27.07 17.25
CA ILE B 946 12.87 -26.08 17.15
C ILE B 946 13.45 -24.68 17.15
N PHE B 947 14.39 -24.41 18.05
CA PHE B 947 14.84 -23.04 18.25
C PHE B 947 15.78 -22.58 17.15
N VAL B 948 16.93 -23.24 17.00
CA VAL B 948 17.98 -22.64 16.18
C VAL B 948 17.81 -22.88 14.69
N PRO B 949 17.62 -24.12 14.15
CA PRO B 949 17.49 -24.23 12.70
C PRO B 949 16.13 -23.82 12.19
N ILE B 950 15.10 -23.98 13.02
CA ILE B 950 13.76 -23.65 12.56
C ILE B 950 13.45 -22.20 12.91
N VAL B 951 13.41 -21.85 14.20
CA VAL B 951 12.89 -20.55 14.58
C VAL B 951 13.92 -19.46 14.33
N LEU B 952 15.17 -19.69 14.74
CA LEU B 952 16.18 -18.65 14.61
C LEU B 952 16.57 -18.41 13.17
N MET B 953 16.65 -19.47 12.37
CA MET B 953 17.02 -19.29 10.98
C MET B 953 15.88 -18.72 10.16
N ASN B 954 14.63 -18.97 10.55
CA ASN B 954 13.54 -18.30 9.87
C ASN B 954 13.43 -16.86 10.29
N LEU B 955 13.96 -16.50 11.46
CA LEU B 955 14.01 -15.10 11.84
C LEU B 955 15.01 -14.34 10.98
N LEU B 956 16.14 -14.97 10.66
CA LEU B 956 17.12 -14.29 9.82
C LEU B 956 16.65 -14.21 8.38
N ILE B 957 15.84 -15.15 7.94
CA ILE B 957 15.27 -15.08 6.59
C ILE B 957 14.28 -13.94 6.51
N GLY B 958 13.35 -13.89 7.46
CA GLY B 958 12.35 -12.83 7.49
C GLY B 958 12.92 -11.46 7.76
N LEU B 959 14.07 -11.38 8.44
CA LEU B 959 14.77 -10.11 8.52
C LEU B 959 15.35 -9.73 7.17
N ALA B 960 15.87 -10.71 6.43
CA ALA B 960 16.51 -10.40 5.16
C ALA B 960 15.51 -10.08 4.08
N VAL B 961 14.28 -10.58 4.19
CA VAL B 961 13.27 -10.26 3.20
C VAL B 961 12.84 -8.81 3.33
N GLY B 962 12.63 -8.35 4.57
CA GLY B 962 12.29 -6.95 4.77
C GLY B 962 13.44 -6.01 4.47
N ASP B 963 14.67 -6.47 4.68
CA ASP B 963 15.82 -5.62 4.43
C ASP B 963 16.11 -5.47 2.95
N ILE B 964 15.79 -6.49 2.16
CA ILE B 964 15.97 -6.35 0.73
C ILE B 964 14.82 -5.56 0.13
N ALA B 965 13.66 -5.60 0.77
CA ALA B 965 12.47 -4.96 0.22
C ALA B 965 12.59 -3.44 0.23
N ASP B 966 13.08 -2.86 1.33
CA ASP B 966 13.24 -1.42 1.33
C ASP B 966 14.52 -0.97 0.67
N VAL B 967 15.45 -1.88 0.37
CA VAL B 967 16.56 -1.49 -0.48
C VAL B 967 16.11 -1.44 -1.93
N GLN B 968 15.36 -2.45 -2.37
CA GLN B 968 14.82 -2.44 -3.71
C GLN B 968 13.74 -1.39 -3.92
N LYS B 969 13.14 -0.89 -2.85
CA LYS B 969 12.20 0.21 -3.00
C LYS B 969 12.91 1.49 -3.41
N HIS B 970 14.14 1.68 -2.96
CA HIS B 970 14.92 2.85 -3.31
C HIS B 970 16.12 2.49 -4.17
N ALA B 971 16.05 1.39 -4.91
CA ALA B 971 17.23 0.89 -5.61
C ALA B 971 17.57 1.73 -6.83
N SER B 972 16.55 2.18 -7.57
CA SER B 972 16.79 2.98 -8.75
C SER B 972 17.39 4.33 -8.42
N LEU B 973 17.05 4.87 -7.25
CA LEU B 973 17.67 6.11 -6.82
C LEU B 973 19.02 5.87 -6.19
N LYS B 974 19.24 4.68 -5.63
CA LYS B 974 20.47 4.41 -4.88
C LYS B 974 21.67 4.33 -5.81
N ARG B 975 21.50 3.71 -6.98
CA ARG B 975 22.63 3.58 -7.89
C ARG B 975 22.99 4.91 -8.52
N ILE B 976 22.02 5.78 -8.73
CA ILE B 976 22.32 7.10 -9.26
C ILE B 976 22.94 7.97 -8.18
N ALA B 977 22.46 7.84 -6.95
CA ALA B 977 23.04 8.62 -5.85
C ALA B 977 24.44 8.14 -5.50
N MET B 978 24.74 6.86 -5.75
CA MET B 978 26.10 6.40 -5.56
C MET B 978 27.02 6.92 -6.63
N GLN B 979 26.53 7.10 -7.86
CA GLN B 979 27.34 7.69 -8.91
C GLN B 979 27.57 9.17 -8.66
N VAL B 980 26.56 9.86 -8.13
CA VAL B 980 26.69 11.28 -7.86
C VAL B 980 27.65 11.53 -6.72
N GLU B 981 27.52 10.75 -5.65
CA GLU B 981 28.40 10.87 -4.50
C GLU B 981 29.83 10.47 -4.83
N LEU B 982 30.01 9.61 -5.83
CA LEU B 982 31.35 9.28 -6.30
C LEU B 982 32.01 10.50 -6.92
N HIS B 983 31.35 11.10 -7.91
CA HIS B 983 31.93 12.23 -8.63
C HIS B 983 32.01 13.47 -7.77
N THR B 984 31.10 13.61 -6.80
CA THR B 984 31.16 14.74 -5.89
C THR B 984 32.38 14.65 -4.98
N SER B 985 32.66 13.47 -4.46
CA SER B 985 33.82 13.30 -3.62
C SER B 985 35.11 13.29 -4.42
N LEU B 986 35.04 12.95 -5.71
CA LEU B 986 36.23 12.92 -6.53
C LEU B 986 36.72 14.32 -6.83
N GLU B 987 35.87 15.16 -7.39
CA GLU B 987 36.31 16.50 -7.75
C GLU B 987 36.30 17.46 -6.58
N LYS B 988 35.94 17.01 -5.39
CA LYS B 988 36.19 17.82 -4.21
C LYS B 988 37.66 17.82 -3.84
N LYS B 989 38.38 16.77 -4.21
CA LYS B 989 39.80 16.68 -3.95
C LYS B 989 40.66 16.88 -5.19
N LEU B 990 40.06 17.00 -6.35
CA LEU B 990 40.82 17.25 -7.56
C LEU B 990 41.22 18.72 -7.63
N PRO B 991 42.35 19.04 -8.27
CA PRO B 991 42.74 20.44 -8.41
C PRO B 991 41.85 21.16 -9.42
N LEU B 992 41.75 22.46 -9.23
CA LEU B 992 40.81 23.26 -10.01
C LEU B 992 41.27 23.43 -11.45
N TRP B 993 42.58 23.51 -11.69
CA TRP B 993 43.08 23.64 -13.04
C TRP B 993 42.84 22.36 -13.84
N PHE B 994 42.87 21.20 -13.17
CA PHE B 994 42.57 19.96 -13.86
C PHE B 994 41.09 19.87 -14.19
N LEU B 995 40.24 20.36 -13.29
CA LEU B 995 38.80 20.35 -13.54
C LEU B 995 38.42 21.30 -14.65
N ARG B 996 39.18 22.38 -14.82
CA ARG B 996 38.95 23.27 -15.95
C ARG B 996 39.30 22.60 -17.26
N LYS B 997 40.28 21.70 -17.25
CA LYS B 997 40.72 21.05 -18.47
C LYS B 997 39.74 19.99 -18.94
N VAL B 998 39.26 19.16 -18.02
CA VAL B 998 38.46 18.01 -18.43
C VAL B 998 36.98 18.32 -18.58
N ASP B 999 36.49 19.37 -17.94
CA ASP B 999 35.07 19.71 -18.06
C ASP B 999 34.83 20.35 -19.41
N GLN B 1000 33.69 20.00 -20.03
CA GLN B 1000 33.36 20.54 -21.32
C GLN B 1000 31.96 21.13 -21.42
N LYS B 1001 31.07 20.84 -20.47
CA LYS B 1001 29.83 21.58 -20.17
C LYS B 1001 28.77 21.56 -21.28
N SER B 1002 29.08 20.95 -22.42
CA SER B 1002 28.13 20.82 -23.52
C SER B 1002 28.63 19.71 -24.43
N THR B 1003 27.88 18.63 -24.55
CA THR B 1003 28.27 17.52 -25.41
C THR B 1003 27.30 17.37 -26.57
N ILE B 1004 27.84 16.96 -27.71
CA ILE B 1004 27.08 16.74 -28.92
C ILE B 1004 27.04 15.25 -29.19
N VAL B 1005 25.85 14.69 -29.30
CA VAL B 1005 25.66 13.25 -29.47
C VAL B 1005 25.01 13.02 -30.82
N TYR B 1006 25.67 12.22 -31.66
CA TYR B 1006 25.12 11.83 -32.94
C TYR B 1006 24.43 10.49 -32.77
N PRO B 1007 23.11 10.41 -32.88
CA PRO B 1007 22.44 9.13 -32.61
C PRO B 1007 22.62 8.10 -33.71
N ASN B 1008 22.56 8.52 -34.97
CA ASN B 1008 22.56 7.59 -36.09
C ASN B 1008 23.88 7.56 -36.85
N LYS B 1009 24.85 8.39 -36.48
CA LYS B 1009 26.11 8.42 -37.22
C LYS B 1009 27.05 7.26 -36.89
N PRO B 1010 27.31 6.92 -35.60
CA PRO B 1010 28.17 5.74 -35.49
C PRO B 1010 27.38 4.44 -35.50
N SER B 1039 3.40 9.61 -6.39
CA SER B 1039 2.57 9.52 -7.59
C SER B 1039 1.11 9.65 -7.23
N LEU B 1040 0.81 9.42 -5.96
CA LEU B 1040 -0.56 9.55 -5.45
C LEU B 1040 -0.68 10.59 -4.35
N GLU B 1041 0.30 10.66 -3.45
CA GLU B 1041 0.29 11.71 -2.43
C GLU B 1041 0.52 13.07 -3.06
N MET B 1042 1.20 13.14 -4.20
CA MET B 1042 1.32 14.39 -4.92
C MET B 1042 -0.01 14.79 -5.54
N GLU B 1043 -0.86 13.83 -5.85
CA GLU B 1043 -2.19 14.15 -6.38
C GLU B 1043 -3.09 14.71 -5.29
N ILE B 1044 -2.94 14.22 -4.06
CA ILE B 1044 -3.75 14.72 -2.96
C ILE B 1044 -3.31 16.12 -2.57
N LEU B 1045 -2.01 16.40 -2.58
CA LEU B 1045 -1.54 17.72 -2.22
C LEU B 1045 -1.84 18.74 -3.30
N LYS B 1046 -1.94 18.30 -4.56
CA LYS B 1046 -2.44 19.20 -5.60
C LYS B 1046 -3.92 19.48 -5.40
N GLN B 1047 -4.66 18.48 -4.92
CA GLN B 1047 -6.09 18.66 -4.73
C GLN B 1047 -6.39 19.49 -3.49
N LYS B 1048 -5.53 19.43 -2.48
CA LYS B 1048 -5.74 20.23 -1.28
C LYS B 1048 -5.54 21.71 -1.57
N TYR B 1049 -4.55 22.04 -2.38
CA TYR B 1049 -4.35 23.43 -2.77
C TYR B 1049 -5.43 23.90 -3.73
N ARG B 1050 -5.95 22.99 -4.55
CA ARG B 1050 -7.06 23.35 -5.43
C ARG B 1050 -8.37 23.47 -4.67
N LEU B 1051 -8.43 22.98 -3.43
CA LEU B 1051 -9.60 23.19 -2.59
C LEU B 1051 -9.40 24.35 -1.65
N LYS B 1052 -8.15 24.67 -1.29
CA LYS B 1052 -7.91 25.75 -0.35
C LYS B 1052 -8.19 27.11 -0.97
N ASP B 1053 -7.93 27.27 -2.26
CA ASP B 1053 -8.31 28.51 -2.91
C ASP B 1053 -9.76 28.52 -3.31
N LEU B 1054 -10.39 27.35 -3.38
CA LEU B 1054 -11.81 27.29 -3.70
C LEU B 1054 -12.63 27.80 -2.53
N THR B 1055 -12.28 27.38 -1.32
CA THR B 1055 -12.96 27.93 -0.16
C THR B 1055 -12.54 29.36 0.13
N PHE B 1056 -11.39 29.79 -0.38
CA PHE B 1056 -11.04 31.20 -0.26
C PHE B 1056 -11.87 32.04 -1.21
N LEU B 1057 -12.18 31.51 -2.38
CA LEU B 1057 -13.01 32.22 -3.33
C LEU B 1057 -14.45 32.27 -2.85
N LEU B 1058 -14.93 31.19 -2.23
CA LEU B 1058 -16.31 31.12 -1.79
C LEU B 1058 -16.56 32.06 -0.62
N GLU B 1059 -15.58 32.21 0.27
CA GLU B 1059 -15.72 33.19 1.35
C GLU B 1059 -15.69 34.61 0.80
N LYS B 1060 -14.85 34.86 -0.21
CA LYS B 1060 -14.87 36.16 -0.87
C LYS B 1060 -16.17 36.37 -1.62
N GLN B 1061 -16.74 35.29 -2.14
CA GLN B 1061 -18.03 35.37 -2.81
C GLN B 1061 -19.15 35.62 -1.82
N HIS B 1062 -19.01 35.10 -0.61
CA HIS B 1062 -20.10 35.19 0.36
C HIS B 1062 -20.28 36.61 0.88
N GLU B 1063 -19.19 37.36 1.02
CA GLU B 1063 -19.31 38.74 1.47
C GLU B 1063 -19.89 39.63 0.40
N LEU B 1064 -19.75 39.25 -0.87
CA LEU B 1064 -20.37 40.01 -1.93
C LEU B 1064 -21.88 39.85 -1.90
N ILE B 1065 -22.36 38.63 -1.67
CA ILE B 1065 -23.79 38.37 -1.62
C ILE B 1065 -24.38 38.99 -0.36
N LYS B 1066 -23.61 39.00 0.72
CA LYS B 1066 -24.01 39.73 1.91
C LYS B 1066 -24.06 41.22 1.66
N LEU B 1067 -23.25 41.72 0.73
CA LEU B 1067 -23.31 43.13 0.39
C LEU B 1067 -24.52 43.43 -0.48
N ILE B 1068 -24.94 42.47 -1.30
CA ILE B 1068 -26.09 42.68 -2.19
C ILE B 1068 -27.35 42.90 -1.37
N ILE B 1069 -27.57 42.05 -0.37
CA ILE B 1069 -28.74 42.21 0.50
C ILE B 1069 -28.60 43.45 1.35
N GLN B 1070 -27.38 43.84 1.66
CA GLN B 1070 -27.13 45.03 2.45
C GLN B 1070 -27.50 46.29 1.68
N LYS B 1071 -27.28 46.29 0.37
CA LYS B 1071 -27.57 47.44 -0.48
C LYS B 1071 -28.49 46.96 -1.60
N MET B 1072 -29.80 47.00 -1.35
CA MET B 1072 -30.75 46.48 -2.32
C MET B 1072 -32.03 47.26 -2.18
N GLU B 1073 -32.70 47.48 -3.30
CA GLU B 1073 -33.98 48.14 -3.26
C GLU B 1073 -35.05 47.12 -2.92
N ILE B 1074 -35.77 47.37 -1.83
CA ILE B 1074 -36.88 46.55 -1.40
C ILE B 1074 -38.02 47.52 -1.11
N ILE B 1075 -39.01 47.56 -2.00
CA ILE B 1075 -40.24 48.28 -1.75
C ILE B 1075 -41.44 47.36 -1.79
N SER B 1076 -41.51 46.47 -2.79
CA SER B 1076 -42.67 45.60 -2.92
C SER B 1076 -42.73 44.53 -1.84
N GLU B 1077 -41.58 44.16 -1.27
CA GLU B 1077 -41.49 43.06 -0.31
C GLU B 1077 -41.14 43.54 1.09
N THR B 1078 -41.76 44.62 1.54
CA THR B 1078 -41.48 45.18 2.85
C THR B 1078 -42.46 44.72 3.92
N GLU B 1079 -43.05 43.53 3.74
CA GLU B 1079 -44.03 42.92 4.65
C GLU B 1079 -45.21 43.82 4.97
N LYS C 447 -50.91 34.67 -14.81
CA LYS C 447 -50.57 33.26 -14.92
C LYS C 447 -49.08 33.07 -14.76
N SER C 448 -48.34 33.40 -15.82
CA SER C 448 -46.89 33.48 -15.72
C SER C 448 -46.38 34.48 -14.68
N PRO C 449 -47.07 35.58 -14.34
CA PRO C 449 -46.68 36.28 -13.10
C PRO C 449 -46.87 35.45 -11.85
N LEU C 450 -47.95 34.69 -11.77
CA LEU C 450 -48.18 33.90 -10.56
C LEU C 450 -47.27 32.69 -10.51
N HIS C 451 -46.98 32.08 -11.66
CA HIS C 451 -46.09 30.94 -11.69
C HIS C 451 -44.66 31.34 -11.36
N PHE C 452 -44.28 32.58 -11.66
CA PHE C 452 -42.94 33.03 -11.30
C PHE C 452 -42.87 33.43 -9.84
N ALA C 453 -43.89 34.15 -9.35
CA ALA C 453 -43.83 34.68 -7.99
C ALA C 453 -43.99 33.58 -6.96
N ALA C 454 -44.77 32.54 -7.27
CA ALA C 454 -44.90 31.44 -6.32
C ALA C 454 -43.66 30.56 -6.34
N SER C 455 -42.99 30.46 -7.48
CA SER C 455 -41.82 29.59 -7.56
C SER C 455 -40.63 30.14 -6.80
N TYR C 456 -40.59 31.45 -6.57
CA TYR C 456 -39.43 32.07 -5.93
C TYR C 456 -39.81 32.80 -4.66
N GLY C 457 -40.95 32.45 -4.07
CA GLY C 457 -41.28 32.89 -2.73
C GLY C 457 -41.65 34.35 -2.60
N ARG C 458 -41.87 35.05 -3.71
CA ARG C 458 -42.25 36.45 -3.63
C ARG C 458 -43.69 36.55 -3.16
N ILE C 459 -43.88 36.55 -1.84
CA ILE C 459 -45.20 36.34 -1.28
C ILE C 459 -46.09 37.58 -1.42
N ASN C 460 -45.50 38.78 -1.38
CA ASN C 460 -46.30 39.99 -1.52
C ASN C 460 -46.78 40.17 -2.95
N THR C 461 -46.02 39.66 -3.92
CA THR C 461 -46.51 39.62 -5.28
C THR C 461 -47.68 38.64 -5.41
N CYS C 462 -47.63 37.54 -4.67
CA CYS C 462 -48.73 36.59 -4.70
C CYS C 462 -49.96 37.10 -3.99
N GLN C 463 -49.80 37.97 -3.00
CA GLN C 463 -50.96 38.55 -2.34
C GLN C 463 -51.65 39.56 -3.24
N ARG C 464 -50.87 40.33 -4.00
CA ARG C 464 -51.45 41.26 -4.96
C ARG C 464 -51.91 40.59 -6.23
N LEU C 465 -51.70 39.28 -6.37
CA LEU C 465 -52.24 38.55 -7.50
C LEU C 465 -53.48 37.75 -7.13
N LEU C 466 -53.66 37.46 -5.84
CA LEU C 466 -54.77 36.62 -5.38
C LEU C 466 -55.72 37.35 -4.46
N GLN C 467 -55.61 38.67 -4.33
CA GLN C 467 -56.62 39.40 -3.59
C GLN C 467 -57.90 39.55 -4.40
N ASP C 468 -57.83 39.36 -5.71
CA ASP C 468 -59.02 39.28 -6.54
C ASP C 468 -59.71 37.96 -6.29
N ILE C 469 -60.72 37.97 -5.41
CA ILE C 469 -61.39 36.75 -4.99
C ILE C 469 -62.32 36.24 -6.09
N SER C 470 -62.78 35.00 -5.92
CA SER C 470 -63.69 34.31 -6.85
C SER C 470 -63.09 34.18 -8.25
N ASP C 471 -61.78 33.98 -8.32
CA ASP C 471 -61.07 33.74 -9.58
C ASP C 471 -60.11 32.59 -9.31
N THR C 472 -60.57 31.36 -9.52
CA THR C 472 -59.83 30.17 -9.14
C THR C 472 -59.39 29.33 -10.33
N ARG C 473 -59.55 29.83 -11.56
CA ARG C 473 -59.06 29.07 -12.71
C ARG C 473 -57.56 29.18 -12.81
N LEU C 474 -57.01 30.36 -12.51
CA LEU C 474 -55.58 30.59 -12.58
C LEU C 474 -54.85 30.07 -11.35
N LEU C 475 -55.55 29.91 -10.23
CA LEU C 475 -54.93 29.42 -9.00
C LEU C 475 -54.52 27.96 -9.12
N ASN C 476 -55.24 27.18 -9.93
CA ASN C 476 -54.92 25.77 -10.13
C ASN C 476 -54.46 25.48 -11.54
N GLU C 477 -54.19 26.51 -12.33
CA GLU C 477 -53.70 26.31 -13.68
C GLU C 477 -52.25 25.80 -13.65
N GLY C 478 -51.98 24.80 -14.48
CA GLY C 478 -50.65 24.23 -14.55
C GLY C 478 -49.87 24.77 -15.74
N ASP C 479 -48.55 24.69 -15.63
CA ASP C 479 -47.66 25.17 -16.67
C ASP C 479 -47.46 24.07 -17.71
N LEU C 480 -46.44 24.20 -18.56
CA LEU C 480 -46.13 23.21 -19.58
C LEU C 480 -45.75 21.85 -18.99
N HIS C 481 -45.29 21.80 -17.74
CA HIS C 481 -45.07 20.55 -17.06
C HIS C 481 -46.21 20.19 -16.13
N GLY C 482 -47.31 20.93 -16.20
CA GLY C 482 -48.48 20.63 -15.40
C GLY C 482 -48.41 21.05 -13.95
N MET C 483 -47.33 21.70 -13.53
CA MET C 483 -47.18 22.09 -12.14
C MET C 483 -48.06 23.29 -11.83
N THR C 484 -48.92 23.14 -10.84
CA THR C 484 -49.68 24.26 -10.30
C THR C 484 -48.73 25.15 -9.49
N PRO C 485 -49.15 26.39 -9.19
CA PRO C 485 -48.39 27.20 -8.23
C PRO C 485 -48.17 26.57 -6.87
N LEU C 486 -49.02 25.65 -6.44
CA LEU C 486 -48.74 24.88 -5.24
C LEU C 486 -47.53 23.98 -5.43
N HIS C 487 -47.36 23.42 -6.63
CA HIS C 487 -46.20 22.59 -6.88
C HIS C 487 -44.93 23.42 -6.92
N LEU C 488 -44.98 24.59 -7.54
CA LEU C 488 -43.79 25.41 -7.68
C LEU C 488 -43.37 26.00 -6.35
N ALA C 489 -44.33 26.35 -5.50
CA ALA C 489 -43.99 26.89 -4.19
C ALA C 489 -43.39 25.83 -3.29
N ALA C 490 -43.87 24.59 -3.42
CA ALA C 490 -43.33 23.52 -2.60
C ALA C 490 -42.06 22.93 -3.16
N LYS C 491 -41.81 23.08 -4.46
CA LYS C 491 -40.59 22.54 -5.04
C LYS C 491 -39.38 23.31 -4.56
N ASN C 492 -39.46 24.63 -4.57
CA ASN C 492 -38.39 25.47 -4.03
C ASN C 492 -38.52 25.68 -2.53
N GLY C 493 -39.57 25.16 -1.92
CA GLY C 493 -39.67 25.13 -0.48
C GLY C 493 -39.90 26.45 0.19
N HIS C 494 -40.94 27.15 -0.22
CA HIS C 494 -41.32 28.42 0.37
C HIS C 494 -42.58 28.18 1.18
N ASP C 495 -42.40 28.00 2.48
CA ASP C 495 -43.49 27.55 3.33
C ASP C 495 -44.53 28.62 3.57
N LYS C 496 -44.14 29.89 3.54
CA LYS C 496 -45.11 30.95 3.80
C LYS C 496 -46.04 31.15 2.62
N VAL C 497 -45.53 31.07 1.40
CA VAL C 497 -46.42 31.22 0.26
C VAL C 497 -47.16 29.93 -0.02
N VAL C 498 -46.64 28.78 0.42
CA VAL C 498 -47.42 27.55 0.27
C VAL C 498 -48.51 27.50 1.33
N GLN C 499 -48.38 28.26 2.40
CA GLN C 499 -49.48 28.41 3.34
C GLN C 499 -50.55 29.33 2.77
N LEU C 500 -50.14 30.29 1.95
CA LEU C 500 -51.08 31.24 1.37
C LEU C 500 -51.97 30.59 0.33
N LEU C 501 -51.42 29.71 -0.48
CA LEU C 501 -52.21 29.04 -1.50
C LEU C 501 -53.20 28.07 -0.89
N LEU C 502 -52.80 27.41 0.20
CA LEU C 502 -53.73 26.54 0.91
C LEU C 502 -54.75 27.33 1.70
N LYS C 503 -54.46 28.58 2.03
CA LYS C 503 -55.44 29.43 2.67
C LYS C 503 -56.54 29.83 1.69
N LYS C 504 -56.24 29.85 0.40
CA LYS C 504 -57.23 30.10 -0.63
C LYS C 504 -57.84 28.80 -1.16
N GLY C 505 -57.00 27.82 -1.45
CA GLY C 505 -57.47 26.54 -1.93
C GLY C 505 -56.70 26.11 -3.15
N ALA C 506 -56.12 24.93 -3.12
CA ALA C 506 -55.23 24.50 -4.18
C ALA C 506 -55.51 23.10 -4.71
N LEU C 507 -56.35 22.31 -4.04
CA LEU C 507 -56.90 21.02 -4.46
C LEU C 507 -55.89 19.89 -4.58
N PHE C 508 -54.60 20.15 -4.40
CA PHE C 508 -53.52 19.15 -4.36
C PHE C 508 -53.48 18.29 -5.62
N LEU C 509 -53.43 18.96 -6.76
CA LEU C 509 -53.46 18.25 -8.02
C LEU C 509 -52.13 17.57 -8.28
N SER C 510 -52.13 16.71 -9.28
CA SER C 510 -50.93 16.01 -9.71
C SER C 510 -50.52 16.52 -11.08
N ASP C 511 -49.23 16.73 -11.26
CA ASP C 511 -48.72 17.26 -12.51
C ASP C 511 -48.43 16.10 -13.46
N HIS C 512 -47.70 16.37 -14.54
CA HIS C 512 -47.12 15.31 -15.32
C HIS C 512 -46.05 14.63 -14.49
N ASN C 513 -46.04 13.29 -14.54
CA ASN C 513 -45.42 12.27 -13.67
C ASN C 513 -46.22 12.11 -12.39
N GLY C 514 -47.32 12.83 -12.21
CA GLY C 514 -48.25 12.53 -11.14
C GLY C 514 -47.81 12.98 -9.76
N TRP C 515 -46.89 13.92 -9.67
CA TRP C 515 -46.41 14.36 -8.37
C TRP C 515 -47.36 15.38 -7.78
N THR C 516 -47.66 15.25 -6.50
CA THR C 516 -48.38 16.31 -5.83
C THR C 516 -47.37 17.30 -5.28
N ALA C 517 -47.84 18.23 -4.44
CA ALA C 517 -46.92 19.17 -3.81
C ALA C 517 -46.03 18.48 -2.78
N LEU C 518 -46.52 17.41 -2.17
CA LEU C 518 -45.73 16.72 -1.16
C LEU C 518 -44.60 15.92 -1.77
N HIS C 519 -44.74 15.49 -3.02
CA HIS C 519 -43.61 14.85 -3.67
C HIS C 519 -42.50 15.85 -3.94
N HIS C 520 -42.86 17.10 -4.25
CA HIS C 520 -41.85 18.10 -4.52
C HIS C 520 -41.22 18.61 -3.24
N ALA C 521 -42.01 18.77 -2.18
CA ALA C 521 -41.48 19.29 -0.93
C ALA C 521 -40.60 18.27 -0.24
N SER C 522 -40.89 16.98 -0.43
CA SER C 522 -40.03 15.96 0.14
C SER C 522 -38.74 15.82 -0.65
N MET C 523 -38.82 15.85 -1.98
CA MET C 523 -37.61 15.85 -2.77
C MET C 523 -36.99 17.24 -2.70
N GLY C 524 -36.17 17.46 -1.67
CA GLY C 524 -35.68 18.78 -1.36
C GLY C 524 -35.59 18.95 0.14
N GLY C 525 -36.37 18.17 0.86
CA GLY C 525 -36.26 18.12 2.31
C GLY C 525 -36.74 19.36 3.01
N TYR C 526 -37.67 20.09 2.42
CA TYR C 526 -38.20 21.29 3.05
C TYR C 526 -39.25 20.84 4.05
N THR C 527 -38.78 20.50 5.26
CA THR C 527 -39.66 19.97 6.29
C THR C 527 -40.62 21.02 6.79
N GLN C 528 -40.22 22.30 6.75
CA GLN C 528 -41.15 23.35 7.15
C GLN C 528 -42.25 23.53 6.10
N THR C 529 -41.95 23.27 4.84
CA THR C 529 -42.99 23.26 3.81
C THR C 529 -43.83 22.00 3.92
N MET C 530 -43.20 20.86 4.24
CA MET C 530 -43.93 19.62 4.41
C MET C 530 -44.85 19.68 5.63
N LYS C 531 -44.48 20.47 6.64
CA LYS C 531 -45.28 20.53 7.85
C LYS C 531 -46.61 21.23 7.62
N VAL C 532 -46.59 22.37 6.91
CA VAL C 532 -47.82 23.12 6.70
C VAL C 532 -48.71 22.41 5.67
N ILE C 533 -48.12 21.63 4.78
CA ILE C 533 -48.91 20.83 3.85
C ILE C 533 -49.63 19.72 4.60
N LEU C 534 -48.94 19.06 5.52
CA LEU C 534 -49.50 17.93 6.25
C LEU C 534 -50.48 18.32 7.34
N ASP C 535 -50.75 19.61 7.54
CA ASP C 535 -51.70 20.03 8.56
C ASP C 535 -53.02 20.50 7.97
N THR C 536 -53.25 20.26 6.68
CA THR C 536 -54.48 20.73 6.05
C THR C 536 -55.56 19.65 5.99
N ASN C 537 -55.30 18.56 5.28
CA ASN C 537 -56.34 17.57 5.03
C ASN C 537 -55.92 16.12 5.20
N LEU C 538 -54.62 15.81 5.10
CA LEU C 538 -54.03 14.46 5.07
C LEU C 538 -54.52 13.60 3.91
N LYS C 539 -55.15 14.20 2.90
CA LYS C 539 -55.58 13.44 1.74
C LYS C 539 -54.47 13.28 0.70
N CYS C 540 -53.37 14.00 0.87
CA CYS C 540 -52.28 14.01 -0.09
C CYS C 540 -51.08 13.19 0.35
N THR C 541 -51.07 12.72 1.61
CA THR C 541 -49.89 12.07 2.15
C THR C 541 -49.66 10.66 1.62
N ASP C 542 -50.60 10.08 0.89
CA ASP C 542 -50.45 8.71 0.42
C ASP C 542 -50.59 8.61 -1.09
N ARG C 543 -50.33 9.69 -1.80
CA ARG C 543 -50.50 9.67 -3.24
C ARG C 543 -49.32 8.99 -3.91
N LEU C 544 -49.51 8.65 -5.17
CA LEU C 544 -48.54 7.88 -5.93
C LEU C 544 -48.18 8.61 -7.20
N ASP C 545 -46.93 8.48 -7.62
CA ASP C 545 -46.49 9.08 -8.88
C ASP C 545 -46.71 8.05 -10.00
N GLU C 546 -46.11 8.28 -11.17
CA GLU C 546 -46.26 7.35 -12.28
C GLU C 546 -45.53 6.04 -12.03
N ASP C 547 -44.49 6.04 -11.20
CA ASP C 547 -43.85 4.81 -10.75
C ASP C 547 -44.38 4.31 -9.42
N GLY C 548 -45.39 4.98 -8.86
CA GLY C 548 -45.95 4.50 -7.62
C GLY C 548 -45.19 4.87 -6.37
N ASN C 549 -44.18 5.73 -6.48
CA ASN C 549 -43.48 6.22 -5.30
C ASN C 549 -44.39 7.13 -4.50
N THR C 550 -44.43 6.94 -3.19
CA THR C 550 -45.12 7.89 -2.34
C THR C 550 -44.12 8.96 -1.92
N ALA C 551 -44.55 9.87 -1.06
CA ALA C 551 -43.69 10.98 -0.67
C ALA C 551 -42.53 10.51 0.20
N LEU C 552 -42.70 9.39 0.91
CA LEU C 552 -41.62 8.87 1.71
C LEU C 552 -40.51 8.30 0.85
N HIS C 553 -40.85 7.85 -0.36
CA HIS C 553 -39.85 7.33 -1.27
C HIS C 553 -38.90 8.42 -1.73
N PHE C 554 -39.43 9.61 -2.00
CA PHE C 554 -38.59 10.70 -2.48
C PHE C 554 -37.77 11.29 -1.36
N ALA C 555 -38.34 11.40 -0.16
CA ALA C 555 -37.59 11.97 0.96
C ALA C 555 -36.49 11.04 1.42
N ALA C 556 -36.65 9.74 1.24
CA ALA C 556 -35.61 8.80 1.61
C ALA C 556 -34.58 8.60 0.51
N ARG C 557 -34.94 8.83 -0.75
CA ARG C 557 -34.00 8.63 -1.83
C ARG C 557 -32.96 9.75 -1.87
N GLU C 558 -33.42 10.98 -1.72
CA GLU C 558 -32.51 12.13 -1.74
C GLU C 558 -31.88 12.41 -0.40
N GLY C 559 -32.14 11.60 0.61
CA GLY C 559 -31.42 11.70 1.86
C GLY C 559 -31.77 12.90 2.71
N HIS C 560 -33.02 12.99 3.15
CA HIS C 560 -33.45 14.05 4.04
C HIS C 560 -34.01 13.38 5.29
N ALA C 561 -33.18 13.31 6.33
CA ALA C 561 -33.54 12.56 7.52
C ALA C 561 -34.65 13.22 8.31
N LYS C 562 -34.69 14.55 8.33
CA LYS C 562 -35.77 15.23 9.01
C LYS C 562 -37.08 15.15 8.24
N ALA C 563 -37.01 14.92 6.94
CA ALA C 563 -38.24 14.77 6.16
C ALA C 563 -38.90 13.42 6.42
N VAL C 564 -38.10 12.36 6.48
CA VAL C 564 -38.69 11.05 6.71
C VAL C 564 -39.12 10.91 8.17
N ALA C 565 -38.50 11.65 9.08
CA ALA C 565 -38.96 11.64 10.46
C ALA C 565 -40.29 12.35 10.59
N LEU C 566 -40.49 13.41 9.81
CA LEU C 566 -41.79 14.07 9.79
C LEU C 566 -42.83 13.23 9.08
N LEU C 567 -42.43 12.55 8.01
CA LEU C 567 -43.35 11.72 7.27
C LEU C 567 -43.67 10.40 7.96
N LEU C 568 -42.90 10.02 8.97
CA LEU C 568 -43.23 8.83 9.74
C LEU C 568 -43.92 9.15 11.05
N SER C 569 -43.76 10.36 11.57
CA SER C 569 -44.53 10.79 12.73
C SER C 569 -46.01 10.85 12.39
N HIS C 570 -46.33 11.38 11.21
CA HIS C 570 -47.65 11.16 10.64
C HIS C 570 -47.68 9.78 10.02
N ASN C 571 -48.83 9.12 10.12
CA ASN C 571 -48.92 7.72 9.73
C ASN C 571 -49.12 7.62 8.21
N ALA C 572 -48.06 7.97 7.49
CA ALA C 572 -48.06 7.78 6.06
C ALA C 572 -47.71 6.34 5.72
N ASP C 573 -48.39 5.80 4.73
CA ASP C 573 -48.32 4.38 4.44
C ASP C 573 -46.99 4.03 3.79
N ILE C 574 -46.54 2.80 4.03
CA ILE C 574 -45.31 2.26 3.47
C ILE C 574 -45.68 1.26 2.40
N VAL C 575 -45.27 1.52 1.18
CA VAL C 575 -45.66 0.70 0.04
C VAL C 575 -44.44 0.38 -0.79
N LEU C 576 -44.69 -0.25 -1.93
CA LEU C 576 -43.67 -0.52 -2.92
C LEU C 576 -43.99 0.23 -4.20
N ASN C 577 -42.95 0.51 -4.97
CA ASN C 577 -43.13 1.17 -6.25
C ASN C 577 -43.35 0.11 -7.33
N LYS C 578 -43.25 0.52 -8.59
CA LYS C 578 -43.31 -0.45 -9.68
C LYS C 578 -42.10 -1.37 -9.71
N GLN C 579 -40.97 -0.94 -9.13
CA GLN C 579 -39.80 -1.80 -9.04
C GLN C 579 -39.73 -2.54 -7.71
N GLN C 580 -40.87 -2.63 -7.00
CA GLN C 580 -41.02 -3.39 -5.75
C GLN C 580 -40.07 -2.93 -4.66
N ALA C 581 -39.72 -1.65 -4.67
CA ALA C 581 -38.82 -1.08 -3.68
C ALA C 581 -39.63 -0.27 -2.68
N SER C 582 -39.38 -0.48 -1.40
CA SER C 582 -39.92 0.38 -0.38
C SER C 582 -39.05 1.62 -0.26
N PHE C 583 -39.44 2.54 0.62
CA PHE C 583 -38.61 3.70 0.89
C PHE C 583 -37.33 3.32 1.60
N LEU C 584 -37.33 2.21 2.33
CA LEU C 584 -36.09 1.73 2.95
C LEU C 584 -35.12 1.22 1.90
N HIS C 585 -35.63 0.67 0.80
CA HIS C 585 -34.75 0.17 -0.24
C HIS C 585 -34.08 1.31 -0.99
N LEU C 586 -34.79 2.42 -1.17
CA LEU C 586 -34.22 3.54 -1.89
C LEU C 586 -33.16 4.26 -1.07
N ALA C 587 -33.34 4.30 0.25
CA ALA C 587 -32.32 4.90 1.09
C ALA C 587 -31.08 4.01 1.17
N LEU C 588 -31.26 2.70 1.16
CA LEU C 588 -30.12 1.79 1.22
C LEU C 588 -29.36 1.78 -0.09
N HIS C 589 -30.06 1.91 -1.22
CA HIS C 589 -29.38 1.89 -2.50
C HIS C 589 -28.61 3.19 -2.73
N ASN C 590 -29.16 4.31 -2.27
CA ASN C 590 -28.50 5.58 -2.41
C ASN C 590 -27.58 5.91 -1.25
N LYS C 591 -27.43 4.97 -0.30
CA LYS C 591 -26.48 5.05 0.81
C LYS C 591 -26.71 6.26 1.70
N ARG C 592 -27.96 6.45 2.09
CA ARG C 592 -28.34 7.59 2.92
C ARG C 592 -28.25 7.14 4.37
N LYS C 593 -27.11 7.45 5.01
CA LYS C 593 -26.82 6.92 6.33
C LYS C 593 -27.69 7.57 7.40
N GLU C 594 -27.85 8.89 7.33
CA GLU C 594 -28.64 9.59 8.34
C GLU C 594 -30.13 9.29 8.21
N VAL C 595 -30.58 8.85 7.04
CA VAL C 595 -31.99 8.53 6.87
C VAL C 595 -32.33 7.21 7.53
N VAL C 596 -31.55 6.17 7.25
CA VAL C 596 -31.85 4.85 7.79
C VAL C 596 -31.62 4.77 9.28
N LEU C 597 -30.80 5.66 9.84
CA LEU C 597 -30.72 5.74 11.29
C LEU C 597 -32.01 6.30 11.88
N THR C 598 -32.64 7.25 11.20
CA THR C 598 -33.93 7.73 11.64
C THR C 598 -35.04 6.75 11.36
N ILE C 599 -34.84 5.83 10.42
CA ILE C 599 -35.82 4.76 10.22
C ILE C 599 -35.70 3.76 11.36
N ILE C 600 -34.47 3.42 11.75
CA ILE C 600 -34.23 2.43 12.78
C ILE C 600 -34.64 2.96 14.14
N ARG C 601 -34.19 4.17 14.48
CA ARG C 601 -34.39 4.70 15.83
C ARG C 601 -35.83 5.10 16.10
N SER C 602 -36.63 5.29 15.06
CA SER C 602 -38.01 5.68 15.28
C SER C 602 -38.89 4.45 15.45
N LYS C 603 -40.18 4.68 15.66
CA LYS C 603 -41.14 3.60 15.68
C LYS C 603 -41.45 3.15 14.25
N ARG C 604 -42.39 2.21 14.13
CA ARG C 604 -42.79 1.57 12.88
C ARG C 604 -41.61 0.92 12.15
N TRP C 605 -40.56 0.56 12.89
CA TRP C 605 -39.37 0.03 12.25
C TRP C 605 -39.58 -1.41 11.79
N ASP C 606 -40.31 -2.19 12.59
CA ASP C 606 -40.61 -3.56 12.20
C ASP C 606 -41.56 -3.61 11.01
N GLU C 607 -42.49 -2.66 10.93
CA GLU C 607 -43.47 -2.71 9.85
C GLU C 607 -42.90 -2.23 8.53
N CYS C 608 -41.80 -1.48 8.54
CA CYS C 608 -41.08 -1.25 7.29
C CYS C 608 -39.98 -2.27 7.08
N LEU C 609 -39.72 -3.12 8.07
CA LEU C 609 -38.79 -4.22 7.85
C LEU C 609 -39.46 -5.34 7.08
N LYS C 610 -40.71 -5.66 7.42
CA LYS C 610 -41.44 -6.73 6.78
C LYS C 610 -42.22 -6.28 5.56
N ILE C 611 -42.01 -5.04 5.10
CA ILE C 611 -42.79 -4.51 4.00
C ILE C 611 -42.19 -4.86 2.64
N PHE C 612 -41.02 -5.48 2.63
CA PHE C 612 -40.37 -5.88 1.39
C PHE C 612 -41.11 -7.01 0.71
N SER C 613 -40.76 -7.26 -0.55
CA SER C 613 -41.34 -8.33 -1.32
C SER C 613 -40.27 -9.29 -1.79
N HIS C 614 -40.63 -10.56 -1.87
CA HIS C 614 -39.74 -11.58 -2.41
C HIS C 614 -39.80 -11.54 -3.93
N ASN C 615 -39.21 -12.58 -4.55
CA ASN C 615 -39.08 -12.80 -6.01
C ASN C 615 -38.72 -11.52 -6.77
N SER C 616 -37.74 -10.81 -6.25
CA SER C 616 -37.27 -9.58 -6.86
C SER C 616 -35.75 -9.60 -6.82
N PRO C 617 -35.08 -9.44 -7.98
CA PRO C 617 -33.61 -9.55 -8.03
C PRO C 617 -32.90 -8.45 -7.27
N GLY C 618 -33.27 -7.21 -7.53
CA GLY C 618 -32.95 -6.13 -6.61
C GLY C 618 -34.02 -6.02 -5.56
N ASN C 619 -33.72 -5.20 -4.54
CA ASN C 619 -34.65 -4.87 -3.45
C ASN C 619 -35.09 -6.13 -2.70
N LYS C 620 -34.10 -6.81 -2.11
CA LYS C 620 -34.36 -8.06 -1.41
C LYS C 620 -34.86 -7.80 0.01
N CYS C 621 -34.42 -8.63 0.94
CA CYS C 621 -34.75 -8.45 2.33
C CYS C 621 -33.92 -7.30 2.84
N PRO C 622 -34.54 -6.33 3.54
CA PRO C 622 -33.92 -5.07 3.96
C PRO C 622 -32.68 -5.22 4.82
N ILE C 623 -32.61 -6.32 5.56
CA ILE C 623 -31.40 -6.63 6.32
C ILE C 623 -30.24 -6.90 5.37
N THR C 624 -30.50 -7.63 4.28
CA THR C 624 -29.43 -8.04 3.38
C THR C 624 -28.84 -6.86 2.62
N GLU C 625 -29.66 -5.87 2.25
CA GLU C 625 -29.08 -4.66 1.68
C GLU C 625 -28.36 -3.84 2.73
N MET C 626 -28.78 -3.93 3.99
CA MET C 626 -28.08 -3.21 5.03
C MET C 626 -26.71 -3.81 5.29
N ILE C 627 -26.56 -5.12 5.09
CA ILE C 627 -25.23 -5.70 5.08
C ILE C 627 -24.49 -5.26 3.82
N GLU C 628 -25.20 -5.22 2.69
CA GLU C 628 -24.55 -5.02 1.41
C GLU C 628 -24.10 -3.59 1.21
N TYR C 629 -24.84 -2.62 1.75
CA TYR C 629 -24.61 -1.23 1.40
C TYR C 629 -24.17 -0.38 2.58
N LEU C 630 -24.83 -0.50 3.73
CA LEU C 630 -24.57 0.39 4.87
C LEU C 630 -24.29 -0.44 6.12
N PRO C 631 -23.07 -0.98 6.25
CA PRO C 631 -22.77 -1.83 7.40
C PRO C 631 -22.68 -1.08 8.71
N GLU C 632 -22.43 0.24 8.70
CA GLU C 632 -22.34 0.96 9.96
C GLU C 632 -23.72 1.13 10.59
N CYS C 633 -24.76 1.23 9.77
CA CYS C 633 -26.11 1.32 10.30
C CYS C 633 -26.64 -0.04 10.76
N MET C 634 -26.09 -1.13 10.21
CA MET C 634 -26.38 -2.44 10.77
C MET C 634 -25.79 -2.58 12.15
N LYS C 635 -24.63 -1.96 12.40
CA LYS C 635 -24.01 -1.99 13.71
C LYS C 635 -24.87 -1.25 14.74
N VAL C 636 -25.54 -0.17 14.31
CA VAL C 636 -26.48 0.50 15.20
C VAL C 636 -27.68 -0.38 15.45
N LEU C 637 -28.09 -1.16 14.46
CA LEU C 637 -29.21 -2.08 14.64
C LEU C 637 -28.83 -3.21 15.57
N LEU C 638 -27.58 -3.67 15.51
CA LEU C 638 -27.13 -4.72 16.43
C LEU C 638 -26.95 -4.21 17.83
N ASP C 639 -26.72 -2.91 18.02
CA ASP C 639 -26.67 -2.34 19.35
C ASP C 639 -28.03 -2.37 20.02
N PHE C 640 -29.11 -2.29 19.24
CA PHE C 640 -30.44 -2.39 19.82
C PHE C 640 -30.78 -3.80 20.24
N CYS C 641 -30.11 -4.80 19.65
CA CYS C 641 -30.33 -6.17 20.08
C CYS C 641 -29.58 -6.48 21.37
N MET C 642 -28.41 -5.89 21.57
CA MET C 642 -27.62 -6.10 22.77
C MET C 642 -28.12 -5.16 23.84
N LEU C 643 -29.05 -5.65 24.66
CA LEU C 643 -29.60 -4.87 25.75
C LEU C 643 -29.10 -5.40 27.08
N HIS C 644 -29.08 -4.52 28.08
CA HIS C 644 -28.58 -4.87 29.40
C HIS C 644 -29.69 -5.02 30.43
N SER C 645 -30.69 -4.13 30.39
CA SER C 645 -31.80 -4.07 31.33
C SER C 645 -31.34 -3.96 32.78
N THR C 646 -30.21 -3.28 32.99
CA THR C 646 -29.63 -3.11 34.30
C THR C 646 -28.69 -1.91 34.23
N GLU C 647 -28.26 -1.44 35.40
CA GLU C 647 -27.29 -0.37 35.46
C GLU C 647 -26.18 -0.62 36.46
N ASP C 648 -26.25 -1.71 37.23
CA ASP C 648 -25.21 -2.05 38.20
C ASP C 648 -24.17 -2.87 37.47
N LYS C 649 -23.09 -2.22 37.05
CA LYS C 649 -22.02 -2.92 36.34
C LYS C 649 -21.25 -3.82 37.29
N SER C 650 -20.87 -5.00 36.78
CA SER C 650 -20.14 -6.04 37.52
C SER C 650 -20.89 -6.50 38.77
N CYS C 651 -22.21 -6.57 38.67
CA CYS C 651 -23.05 -7.04 39.76
C CYS C 651 -23.38 -8.51 39.56
N ARG C 652 -23.86 -9.14 40.63
CA ARG C 652 -24.26 -10.54 40.57
C ARG C 652 -25.55 -10.71 39.77
N ASP C 653 -26.47 -9.77 39.91
CA ASP C 653 -27.71 -9.77 39.14
C ASP C 653 -27.56 -9.09 37.79
N TYR C 654 -26.37 -8.63 37.45
CA TYR C 654 -26.13 -7.95 36.18
C TYR C 654 -26.09 -8.97 35.05
N TYR C 655 -26.73 -8.63 33.94
CA TYR C 655 -26.78 -9.52 32.79
C TYR C 655 -26.87 -8.69 31.52
N ILE C 656 -26.51 -9.32 30.41
CA ILE C 656 -26.64 -8.73 29.08
C ILE C 656 -27.40 -9.73 28.23
N GLU C 657 -28.60 -9.38 27.83
CA GLU C 657 -29.39 -10.25 26.97
C GLU C 657 -29.13 -9.91 25.51
N TYR C 658 -28.74 -10.93 24.73
CA TYR C 658 -28.53 -10.78 23.30
C TYR C 658 -29.73 -11.31 22.57
N ASN C 659 -30.24 -10.54 21.62
CA ASN C 659 -31.39 -10.92 20.82
C ASN C 659 -30.95 -11.17 19.39
N PHE C 660 -31.48 -12.22 18.79
CA PHE C 660 -31.12 -12.60 17.42
C PHE C 660 -32.33 -12.55 16.51
N LYS C 661 -33.18 -11.53 16.68
CA LYS C 661 -34.38 -11.44 15.87
C LYS C 661 -34.09 -10.97 14.46
N TYR C 662 -32.95 -10.33 14.23
CA TYR C 662 -32.61 -9.78 12.93
C TYR C 662 -31.60 -10.62 12.17
N LEU C 663 -31.11 -11.69 12.77
CA LEU C 663 -30.04 -12.46 12.14
C LEU C 663 -30.54 -13.68 11.37
N GLN C 664 -31.85 -13.89 11.29
CA GLN C 664 -32.33 -15.17 10.82
C GLN C 664 -33.75 -15.07 10.29
N CYS C 665 -34.08 -15.95 9.35
CA CYS C 665 -35.45 -16.25 9.01
C CYS C 665 -36.09 -17.07 10.12
N PRO C 666 -37.42 -17.23 10.12
CA PRO C 666 -38.05 -18.15 11.08
C PRO C 666 -37.91 -19.64 10.76
N LEU C 667 -36.99 -20.00 9.86
CA LEU C 667 -36.53 -21.34 9.51
C LEU C 667 -37.52 -22.15 8.69
N GLU C 668 -38.73 -21.64 8.49
CA GLU C 668 -39.64 -22.30 7.56
C GLU C 668 -39.27 -22.00 6.12
N PHE C 669 -38.53 -20.93 5.88
CA PHE C 669 -38.08 -20.56 4.55
C PHE C 669 -36.69 -21.09 4.25
N THR C 670 -36.17 -21.96 5.10
CA THR C 670 -34.85 -22.54 4.88
C THR C 670 -34.94 -23.87 4.16
N LYS C 671 -36.00 -24.63 4.35
CA LYS C 671 -36.18 -25.92 3.71
C LYS C 671 -37.11 -25.78 2.52
N LYS C 672 -36.83 -26.58 1.48
CA LYS C 672 -37.66 -26.57 0.29
C LYS C 672 -39.01 -27.22 0.59
N THR C 673 -40.08 -26.46 0.40
CA THR C 673 -41.44 -26.90 0.68
C THR C 673 -42.35 -26.35 -0.39
N PRO C 674 -43.43 -27.06 -0.73
CA PRO C 674 -44.39 -26.50 -1.68
C PRO C 674 -45.15 -25.30 -1.14
N THR C 675 -45.38 -25.25 0.17
CA THR C 675 -46.02 -24.08 0.77
C THR C 675 -45.04 -22.95 1.00
N GLN C 676 -43.76 -23.26 1.21
CA GLN C 676 -42.73 -22.26 1.45
C GLN C 676 -41.95 -22.04 0.15
N ASP C 677 -42.40 -21.06 -0.63
CA ASP C 677 -41.73 -20.76 -1.89
C ASP C 677 -40.39 -20.06 -1.69
N VAL C 678 -40.16 -19.46 -0.53
CA VAL C 678 -38.90 -18.81 -0.23
C VAL C 678 -37.86 -19.87 0.08
N ILE C 679 -36.65 -19.67 -0.46
CA ILE C 679 -35.59 -20.66 -0.35
C ILE C 679 -34.37 -20.03 0.32
N TYR C 680 -34.62 -19.14 1.29
CA TYR C 680 -33.54 -18.43 1.97
C TYR C 680 -32.69 -19.39 2.77
N GLU C 681 -31.43 -19.53 2.37
CA GLU C 681 -30.51 -20.41 3.05
C GLU C 681 -30.19 -19.88 4.44
N PRO C 682 -30.00 -20.76 5.43
CA PRO C 682 -29.99 -20.32 6.83
C PRO C 682 -28.78 -19.49 7.19
N LEU C 683 -28.85 -18.91 8.38
CA LEU C 683 -27.92 -17.90 8.89
C LEU C 683 -27.77 -16.76 7.88
N THR C 684 -28.90 -16.10 7.63
CA THR C 684 -28.99 -15.21 6.47
C THR C 684 -28.15 -13.96 6.64
N ALA C 685 -28.18 -13.35 7.82
CA ALA C 685 -27.41 -12.14 8.02
C ALA C 685 -25.92 -12.44 8.08
N LEU C 686 -25.55 -13.59 8.61
CA LEU C 686 -24.14 -13.91 8.70
C LEU C 686 -23.58 -14.40 7.37
N ASN C 687 -24.39 -15.10 6.57
CA ASN C 687 -23.93 -15.45 5.23
C ASN C 687 -23.85 -14.23 4.33
N ALA C 688 -24.68 -13.23 4.58
CA ALA C 688 -24.54 -11.96 3.88
C ALA C 688 -23.31 -11.21 4.36
N MET C 689 -22.91 -11.41 5.61
CA MET C 689 -21.74 -10.73 6.13
C MET C 689 -20.46 -11.28 5.52
N VAL C 690 -20.35 -12.60 5.40
CA VAL C 690 -19.15 -13.19 4.83
C VAL C 690 -19.09 -13.01 3.33
N GLN C 691 -20.21 -12.73 2.67
CA GLN C 691 -20.17 -12.46 1.25
C GLN C 691 -19.78 -11.02 0.97
N ASN C 692 -20.27 -10.09 1.79
CA ASN C 692 -19.98 -8.68 1.62
C ASN C 692 -18.79 -8.23 2.44
N ASN C 693 -17.99 -9.17 2.95
CA ASN C 693 -16.71 -8.92 3.61
C ASN C 693 -16.84 -8.06 4.86
N ARG C 694 -17.99 -8.10 5.53
CA ARG C 694 -18.23 -7.23 6.67
C ARG C 694 -17.62 -7.87 7.91
N ILE C 695 -16.32 -7.69 8.05
CA ILE C 695 -15.60 -8.29 9.17
C ILE C 695 -15.90 -7.55 10.46
N GLU C 696 -16.17 -6.24 10.39
CA GLU C 696 -16.50 -5.49 11.60
C GLU C 696 -17.87 -5.87 12.13
N LEU C 697 -18.76 -6.32 11.24
CA LEU C 697 -20.06 -6.80 11.70
C LEU C 697 -19.96 -8.20 12.27
N LEU C 698 -19.02 -9.01 11.77
CA LEU C 698 -18.90 -10.38 12.26
C LEU C 698 -18.26 -10.43 13.64
N ASN C 699 -17.44 -9.44 13.98
CA ASN C 699 -16.83 -9.37 15.29
C ASN C 699 -17.71 -8.63 16.30
N HIS C 700 -18.96 -8.37 15.94
CA HIS C 700 -19.88 -7.76 16.87
C HIS C 700 -20.25 -8.75 17.97
N PRO C 701 -20.45 -8.27 19.19
CA PRO C 701 -20.80 -9.19 20.30
C PRO C 701 -22.13 -9.89 20.14
N VAL C 702 -23.05 -9.35 19.33
CA VAL C 702 -24.28 -10.09 19.07
C VAL C 702 -24.00 -11.25 18.12
N CYS C 703 -23.18 -11.02 17.11
CA CYS C 703 -22.89 -12.08 16.15
C CYS C 703 -21.96 -13.13 16.74
N LYS C 704 -21.09 -12.73 17.66
CA LYS C 704 -20.27 -13.73 18.35
C LYS C 704 -21.10 -14.58 19.27
N GLU C 705 -22.09 -13.97 19.94
CA GLU C 705 -22.98 -14.75 20.78
C GLU C 705 -23.94 -15.57 19.95
N TYR C 706 -24.23 -15.14 18.73
CA TYR C 706 -25.12 -15.91 17.87
C TYR C 706 -24.44 -17.17 17.36
N LEU C 707 -23.17 -17.05 17.00
CA LEU C 707 -22.42 -18.23 16.56
C LEU C 707 -22.19 -19.18 17.72
N LEU C 708 -21.92 -18.64 18.91
CA LEU C 708 -21.73 -19.48 20.07
C LEU C 708 -23.03 -20.15 20.49
N MET C 709 -24.16 -19.53 20.20
CA MET C 709 -25.43 -20.21 20.41
C MET C 709 -25.59 -21.34 19.42
N LYS C 710 -25.25 -21.11 18.16
CA LYS C 710 -25.36 -22.15 17.14
C LYS C 710 -24.35 -23.26 17.39
N TRP C 711 -23.21 -22.93 18.00
CA TRP C 711 -22.22 -23.93 18.33
C TRP C 711 -22.71 -24.86 19.43
N LEU C 712 -23.26 -24.30 20.50
CA LEU C 712 -23.73 -25.11 21.61
C LEU C 712 -25.06 -25.79 21.32
N ALA C 713 -25.82 -25.31 20.35
CA ALA C 713 -27.08 -25.96 20.03
C ALA C 713 -26.84 -27.27 19.30
N TYR C 714 -26.17 -27.21 18.16
CA TYR C 714 -25.86 -28.40 17.39
C TYR C 714 -24.45 -28.43 16.84
N GLY C 715 -23.73 -27.30 16.85
CA GLY C 715 -22.44 -27.26 16.17
C GLY C 715 -21.37 -28.05 16.91
N PHE C 716 -21.34 -27.93 18.23
CA PHE C 716 -20.39 -28.72 19.01
C PHE C 716 -20.80 -30.18 19.05
N ARG C 717 -22.11 -30.46 19.04
CA ARG C 717 -22.56 -31.83 19.12
C ARG C 717 -22.30 -32.58 17.81
N ALA C 718 -22.57 -31.94 16.67
CA ALA C 718 -22.34 -32.59 15.40
C ALA C 718 -20.86 -32.71 15.10
N HIS C 719 -20.04 -31.82 15.64
CA HIS C 719 -18.61 -31.95 15.48
C HIS C 719 -18.04 -33.06 16.34
N MET C 720 -18.68 -33.34 17.47
CA MET C 720 -18.16 -34.39 18.34
C MET C 720 -18.56 -35.78 17.92
N MET C 721 -19.67 -35.96 17.19
CA MET C 721 -19.91 -37.28 16.66
C MET C 721 -19.05 -37.57 15.45
N ASN C 722 -18.73 -36.53 14.68
CA ASN C 722 -17.93 -36.71 13.48
C ASN C 722 -16.48 -36.99 13.84
N LEU C 723 -15.94 -36.21 14.78
CA LEU C 723 -14.59 -36.47 15.24
C LEU C 723 -14.55 -37.70 16.14
N GLY C 724 -15.63 -37.96 16.86
CA GLY C 724 -15.63 -39.09 17.76
C GLY C 724 -15.74 -40.43 17.05
N SER C 725 -16.47 -40.47 15.94
CA SER C 725 -16.54 -41.71 15.17
C SER C 725 -15.24 -41.97 14.43
N TYR C 726 -14.50 -40.92 14.11
CA TYR C 726 -13.22 -41.08 13.45
C TYR C 726 -12.15 -41.57 14.42
N CYS C 727 -12.13 -41.03 15.63
CA CYS C 727 -11.18 -41.48 16.64
C CYS C 727 -11.48 -42.86 17.15
N LEU C 728 -12.68 -43.38 16.87
CA LEU C 728 -13.00 -44.77 17.20
C LEU C 728 -12.26 -45.74 16.30
N GLY C 729 -11.71 -45.28 15.19
CA GLY C 729 -10.85 -46.11 14.37
C GLY C 729 -9.43 -45.60 14.33
N LEU C 730 -9.25 -44.31 14.60
CA LEU C 730 -7.91 -43.74 14.61
C LEU C 730 -7.09 -44.27 15.77
N ILE C 731 -7.63 -44.18 16.98
CA ILE C 731 -6.92 -44.57 18.19
C ILE C 731 -6.72 -46.08 18.28
N PRO C 732 -7.70 -46.97 18.00
CA PRO C 732 -7.38 -48.40 18.01
C PRO C 732 -6.45 -48.84 16.90
N MET C 733 -6.31 -48.06 15.83
CA MET C 733 -5.27 -48.34 14.86
C MET C 733 -3.89 -48.09 15.44
N THR C 734 -3.71 -46.95 16.08
CA THR C 734 -2.42 -46.57 16.63
C THR C 734 -2.04 -47.47 17.80
N ILE C 735 -3.01 -47.91 18.59
CA ILE C 735 -2.72 -48.87 19.64
C ILE C 735 -2.30 -50.20 19.04
N LEU C 736 -2.93 -50.58 17.93
CA LEU C 736 -2.60 -51.85 17.30
C LEU C 736 -1.26 -51.82 16.60
N VAL C 737 -0.82 -50.64 16.17
CA VAL C 737 0.48 -50.55 15.49
C VAL C 737 1.61 -50.60 16.49
N VAL C 738 1.53 -49.79 17.55
CA VAL C 738 2.64 -49.69 18.50
C VAL C 738 2.72 -50.87 19.46
N ASN C 739 1.75 -51.77 19.46
CA ASN C 739 1.80 -52.91 20.37
C ASN C 739 2.15 -54.21 19.70
N ILE C 740 2.11 -54.26 18.37
CA ILE C 740 2.50 -55.44 17.61
C ILE C 740 3.75 -55.09 16.82
N LYS C 741 4.70 -56.02 16.80
CA LYS C 741 5.88 -55.83 15.96
C LYS C 741 5.45 -55.89 14.50
N PRO C 742 5.86 -54.92 13.67
CA PRO C 742 5.28 -54.78 12.33
C PRO C 742 5.66 -55.87 11.33
N GLY C 743 6.40 -56.89 11.73
CA GLY C 743 6.68 -57.95 10.78
C GLY C 743 5.53 -58.91 10.60
N MET C 744 5.20 -59.64 11.65
CA MET C 744 4.42 -60.86 11.52
C MET C 744 2.93 -60.61 11.73
N ALA C 745 2.14 -61.60 11.34
CA ALA C 745 0.69 -61.51 11.35
C ALA C 745 0.14 -61.67 12.76
N PHE C 746 -1.17 -61.51 12.88
CA PHE C 746 -1.82 -61.65 14.17
C PHE C 746 -3.28 -62.00 13.97
N ASN C 747 -3.75 -63.02 14.67
CA ASN C 747 -5.16 -63.32 14.81
C ASN C 747 -5.80 -62.34 15.78
N SER C 748 -7.09 -62.53 16.03
CA SER C 748 -7.69 -61.87 17.17
C SER C 748 -7.23 -62.47 18.48
N THR C 749 -6.72 -63.70 18.46
CA THR C 749 -6.20 -64.36 19.63
C THR C 749 -4.80 -63.88 20.02
N GLY C 750 -4.14 -63.11 19.18
CA GLY C 750 -2.86 -62.56 19.49
C GLY C 750 -1.92 -62.68 18.32
N ILE C 751 -0.66 -62.43 18.58
CA ILE C 751 0.38 -62.46 17.55
C ILE C 751 0.72 -63.89 17.22
N ILE C 752 0.92 -64.18 15.93
CA ILE C 752 1.17 -65.55 15.51
C ILE C 752 2.65 -65.89 15.58
N ASN C 753 3.49 -65.05 14.98
CA ASN C 753 4.96 -65.18 14.97
C ASN C 753 5.50 -66.51 14.46
N LEU C 762 3.45 -68.36 19.03
CA LEU C 762 2.20 -67.62 19.27
C LEU C 762 2.26 -66.99 20.65
N ASP C 763 2.08 -65.66 20.70
CA ASP C 763 2.27 -64.91 21.93
C ASP C 763 1.07 -65.04 22.87
N THR C 764 -0.10 -64.57 22.42
CA THR C 764 -1.37 -64.56 23.16
C THR C 764 -1.26 -63.80 24.49
N THR C 765 -0.37 -62.81 24.57
CA THR C 765 -0.31 -61.91 25.70
C THR C 765 -0.97 -60.58 25.32
N ASN C 766 -1.58 -59.95 26.33
CA ASN C 766 -2.54 -58.83 26.21
C ASN C 766 -3.48 -58.98 25.02
N SER C 767 -4.03 -60.19 24.88
CA SER C 767 -4.86 -60.52 23.73
C SER C 767 -6.24 -59.87 23.80
N TYR C 768 -6.65 -59.41 24.98
CA TYR C 768 -7.91 -58.67 25.08
C TYR C 768 -7.77 -57.30 24.44
N LEU C 769 -6.62 -56.66 24.60
CA LEU C 769 -6.41 -55.34 23.99
C LEU C 769 -6.30 -55.45 22.49
N ILE C 770 -5.64 -56.49 21.99
CA ILE C 770 -5.50 -56.67 20.55
C ILE C 770 -6.83 -57.03 19.92
N LYS C 771 -7.70 -57.73 20.66
CA LYS C 771 -8.98 -58.15 20.09
C LYS C 771 -9.94 -56.98 19.95
N THR C 772 -10.02 -56.11 20.95
CA THR C 772 -10.98 -55.02 20.88
C THR C 772 -10.54 -53.94 19.92
N CYS C 773 -9.24 -53.68 19.82
CA CYS C 773 -8.78 -52.71 18.84
C CYS C 773 -8.92 -53.25 17.43
N MET C 774 -8.83 -54.57 17.26
CA MET C 774 -9.15 -55.18 15.99
C MET C 774 -10.63 -55.03 15.67
N ILE C 775 -11.48 -55.16 16.70
CA ILE C 775 -12.92 -55.06 16.50
C ILE C 775 -13.32 -53.62 16.27
N LEU C 776 -12.75 -52.69 17.04
CA LEU C 776 -13.12 -51.29 16.93
C LEU C 776 -12.70 -50.68 15.61
N VAL C 777 -11.60 -51.14 15.03
CA VAL C 777 -11.18 -50.57 13.77
C VAL C 777 -12.06 -51.10 12.66
N PHE C 778 -12.54 -52.34 12.81
CA PHE C 778 -13.39 -52.93 11.79
C PHE C 778 -14.78 -52.30 11.79
N LEU C 779 -15.33 -52.03 12.97
CA LEU C 779 -16.64 -51.39 13.02
C LEU C 779 -16.58 -49.93 12.63
N SER C 780 -15.47 -49.25 12.93
CA SER C 780 -15.37 -47.86 12.53
C SER C 780 -15.14 -47.71 11.04
N SER C 781 -14.59 -48.73 10.39
CA SER C 781 -14.43 -48.68 8.96
C SER C 781 -15.76 -48.88 8.24
N ILE C 782 -16.56 -49.84 8.69
CA ILE C 782 -17.87 -50.03 8.07
C ILE C 782 -18.85 -48.96 8.52
N PHE C 783 -18.59 -48.27 9.63
CA PHE C 783 -19.33 -47.05 9.89
C PHE C 783 -18.92 -45.97 8.90
N GLY C 784 -17.67 -45.97 8.49
CA GLY C 784 -17.21 -45.00 7.51
C GLY C 784 -17.70 -45.27 6.11
N TYR C 785 -18.04 -46.53 5.80
CA TYR C 785 -18.73 -46.81 4.54
C TYR C 785 -20.10 -46.18 4.52
N CYS C 786 -20.90 -46.43 5.56
CA CYS C 786 -22.23 -45.86 5.63
C CYS C 786 -22.19 -44.35 5.79
N LYS C 787 -21.12 -43.82 6.37
CA LYS C 787 -20.93 -42.37 6.38
C LYS C 787 -20.62 -41.86 4.98
N GLU C 788 -19.83 -42.62 4.21
CA GLU C 788 -19.55 -42.20 2.85
C GLU C 788 -20.69 -42.51 1.91
N ALA C 789 -21.38 -43.64 2.10
CA ALA C 789 -22.53 -43.94 1.26
C ALA C 789 -23.68 -42.99 1.55
N GLY C 790 -23.78 -42.53 2.80
CA GLY C 790 -24.71 -41.45 3.08
C GLY C 790 -24.30 -40.12 2.50
N GLN C 791 -23.01 -39.94 2.24
CA GLN C 791 -22.57 -38.70 1.62
C GLN C 791 -22.84 -38.68 0.13
N ILE C 792 -22.78 -39.83 -0.55
CA ILE C 792 -23.11 -39.84 -1.96
C ILE C 792 -24.61 -39.81 -2.19
N PHE C 793 -25.41 -40.15 -1.17
CA PHE C 793 -26.85 -40.04 -1.32
C PHE C 793 -27.30 -38.60 -1.21
N GLN C 794 -26.64 -37.83 -0.35
CA GLN C 794 -26.97 -36.42 -0.21
C GLN C 794 -26.27 -35.57 -1.26
N GLN C 795 -25.08 -35.96 -1.68
CA GLN C 795 -24.32 -35.25 -2.69
C GLN C 795 -24.13 -36.18 -3.86
N LYS C 796 -24.93 -36.01 -4.91
CA LYS C 796 -24.81 -36.81 -6.12
C LYS C 796 -24.05 -36.01 -7.17
N ARG C 797 -22.97 -36.60 -7.69
CA ARG C 797 -22.12 -36.11 -8.77
C ARG C 797 -21.31 -34.87 -8.40
N ASN C 798 -21.51 -34.29 -7.23
CA ASN C 798 -20.58 -33.32 -6.68
C ASN C 798 -19.77 -33.89 -5.54
N TYR C 799 -20.12 -35.10 -5.08
CA TYR C 799 -19.25 -35.88 -4.21
C TYR C 799 -17.92 -36.15 -4.91
N PHE C 800 -17.98 -36.52 -6.18
CA PHE C 800 -16.80 -36.98 -6.91
C PHE C 800 -15.91 -35.85 -7.38
N MET C 801 -16.32 -34.60 -7.18
CA MET C 801 -15.44 -33.46 -7.41
C MET C 801 -14.73 -33.02 -6.14
N ASP C 802 -14.50 -33.95 -5.21
CA ASP C 802 -13.84 -33.67 -3.95
C ASP C 802 -12.71 -34.67 -3.79
N ILE C 803 -11.52 -34.16 -3.46
CA ILE C 803 -10.36 -35.02 -3.31
C ILE C 803 -10.29 -35.67 -1.94
N SER C 804 -10.94 -35.10 -0.93
CA SER C 804 -10.89 -35.68 0.40
C SER C 804 -11.68 -36.96 0.50
N ASN C 805 -12.62 -37.20 -0.41
CA ASN C 805 -13.40 -38.42 -0.33
C ASN C 805 -12.62 -39.63 -0.77
N VAL C 806 -11.67 -39.47 -1.69
CA VAL C 806 -10.89 -40.63 -2.10
C VAL C 806 -9.86 -40.97 -1.03
N LEU C 807 -9.52 -40.02 -0.16
CA LEU C 807 -8.67 -40.33 0.98
C LEU C 807 -9.41 -41.20 1.98
N GLU C 808 -10.71 -40.96 2.14
CA GLU C 808 -11.50 -41.77 3.05
C GLU C 808 -11.68 -43.18 2.50
N TRP C 809 -11.80 -43.32 1.19
CA TRP C 809 -12.00 -44.64 0.62
C TRP C 809 -10.74 -45.49 0.72
N ILE C 810 -9.57 -44.89 0.65
CA ILE C 810 -8.34 -45.63 0.92
C ILE C 810 -8.29 -46.03 2.39
N ILE C 811 -8.75 -45.14 3.25
CA ILE C 811 -8.70 -45.32 4.70
C ILE C 811 -9.57 -46.47 5.17
N TYR C 812 -10.74 -46.65 4.58
CA TYR C 812 -11.65 -47.62 5.16
C TYR C 812 -11.40 -49.02 4.63
N THR C 813 -11.00 -49.17 3.36
CA THR C 813 -10.66 -50.50 2.89
C THR C 813 -9.38 -51.02 3.53
N THR C 814 -8.33 -50.20 3.54
CA THR C 814 -7.06 -50.62 4.11
C THR C 814 -7.14 -50.78 5.62
N GLY C 815 -8.11 -50.16 6.27
CA GLY C 815 -8.39 -50.50 7.65
C GLY C 815 -8.88 -51.93 7.78
N ILE C 816 -9.76 -52.36 6.87
CA ILE C 816 -10.34 -53.69 6.95
C ILE C 816 -9.32 -54.76 6.63
N ILE C 817 -8.48 -54.53 5.61
CA ILE C 817 -7.47 -55.51 5.25
C ILE C 817 -6.40 -55.61 6.33
N PHE C 818 -6.22 -54.56 7.13
CA PHE C 818 -5.33 -54.68 8.27
C PHE C 818 -5.89 -55.61 9.33
N VAL C 819 -7.20 -55.64 9.49
CA VAL C 819 -7.83 -56.44 10.54
C VAL C 819 -8.70 -57.54 9.97
N LEU C 820 -8.51 -57.85 8.69
CA LEU C 820 -9.16 -59.01 8.10
C LEU C 820 -8.92 -60.36 8.79
N PRO C 821 -7.80 -60.62 9.54
CA PRO C 821 -7.75 -61.87 10.32
C PRO C 821 -8.74 -62.04 11.45
N LEU C 822 -9.67 -61.10 11.65
CA LEU C 822 -10.84 -61.39 12.47
C LEU C 822 -11.64 -62.56 11.90
N PHE C 823 -11.77 -62.62 10.58
CA PHE C 823 -12.56 -63.65 9.92
C PHE C 823 -11.70 -64.60 9.09
N VAL C 824 -10.93 -64.09 8.14
CA VAL C 824 -10.18 -64.92 7.21
C VAL C 824 -8.71 -64.55 7.30
N GLU C 825 -7.85 -65.55 7.33
CA GLU C 825 -6.43 -65.29 7.44
C GLU C 825 -5.87 -64.75 6.13
N ILE C 826 -4.81 -63.97 6.24
CA ILE C 826 -4.13 -63.36 5.10
C ILE C 826 -2.63 -63.44 5.34
N PRO C 827 -1.82 -63.30 4.28
CA PRO C 827 -0.37 -63.23 4.50
C PRO C 827 0.03 -62.02 5.32
N ALA C 828 1.09 -62.20 6.12
CA ALA C 828 1.58 -61.14 6.98
C ALA C 828 2.14 -59.97 6.19
N HIS C 829 2.66 -60.25 5.00
CA HIS C 829 3.19 -59.18 4.16
C HIS C 829 2.07 -58.29 3.65
N LEU C 830 0.91 -58.87 3.35
CA LEU C 830 -0.21 -58.06 2.86
C LEU C 830 -0.85 -57.28 3.99
N GLN C 831 -0.89 -57.86 5.19
CA GLN C 831 -1.56 -57.23 6.32
C GLN C 831 -0.84 -55.97 6.75
N TRP C 832 0.47 -56.03 6.86
CA TRP C 832 1.22 -54.85 7.28
C TRP C 832 1.47 -53.88 6.14
N GLN C 833 1.33 -54.32 4.89
CA GLN C 833 1.37 -53.39 3.78
C GLN C 833 0.15 -52.49 3.80
N CYS C 834 -1.02 -53.06 4.05
CA CYS C 834 -2.21 -52.25 4.22
C CYS C 834 -2.23 -51.55 5.56
N GLY C 835 -1.48 -52.05 6.54
CA GLY C 835 -1.39 -51.34 7.80
C GLY C 835 -0.58 -50.06 7.70
N ALA C 836 0.48 -50.09 6.91
CA ALA C 836 1.29 -48.89 6.72
C ALA C 836 0.54 -47.83 5.93
N ILE C 837 -0.31 -48.25 5.00
CA ILE C 837 -1.11 -47.29 4.25
C ILE C 837 -2.18 -46.69 5.14
N ALA C 838 -2.77 -47.51 6.01
CA ALA C 838 -3.89 -47.05 6.83
C ALA C 838 -3.43 -46.09 7.91
N VAL C 839 -2.35 -46.42 8.61
CA VAL C 839 -1.91 -45.58 9.70
C VAL C 839 -1.24 -44.32 9.17
N TYR C 840 -0.77 -44.34 7.93
CA TYR C 840 -0.28 -43.09 7.36
C TYR C 840 -1.44 -42.20 6.99
N PHE C 841 -2.46 -42.76 6.36
CA PHE C 841 -3.55 -41.93 5.86
C PHE C 841 -4.55 -41.55 6.93
N TYR C 842 -4.59 -42.26 8.07
CA TYR C 842 -5.46 -41.84 9.16
C TYR C 842 -5.06 -40.47 9.68
N TRP C 843 -3.79 -40.33 10.04
CA TRP C 843 -3.32 -39.07 10.60
C TRP C 843 -3.22 -37.97 9.56
N MET C 844 -3.08 -38.31 8.28
CA MET C 844 -3.15 -37.28 7.26
C MET C 844 -4.56 -36.77 7.10
N ASN C 845 -5.56 -37.63 7.27
CA ASN C 845 -6.92 -37.19 7.14
C ASN C 845 -7.43 -36.56 8.42
N PHE C 846 -6.87 -36.94 9.56
CA PHE C 846 -7.21 -36.27 10.80
C PHE C 846 -6.74 -34.83 10.82
N LEU C 847 -5.75 -34.51 10.00
CA LEU C 847 -5.37 -33.13 9.76
C LEU C 847 -6.49 -32.35 9.13
N LEU C 848 -7.31 -32.99 8.31
CA LEU C 848 -8.44 -32.31 7.70
C LEU C 848 -9.59 -32.11 8.65
N TYR C 849 -9.69 -32.91 9.71
CA TYR C 849 -10.83 -32.75 10.61
C TYR C 849 -10.64 -31.61 11.59
N LEU C 850 -9.43 -31.08 11.73
CA LEU C 850 -9.21 -29.91 12.55
C LEU C 850 -9.19 -28.64 11.72
N GLN C 851 -9.47 -28.76 10.42
CA GLN C 851 -9.72 -27.57 9.61
C GLN C 851 -10.98 -26.86 10.06
N ARG C 852 -11.92 -27.60 10.64
CA ARG C 852 -13.14 -27.06 11.21
C ARG C 852 -12.94 -26.64 12.65
N PHE C 853 -11.89 -25.86 12.87
CA PHE C 853 -11.61 -25.24 14.15
C PHE C 853 -11.19 -23.81 13.88
N GLU C 854 -10.69 -23.14 14.90
CA GLU C 854 -10.31 -21.75 14.74
C GLU C 854 -8.87 -21.48 15.12
N ASN C 855 -8.37 -22.10 16.18
CA ASN C 855 -7.03 -21.80 16.66
C ASN C 855 -5.94 -22.45 15.80
N CYS C 856 -6.22 -23.59 15.19
CA CYS C 856 -5.24 -24.27 14.36
C CYS C 856 -5.74 -24.51 12.95
N GLY C 857 -6.99 -24.14 12.66
CA GLY C 857 -7.55 -24.41 11.35
C GLY C 857 -7.02 -23.52 10.25
N ILE C 858 -6.41 -22.40 10.60
CA ILE C 858 -5.88 -21.53 9.55
C ILE C 858 -4.59 -22.08 8.96
N PHE C 859 -3.88 -22.94 9.69
CA PHE C 859 -2.68 -23.53 9.15
C PHE C 859 -2.99 -24.62 8.14
N ILE C 860 -4.16 -25.24 8.23
CA ILE C 860 -4.53 -26.22 7.23
C ILE C 860 -4.91 -25.53 5.95
N VAL C 861 -5.48 -24.34 6.03
CA VAL C 861 -5.76 -23.55 4.85
C VAL C 861 -4.45 -23.07 4.22
N MET C 862 -3.46 -22.73 5.06
CA MET C 862 -2.16 -22.37 4.54
C MET C 862 -1.45 -23.58 3.95
N LEU C 863 -1.64 -24.75 4.56
CA LEU C 863 -1.04 -25.96 4.04
C LEU C 863 -1.68 -26.38 2.72
N GLU C 864 -2.97 -26.10 2.55
CA GLU C 864 -3.63 -26.50 1.32
C GLU C 864 -3.26 -25.60 0.16
N VAL C 865 -3.08 -24.30 0.43
CA VAL C 865 -2.79 -23.39 -0.67
C VAL C 865 -1.33 -23.49 -1.10
N ILE C 866 -0.44 -23.90 -0.20
CA ILE C 866 0.94 -24.15 -0.60
C ILE C 866 1.02 -25.44 -1.39
N LEU C 867 0.28 -26.46 -0.96
CA LEU C 867 0.25 -27.74 -1.65
C LEU C 867 -0.40 -27.62 -3.02
N LYS C 868 -1.37 -26.71 -3.17
CA LYS C 868 -2.03 -26.57 -4.46
C LYS C 868 -1.12 -25.93 -5.49
N THR C 869 -0.31 -24.96 -5.07
CA THR C 869 0.61 -24.32 -6.00
C THR C 869 1.90 -25.07 -6.17
N LEU C 870 2.10 -26.15 -5.41
CA LEU C 870 3.20 -27.05 -5.71
C LEU C 870 2.79 -28.11 -6.71
N LEU C 871 1.54 -28.57 -6.64
CA LEU C 871 1.04 -29.48 -7.67
C LEU C 871 0.68 -28.75 -8.95
N ARG C 872 0.62 -27.43 -8.93
CA ARG C 872 0.43 -26.70 -10.18
C ARG C 872 1.74 -26.55 -10.93
N SER C 873 2.87 -26.65 -10.25
CA SER C 873 4.19 -26.58 -10.87
C SER C 873 4.87 -27.94 -10.86
N THR C 874 4.09 -29.02 -10.92
CA THR C 874 4.71 -30.33 -10.81
C THR C 874 5.40 -30.75 -12.09
N VAL C 875 4.98 -30.22 -13.24
CA VAL C 875 5.61 -30.61 -14.50
C VAL C 875 6.99 -29.97 -14.63
N VAL C 876 7.21 -28.84 -13.99
CA VAL C 876 8.54 -28.24 -13.96
C VAL C 876 9.47 -29.09 -13.11
N PHE C 877 8.94 -29.73 -12.08
CA PHE C 877 9.75 -30.67 -11.30
C PHE C 877 10.05 -31.92 -12.09
N ILE C 878 9.08 -32.41 -12.87
CA ILE C 878 9.28 -33.63 -13.63
C ILE C 878 10.34 -33.43 -14.70
N PHE C 879 10.32 -32.28 -15.36
CA PHE C 879 11.28 -32.08 -16.43
C PHE C 879 12.65 -31.70 -15.91
N LEU C 880 12.73 -31.12 -14.72
CA LEU C 880 14.03 -30.87 -14.13
C LEU C 880 14.65 -32.17 -13.60
N LEU C 881 13.84 -33.02 -12.97
CA LEU C 881 14.37 -34.30 -12.52
C LEU C 881 14.63 -35.25 -13.67
N LEU C 882 13.96 -35.07 -14.80
CA LEU C 882 14.32 -35.90 -15.95
C LEU C 882 15.58 -35.38 -16.62
N ALA C 883 15.80 -34.07 -16.59
CA ALA C 883 17.02 -33.52 -17.15
C ALA C 883 18.24 -33.93 -16.32
N PHE C 884 18.18 -33.68 -15.03
CA PHE C 884 19.32 -33.98 -14.19
C PHE C 884 19.43 -35.45 -13.88
N GLY C 885 18.31 -36.15 -13.75
CA GLY C 885 18.37 -37.55 -13.39
C GLY C 885 18.88 -38.44 -14.50
N LEU C 886 18.49 -38.16 -15.74
CA LEU C 886 18.99 -38.98 -16.83
C LEU C 886 20.42 -38.63 -17.19
N SER C 887 20.84 -37.40 -16.96
CA SER C 887 22.23 -37.07 -17.20
C SER C 887 23.12 -37.65 -16.11
N PHE C 888 22.64 -37.67 -14.87
CA PHE C 888 23.41 -38.31 -13.81
C PHE C 888 23.42 -39.82 -13.96
N TYR C 889 22.40 -40.37 -14.62
CA TYR C 889 22.40 -41.80 -14.90
C TYR C 889 23.45 -42.16 -15.93
N ILE C 890 23.75 -41.24 -16.84
CA ILE C 890 24.77 -41.51 -17.84
C ILE C 890 26.16 -41.27 -17.27
N LEU C 891 26.34 -40.16 -16.58
CA LEU C 891 27.66 -39.78 -16.10
C LEU C 891 28.10 -40.65 -14.94
N LEU C 892 27.32 -40.68 -13.88
CA LEU C 892 27.69 -41.43 -12.70
C LEU C 892 27.10 -42.84 -12.72
N ASN C 893 27.27 -43.55 -13.83
CA ASN C 893 26.58 -44.81 -14.00
C ASN C 893 27.18 -45.93 -13.17
N LEU C 894 28.47 -45.86 -12.88
CA LEU C 894 29.12 -46.94 -12.16
C LEU C 894 28.82 -46.92 -10.67
N GLN C 895 28.20 -45.87 -10.16
CA GLN C 895 27.89 -45.79 -8.74
C GLN C 895 26.51 -46.35 -8.47
N ASP C 896 26.40 -47.06 -7.35
CA ASP C 896 25.13 -47.68 -6.97
C ASP C 896 23.94 -46.73 -6.78
N PRO C 897 24.08 -45.46 -6.36
CA PRO C 897 22.91 -44.57 -6.41
C PRO C 897 22.37 -44.31 -7.79
N PHE C 898 23.17 -44.45 -8.84
CA PHE C 898 22.74 -44.17 -10.19
C PHE C 898 23.01 -45.44 -10.99
N SER C 899 22.12 -46.41 -10.89
CA SER C 899 22.33 -47.66 -11.60
C SER C 899 21.22 -47.96 -12.58
N SER C 900 19.99 -47.68 -12.22
CA SER C 900 18.85 -47.72 -13.11
C SER C 900 18.39 -46.28 -13.32
N PRO C 901 17.64 -46.01 -14.38
CA PRO C 901 17.08 -44.67 -14.52
C PRO C 901 16.10 -44.31 -13.43
N LEU C 902 15.40 -45.29 -12.87
CA LEU C 902 14.40 -45.01 -11.87
C LEU C 902 15.00 -44.88 -10.47
N LEU C 903 16.27 -45.23 -10.31
CA LEU C 903 16.98 -44.89 -9.09
C LEU C 903 17.79 -43.63 -9.25
N SER C 904 18.00 -43.17 -10.47
CA SER C 904 18.68 -41.91 -10.69
C SER C 904 17.75 -40.73 -10.43
N ILE C 905 16.46 -40.90 -10.69
CA ILE C 905 15.52 -39.81 -10.50
C ILE C 905 15.21 -39.63 -9.02
N ILE C 906 15.11 -40.74 -8.28
CA ILE C 906 14.83 -40.66 -6.85
C ILE C 906 16.01 -40.06 -6.11
N GLN C 907 17.23 -40.40 -6.52
CA GLN C 907 18.40 -39.80 -5.91
C GLN C 907 18.51 -38.32 -6.24
N THR C 908 18.19 -37.96 -7.49
CA THR C 908 18.13 -36.55 -7.86
C THR C 908 17.02 -35.84 -7.13
N PHE C 909 15.91 -36.54 -6.87
CA PHE C 909 14.87 -35.97 -6.02
C PHE C 909 15.34 -35.86 -4.58
N SER C 910 16.25 -36.73 -4.15
CA SER C 910 16.75 -36.63 -2.79
C SER C 910 17.82 -35.56 -2.67
N MET C 911 18.54 -35.28 -3.74
CA MET C 911 19.54 -34.21 -3.75
C MET C 911 18.91 -32.84 -3.91
N MET C 912 17.59 -32.78 -4.04
CA MET C 912 16.89 -31.53 -4.29
C MET C 912 17.01 -30.56 -3.11
N LEU C 913 17.04 -31.08 -1.90
CA LEU C 913 17.06 -30.22 -0.72
C LEU C 913 18.43 -29.64 -0.42
N GLY C 914 19.45 -30.06 -1.12
CA GLY C 914 20.80 -29.70 -0.79
C GLY C 914 21.61 -30.82 -0.21
N ASP C 915 21.15 -32.06 -0.34
CA ASP C 915 21.86 -33.23 0.16
C ASP C 915 22.65 -33.89 -0.96
N ILE C 916 23.21 -33.06 -1.84
CA ILE C 916 24.24 -33.53 -2.75
C ILE C 916 25.41 -34.02 -1.93
N ASN C 917 25.83 -35.25 -2.19
CA ASN C 917 26.86 -35.84 -1.36
C ASN C 917 28.22 -35.25 -1.68
N TYR C 918 28.61 -35.30 -2.95
CA TYR C 918 29.78 -34.70 -3.58
C TYR C 918 31.09 -35.34 -3.15
N ARG C 919 31.12 -36.04 -2.03
CA ARG C 919 32.35 -36.68 -1.62
C ARG C 919 32.32 -38.15 -1.98
N GLU C 920 31.27 -38.86 -1.58
CA GLU C 920 31.15 -40.25 -1.97
C GLU C 920 30.62 -40.41 -3.38
N SER C 921 30.19 -39.33 -4.02
CA SER C 921 29.64 -39.40 -5.36
C SER C 921 30.46 -38.67 -6.40
N PHE C 922 31.12 -37.58 -6.06
CA PHE C 922 31.85 -36.81 -7.04
C PHE C 922 33.34 -36.74 -6.77
N LEU C 923 33.74 -36.43 -5.54
CA LEU C 923 35.17 -36.18 -5.30
C LEU C 923 35.96 -37.47 -5.25
N GLU C 924 35.62 -38.36 -4.34
CA GLU C 924 36.34 -39.62 -4.20
C GLU C 924 36.25 -40.56 -5.41
N PRO C 925 35.17 -40.57 -6.21
CA PRO C 925 35.31 -41.21 -7.52
C PRO C 925 36.29 -40.52 -8.44
N TYR C 926 36.40 -39.20 -8.36
CA TYR C 926 37.31 -38.49 -9.26
C TYR C 926 38.76 -38.72 -8.87
N LEU C 927 39.04 -38.80 -7.57
CA LEU C 927 40.40 -39.04 -7.13
C LEU C 927 40.82 -40.49 -7.30
N ARG C 928 39.87 -41.40 -7.49
CA ARG C 928 40.19 -42.78 -7.79
C ARG C 928 40.11 -43.09 -9.27
N ASN C 929 39.95 -42.05 -10.10
CA ASN C 929 39.78 -42.15 -11.55
C ASN C 929 38.60 -43.05 -11.92
N GLU C 930 37.54 -42.98 -11.13
CA GLU C 930 36.34 -43.76 -11.37
C GLU C 930 35.26 -42.98 -12.08
N LEU C 931 35.48 -41.70 -12.35
CA LEU C 931 34.54 -40.93 -13.14
C LEU C 931 34.84 -41.13 -14.61
N ALA C 932 33.83 -41.53 -15.38
CA ALA C 932 34.02 -41.73 -16.81
C ALA C 932 34.19 -40.39 -17.51
N HIS C 933 33.31 -39.45 -17.23
CA HIS C 933 33.38 -38.10 -17.79
C HIS C 933 33.56 -37.14 -16.63
N PRO C 934 34.81 -36.84 -16.26
CA PRO C 934 35.05 -36.03 -15.06
C PRO C 934 34.65 -34.59 -15.23
N VAL C 935 34.98 -33.99 -16.37
CA VAL C 935 34.72 -32.58 -16.56
C VAL C 935 33.22 -32.33 -16.75
N LEU C 936 32.49 -33.28 -17.32
CA LEU C 936 31.04 -33.12 -17.42
C LEU C 936 30.35 -33.36 -16.09
N SER C 937 30.90 -34.24 -15.26
CA SER C 937 30.25 -34.56 -14.00
C SER C 937 30.32 -33.38 -13.03
N PHE C 938 31.45 -32.69 -13.00
CA PHE C 938 31.54 -31.50 -12.16
C PHE C 938 30.74 -30.35 -12.77
N ALA C 939 30.64 -30.30 -14.09
CA ALA C 939 29.81 -29.27 -14.71
C ALA C 939 28.34 -29.55 -14.46
N GLN C 940 27.95 -30.82 -14.45
CA GLN C 940 26.58 -31.15 -14.10
C GLN C 940 26.31 -30.95 -12.63
N LEU C 941 27.34 -31.10 -11.80
CA LEU C 941 27.20 -30.86 -10.36
C LEU C 941 26.95 -29.39 -10.07
N VAL C 942 27.73 -28.51 -10.72
CA VAL C 942 27.58 -27.08 -10.50
C VAL C 942 26.25 -26.60 -11.05
N SER C 943 25.85 -27.08 -12.22
CA SER C 943 24.59 -26.65 -12.79
C SER C 943 23.40 -27.24 -12.05
N PHE C 944 23.58 -28.40 -11.42
CA PHE C 944 22.50 -28.91 -10.57
C PHE C 944 22.35 -28.05 -9.33
N THR C 945 23.47 -27.76 -8.66
CA THR C 945 23.45 -27.02 -7.40
C THR C 945 22.93 -25.61 -7.58
N ILE C 946 23.18 -25.00 -8.73
CA ILE C 946 22.61 -23.69 -9.00
C ILE C 946 21.11 -23.80 -9.22
N PHE C 947 20.68 -24.78 -10.00
CA PHE C 947 19.28 -24.83 -10.42
C PHE C 947 18.36 -25.33 -9.31
N VAL C 948 18.57 -26.55 -8.85
CA VAL C 948 17.53 -27.18 -8.04
C VAL C 948 17.59 -26.78 -6.56
N PRO C 949 18.72 -26.87 -5.82
CA PRO C 949 18.64 -26.47 -4.41
C PRO C 949 18.66 -24.97 -4.22
N ILE C 950 19.28 -24.24 -5.13
CA ILE C 950 19.34 -22.81 -4.96
C ILE C 950 18.16 -22.14 -5.65
N VAL C 951 18.05 -22.28 -6.97
CA VAL C 951 17.07 -21.49 -7.70
C VAL C 951 15.67 -22.05 -7.53
N LEU C 952 15.52 -23.36 -7.69
CA LEU C 952 14.19 -23.97 -7.64
C LEU C 952 13.62 -23.95 -6.24
N MET C 953 14.46 -24.17 -5.23
CA MET C 953 13.95 -24.17 -3.86
C MET C 953 13.68 -22.77 -3.37
N ASN C 954 14.40 -21.76 -3.88
CA ASN C 954 14.06 -20.40 -3.54
C ASN C 954 12.81 -19.95 -4.26
N LEU C 955 12.48 -20.58 -5.39
CA LEU C 955 11.22 -20.28 -6.05
C LEU C 955 10.05 -20.79 -5.22
N LEU C 956 10.19 -21.97 -4.61
CA LEU C 956 9.11 -22.49 -3.80
C LEU C 956 8.96 -21.73 -2.50
N ILE C 957 10.06 -21.16 -1.99
CA ILE C 957 9.97 -20.34 -0.80
C ILE C 957 9.24 -19.05 -1.11
N GLY C 958 9.65 -18.37 -2.18
CA GLY C 958 9.00 -17.13 -2.57
C GLY C 958 7.59 -17.29 -3.05
N LEU C 959 7.23 -18.48 -3.54
CA LEU C 959 5.83 -18.77 -3.78
C LEU C 959 5.07 -18.90 -2.47
N ALA C 960 5.68 -19.52 -1.48
CA ALA C 960 4.99 -19.76 -0.22
C ALA C 960 4.86 -18.50 0.60
N VAL C 961 5.77 -17.54 0.42
CA VAL C 961 5.66 -16.29 1.16
C VAL C 961 4.48 -15.47 0.65
N GLY C 962 4.31 -15.41 -0.66
CA GLY C 962 3.16 -14.70 -1.21
C GLY C 962 1.85 -15.42 -0.95
N ASP C 963 1.89 -16.75 -0.87
CA ASP C 963 0.67 -17.51 -0.63
C ASP C 963 0.21 -17.42 0.80
N ILE C 964 1.14 -17.27 1.74
CA ILE C 964 0.74 -17.09 3.12
C ILE C 964 0.30 -15.66 3.35
N ALA C 965 0.84 -14.71 2.58
CA ALA C 965 0.56 -13.30 2.78
C ALA C 965 -0.89 -12.96 2.46
N ASP C 966 -1.42 -13.47 1.35
CA ASP C 966 -2.82 -13.18 1.06
C ASP C 966 -3.78 -14.09 1.80
N VAL C 967 -3.30 -15.16 2.43
CA VAL C 967 -4.16 -15.90 3.33
C VAL C 967 -4.27 -15.16 4.66
N GLN C 968 -3.14 -14.67 5.18
CA GLN C 968 -3.17 -13.89 6.40
C GLN C 968 -3.82 -12.52 6.22
N LYS C 969 -3.91 -12.04 4.99
CA LYS C 969 -4.64 -10.79 4.76
C LYS C 969 -6.13 -10.98 4.98
N HIS C 970 -6.65 -12.16 4.69
CA HIS C 970 -8.06 -12.47 4.90
C HIS C 970 -8.27 -13.50 5.98
N ALA C 971 -7.33 -13.61 6.92
CA ALA C 971 -7.37 -14.72 7.88
C ALA C 971 -8.45 -14.51 8.93
N SER C 972 -8.64 -13.27 9.38
CA SER C 972 -9.64 -12.99 10.41
C SER C 972 -11.05 -13.21 9.88
N LEU C 973 -11.26 -12.98 8.59
CA LEU C 973 -12.56 -13.27 8.01
C LEU C 973 -12.69 -14.74 7.65
N LYS C 974 -11.57 -15.41 7.39
CA LYS C 974 -11.63 -16.80 6.92
C LYS C 974 -12.10 -17.74 8.01
N ARG C 975 -11.64 -17.53 9.25
CA ARG C 975 -12.04 -18.42 10.32
C ARG C 975 -13.50 -18.23 10.70
N ILE C 976 -14.02 -17.00 10.57
CA ILE C 976 -15.42 -16.77 10.85
C ILE C 976 -16.28 -17.31 9.71
N ALA C 977 -15.80 -17.17 8.47
CA ALA C 977 -16.55 -17.70 7.34
C ALA C 977 -16.53 -19.22 7.32
N MET C 978 -15.48 -19.83 7.87
CA MET C 978 -15.48 -21.28 7.99
C MET C 978 -16.45 -21.76 9.06
N GLN C 979 -16.64 -20.97 10.12
CA GLN C 979 -17.61 -21.33 11.14
C GLN C 979 -19.03 -21.14 10.61
N VAL C 980 -19.24 -20.11 9.80
CA VAL C 980 -20.58 -19.85 9.27
C VAL C 980 -20.95 -20.92 8.25
N GLU C 981 -20.02 -21.26 7.36
CA GLU C 981 -20.26 -22.28 6.35
C GLU C 981 -20.42 -23.66 6.98
N LEU C 982 -19.83 -23.89 8.15
CA LEU C 982 -20.06 -25.12 8.89
C LEU C 982 -21.51 -25.23 9.32
N HIS C 983 -21.99 -24.23 10.04
CA HIS C 983 -23.34 -24.27 10.59
C HIS C 983 -24.40 -24.15 9.50
N THR C 984 -24.06 -23.47 8.41
CA THR C 984 -25.01 -23.37 7.30
C THR C 984 -25.20 -24.72 6.62
N SER C 985 -24.10 -25.45 6.41
CA SER C 985 -24.21 -26.76 5.80
C SER C 985 -24.77 -27.79 6.78
N LEU C 986 -24.62 -27.54 8.08
CA LEU C 986 -25.12 -28.50 9.06
C LEU C 986 -26.63 -28.47 9.14
N GLU C 987 -27.21 -27.30 9.35
CA GLU C 987 -28.65 -27.23 9.49
C GLU C 987 -29.38 -27.18 8.16
N LYS C 988 -28.65 -27.23 7.05
CA LYS C 988 -29.31 -27.46 5.77
C LYS C 988 -29.76 -28.90 5.64
N LYS C 989 -29.07 -29.82 6.33
CA LYS C 989 -29.44 -31.23 6.31
C LYS C 989 -30.09 -31.70 7.59
N LEU C 990 -30.18 -30.85 8.60
CA LEU C 990 -30.86 -31.22 9.81
C LEU C 990 -32.37 -31.14 9.63
N PRO C 991 -33.13 -31.95 10.36
CA PRO C 991 -34.60 -31.85 10.26
C PRO C 991 -35.11 -30.60 10.94
N LEU C 992 -36.27 -30.14 10.46
CA LEU C 992 -36.81 -28.86 10.91
C LEU C 992 -37.33 -28.94 12.33
N TRP C 993 -37.89 -30.09 12.73
CA TRP C 993 -38.38 -30.22 14.10
C TRP C 993 -37.24 -30.21 15.10
N PHE C 994 -36.08 -30.74 14.70
CA PHE C 994 -34.92 -30.70 15.58
C PHE C 994 -34.38 -29.28 15.70
N LEU C 995 -34.42 -28.53 14.60
CA LEU C 995 -33.95 -27.15 14.63
C LEU C 995 -34.88 -26.26 15.45
N ARG C 996 -36.17 -26.60 15.50
CA ARG C 996 -37.09 -25.87 16.36
C ARG C 996 -36.78 -26.13 17.82
N LYS C 997 -36.27 -27.32 18.14
CA LYS C 997 -36.02 -27.66 19.53
C LYS C 997 -34.76 -26.98 20.07
N VAL C 998 -33.69 -26.98 19.27
CA VAL C 998 -32.42 -26.51 19.80
C VAL C 998 -32.22 -25.01 19.65
N ASP C 999 -32.93 -24.36 18.74
CA ASP C 999 -32.78 -22.92 18.58
C ASP C 999 -33.50 -22.20 19.70
N GLN C 1000 -32.89 -21.13 20.21
CA GLN C 1000 -33.47 -20.38 21.30
C GLN C 1000 -33.56 -18.88 21.05
N LYS C 1001 -32.84 -18.35 20.06
CA LYS C 1001 -33.05 -17.04 19.43
C LYS C 1001 -32.86 -15.83 20.34
N SER C 1002 -32.57 -16.05 21.62
CA SER C 1002 -32.29 -14.98 22.56
C SER C 1002 -31.58 -15.58 23.75
N THR C 1003 -30.33 -15.20 23.99
CA THR C 1003 -29.57 -15.71 25.12
C THR C 1003 -29.28 -14.60 26.12
N ILE C 1004 -29.25 -14.99 27.39
CA ILE C 1004 -28.97 -14.09 28.50
C ILE C 1004 -27.61 -14.46 29.06
N VAL C 1005 -26.71 -13.50 29.11
CA VAL C 1005 -25.34 -13.73 29.55
C VAL C 1005 -25.10 -12.91 30.80
N TYR C 1006 -24.71 -13.59 31.88
CA TYR C 1006 -24.36 -12.92 33.13
C TYR C 1006 -22.85 -12.73 33.15
N PRO C 1007 -22.35 -11.50 33.07
CA PRO C 1007 -20.90 -11.32 32.97
C PRO C 1007 -20.17 -11.57 34.28
N ASN C 1008 -20.73 -11.13 35.40
CA ASN C 1008 -20.03 -11.18 36.68
C ASN C 1008 -20.57 -12.24 37.62
N LYS C 1009 -21.61 -12.97 37.24
CA LYS C 1009 -22.18 -13.97 38.14
C LYS C 1009 -21.37 -15.27 38.20
N PRO C 1010 -20.95 -15.90 37.06
CA PRO C 1010 -20.13 -17.08 37.35
C PRO C 1010 -18.65 -16.74 37.50
N SER C 1039 -10.90 0.96 4.70
CA SER C 1039 -10.71 1.94 5.76
C SER C 1039 -10.29 3.27 5.15
N LEU C 1040 -9.78 3.22 3.94
CA LEU C 1040 -9.36 4.41 3.21
C LEU C 1040 -10.11 4.60 1.91
N GLU C 1041 -10.38 3.53 1.17
CA GLU C 1041 -11.19 3.65 -0.03
C GLU C 1041 -12.64 3.98 0.31
N MET C 1042 -13.10 3.60 1.51
CA MET C 1042 -14.41 4.03 1.95
C MET C 1042 -14.43 5.52 2.26
N GLU C 1043 -13.28 6.09 2.64
CA GLU C 1043 -13.22 7.52 2.89
C GLU C 1043 -13.27 8.30 1.58
N ILE C 1044 -12.67 7.75 0.52
CA ILE C 1044 -12.71 8.42 -0.77
C ILE C 1044 -14.09 8.36 -1.37
N LEU C 1045 -14.79 7.23 -1.23
CA LEU C 1045 -16.12 7.13 -1.80
C LEU C 1045 -17.14 7.95 -1.01
N LYS C 1046 -16.88 8.17 0.28
CA LYS C 1046 -17.71 9.12 1.01
C LYS C 1046 -17.43 10.55 0.55
N GLN C 1047 -16.19 10.83 0.19
CA GLN C 1047 -15.84 12.17 -0.26
C GLN C 1047 -16.30 12.44 -1.67
N LYS C 1048 -16.40 11.41 -2.50
CA LYS C 1048 -16.89 11.61 -3.87
C LYS C 1048 -18.37 11.93 -3.88
N TYR C 1049 -19.14 11.27 -3.01
CA TYR C 1049 -20.55 11.59 -2.89
C TYR C 1049 -20.76 12.94 -2.23
N ARG C 1050 -19.87 13.33 -1.32
CA ARG C 1050 -19.96 14.66 -0.72
C ARG C 1050 -19.52 15.74 -1.68
N LEU C 1051 -18.85 15.39 -2.77
CA LEU C 1051 -18.53 16.36 -3.80
C LEU C 1051 -19.54 16.32 -4.95
N LYS C 1052 -20.20 15.19 -5.16
CA LYS C 1052 -21.14 15.08 -6.27
C LYS C 1052 -22.40 15.90 -5.99
N ASP C 1053 -22.82 15.98 -4.74
CA ASP C 1053 -23.95 16.85 -4.43
C ASP C 1053 -23.52 18.29 -4.27
N LEU C 1054 -22.24 18.53 -4.04
CA LEU C 1054 -21.75 19.89 -3.94
C LEU C 1054 -21.77 20.57 -5.30
N THR C 1055 -21.32 19.86 -6.34
CA THR C 1055 -21.41 20.41 -7.68
C THR C 1055 -22.84 20.40 -8.19
N PHE C 1056 -23.71 19.56 -7.61
CA PHE C 1056 -25.11 19.64 -7.98
C PHE C 1056 -25.76 20.87 -7.37
N LEU C 1057 -25.34 21.23 -6.17
CA LEU C 1057 -25.86 22.44 -5.54
C LEU C 1057 -25.34 23.68 -6.23
N LEU C 1058 -24.09 23.67 -6.66
CA LEU C 1058 -23.49 24.83 -7.29
C LEU C 1058 -24.10 25.11 -8.65
N GLU C 1059 -24.44 24.06 -9.39
CA GLU C 1059 -25.13 24.26 -10.66
C GLU C 1059 -26.54 24.77 -10.43
N LYS C 1060 -27.22 24.28 -9.39
CA LYS C 1060 -28.51 24.83 -9.02
C LYS C 1060 -28.38 26.27 -8.54
N GLN C 1061 -27.26 26.58 -7.89
CA GLN C 1061 -27.00 27.94 -7.46
C GLN C 1061 -26.71 28.85 -8.63
N HIS C 1062 -26.08 28.31 -9.67
CA HIS C 1062 -25.66 29.13 -10.80
C HIS C 1062 -26.83 29.63 -11.62
N GLU C 1063 -27.88 28.82 -11.76
CA GLU C 1063 -29.04 29.26 -12.50
C GLU C 1063 -29.85 30.28 -11.74
N LEU C 1064 -29.73 30.31 -10.42
CA LEU C 1064 -30.39 31.35 -9.65
C LEU C 1064 -29.73 32.69 -9.87
N ILE C 1065 -28.40 32.71 -9.90
CA ILE C 1065 -27.67 33.95 -10.11
C ILE C 1065 -27.84 34.42 -11.54
N LYS C 1066 -27.94 33.48 -12.48
CA LYS C 1066 -28.31 33.82 -13.84
C LYS C 1066 -29.71 34.39 -13.92
N LEU C 1067 -30.59 33.98 -13.02
CA LEU C 1067 -31.94 34.54 -12.99
C LEU C 1067 -31.94 35.93 -12.39
N ILE C 1068 -31.03 36.21 -11.46
CA ILE C 1068 -30.98 37.52 -10.82
C ILE C 1068 -30.62 38.59 -11.85
N ILE C 1069 -29.60 38.32 -12.67
CA ILE C 1069 -29.21 39.27 -13.71
C ILE C 1069 -30.29 39.34 -14.78
N GLN C 1070 -31.03 38.25 -14.97
CA GLN C 1070 -32.09 38.23 -15.96
C GLN C 1070 -33.26 39.11 -15.54
N LYS C 1071 -33.53 39.18 -14.25
CA LYS C 1071 -34.62 39.99 -13.71
C LYS C 1071 -34.04 40.94 -12.67
N MET C 1072 -33.59 42.10 -13.11
CA MET C 1072 -32.93 43.02 -12.21
C MET C 1072 -33.20 44.43 -12.70
N GLU C 1073 -33.35 45.35 -11.76
CA GLU C 1073 -33.53 46.75 -12.14
C GLU C 1073 -32.16 47.35 -12.40
N ILE C 1074 -31.99 47.86 -13.62
CA ILE C 1074 -30.79 48.56 -14.04
C ILE C 1074 -31.25 49.84 -14.68
N ILE C 1075 -31.09 50.97 -13.99
CA ILE C 1075 -31.31 52.28 -14.56
C ILE C 1075 -30.04 53.13 -14.51
N SER C 1076 -29.35 53.12 -13.38
CA SER C 1076 -28.17 53.96 -13.23
C SER C 1076 -27.00 53.46 -14.05
N GLU C 1077 -26.95 52.16 -14.36
CA GLU C 1077 -25.82 51.55 -15.03
C GLU C 1077 -26.16 51.06 -16.44
N THR C 1078 -26.89 51.88 -17.19
CA THR C 1078 -27.31 51.52 -18.54
C THR C 1078 -26.38 52.06 -19.62
N GLU C 1079 -25.11 52.28 -19.28
CA GLU C 1079 -24.07 52.81 -20.17
C GLU C 1079 -24.46 54.12 -20.85
N LYS D 447 -41.68 46.14 13.36
CA LYS D 447 -41.19 44.96 14.08
C LYS D 447 -40.49 44.03 13.11
N SER D 448 -41.30 43.30 12.34
CA SER D 448 -40.75 42.54 11.22
C SER D 448 -40.00 43.37 10.18
N PRO D 449 -40.29 44.66 9.93
CA PRO D 449 -39.31 45.46 9.19
C PRO D 449 -38.00 45.63 9.92
N LEU D 450 -38.02 45.81 11.23
CA LEU D 450 -36.77 46.01 11.96
C LEU D 450 -36.02 44.70 12.11
N HIS D 451 -36.74 43.59 12.30
CA HIS D 451 -36.08 42.30 12.42
C HIS D 451 -35.46 41.87 11.11
N PHE D 452 -36.01 42.30 9.99
CA PHE D 452 -35.40 41.97 8.70
C PHE D 452 -34.22 42.88 8.40
N ALA D 453 -34.37 44.17 8.67
CA ALA D 453 -33.33 45.12 8.29
C ALA D 453 -32.10 45.00 9.17
N ALA D 454 -32.28 44.64 10.43
CA ALA D 454 -31.13 44.45 11.29
C ALA D 454 -30.43 43.13 11.00
N SER D 455 -31.18 42.13 10.55
CA SER D 455 -30.57 40.83 10.29
C SER D 455 -29.70 40.83 9.05
N TYR D 456 -29.92 41.77 8.13
CA TYR D 456 -29.17 41.78 6.88
C TYR D 456 -28.42 43.09 6.67
N GLY D 457 -28.15 43.80 7.76
CA GLY D 457 -27.24 44.92 7.71
C GLY D 457 -27.74 46.15 7.00
N ARG D 458 -29.02 46.21 6.67
CA ARG D 458 -29.55 47.39 5.99
C ARG D 458 -29.64 48.53 6.97
N ILE D 459 -28.54 49.27 7.14
CA ILE D 459 -28.41 50.19 8.26
C ILE D 459 -29.24 51.44 8.05
N ASN D 460 -29.41 51.90 6.81
CA ASN D 460 -30.21 53.09 6.57
C ASN D 460 -31.69 52.83 6.77
N THR D 461 -32.12 51.60 6.55
CA THR D 461 -33.48 51.22 6.92
C THR D 461 -33.65 51.22 8.43
N CYS D 462 -32.61 50.83 9.16
CA CYS D 462 -32.68 50.84 10.62
C CYS D 462 -32.63 52.24 11.18
N GLN D 463 -31.99 53.17 10.48
CA GLN D 463 -32.00 54.55 10.95
C GLN D 463 -33.35 55.20 10.75
N ARG D 464 -34.03 54.88 9.63
CA ARG D 464 -35.38 55.37 9.41
C ARG D 464 -36.42 54.61 10.19
N LEU D 465 -36.04 53.58 10.91
CA LEU D 465 -36.97 52.90 11.80
C LEU D 465 -36.77 53.28 13.26
N LEU D 466 -35.60 53.81 13.61
CA LEU D 466 -35.29 54.14 14.99
C LEU D 466 -35.04 55.62 15.21
N GLN D 467 -35.32 56.48 14.23
CA GLN D 467 -35.26 57.90 14.48
C GLN D 467 -36.44 58.38 15.31
N ASP D 468 -37.51 57.60 15.36
CA ASP D 468 -38.61 57.86 16.27
C ASP D 468 -38.18 57.54 17.69
N ILE D 469 -37.73 58.55 18.43
CA ILE D 469 -37.17 58.37 19.76
C ILE D 469 -38.28 58.06 20.76
N SER D 470 -37.87 57.62 21.96
CA SER D 470 -38.77 57.27 23.07
C SER D 470 -39.76 56.17 22.70
N ASP D 471 -39.32 55.23 21.88
CA ASP D 471 -40.11 54.06 21.51
C ASP D 471 -39.17 52.86 21.58
N THR D 472 -39.10 52.23 22.76
CA THR D 472 -38.12 51.19 23.03
C THR D 472 -38.74 49.83 23.27
N ARG D 473 -40.04 49.67 23.03
CA ARG D 473 -40.65 48.36 23.17
C ARG D 473 -40.28 47.47 22.00
N LEU D 474 -40.22 48.06 20.80
CA LEU D 474 -39.89 47.32 19.59
C LEU D 474 -38.38 47.13 19.43
N LEU D 475 -37.58 47.97 20.08
CA LEU D 475 -36.13 47.85 19.97
C LEU D 475 -35.61 46.60 20.66
N ASN D 476 -36.29 46.14 21.71
CA ASN D 476 -35.89 44.95 22.43
C ASN D 476 -36.90 43.81 22.28
N GLU D 477 -37.85 43.95 21.35
CA GLU D 477 -38.81 42.89 21.12
C GLU D 477 -38.13 41.71 20.41
N GLY D 478 -38.43 40.50 20.87
CA GLY D 478 -37.87 39.32 20.28
C GLY D 478 -38.83 38.64 19.33
N ASP D 479 -38.28 37.86 18.43
CA ASP D 479 -39.06 37.14 17.42
C ASP D 479 -39.55 35.82 18.03
N LEU D 480 -39.99 34.90 17.16
CA LEU D 480 -40.47 33.59 17.61
C LEU D 480 -39.38 32.76 18.26
N HIS D 481 -38.11 33.04 17.98
CA HIS D 481 -37.00 32.41 18.69
C HIS D 481 -36.44 33.30 19.78
N GLY D 482 -37.11 34.40 20.09
CA GLY D 482 -36.69 35.28 21.15
C GLY D 482 -35.54 36.19 20.83
N MET D 483 -35.03 36.17 19.60
CA MET D 483 -33.88 36.98 19.25
C MET D 483 -34.30 38.43 19.08
N THR D 484 -33.66 39.32 19.82
CA THR D 484 -33.81 40.74 19.63
C THR D 484 -33.08 41.16 18.35
N PRO D 485 -33.37 42.35 17.80
CA PRO D 485 -32.54 42.87 16.71
C PRO D 485 -31.05 42.96 17.00
N LEU D 486 -30.65 43.08 18.26
CA LEU D 486 -29.23 42.98 18.60
C LEU D 486 -28.70 41.59 18.32
N HIS D 487 -29.52 40.55 18.56
CA HIS D 487 -29.09 39.19 18.28
C HIS D 487 -28.96 38.96 16.78
N LEU D 488 -29.93 39.46 16.01
CA LEU D 488 -29.93 39.22 14.58
C LEU D 488 -28.83 39.98 13.88
N ALA D 489 -28.50 41.17 14.37
CA ALA D 489 -27.42 41.94 13.77
C ALA D 489 -26.07 41.32 14.07
N ALA D 490 -25.92 40.74 15.25
CA ALA D 490 -24.66 40.11 15.62
C ALA D 490 -24.54 38.70 15.08
N LYS D 491 -25.66 38.04 14.77
CA LYS D 491 -25.59 36.69 14.23
C LYS D 491 -25.02 36.69 12.83
N ASN D 492 -25.49 37.59 11.99
CA ASN D 492 -24.95 37.75 10.66
C ASN D 492 -23.74 38.67 10.61
N GLY D 493 -23.37 39.26 11.75
CA GLY D 493 -22.12 39.96 11.87
C GLY D 493 -22.05 41.28 11.14
N HIS D 494 -22.99 42.16 11.42
CA HIS D 494 -23.02 43.49 10.84
C HIS D 494 -22.65 44.47 11.94
N ASP D 495 -21.38 44.85 11.95
CA ASP D 495 -20.83 45.61 13.08
C ASP D 495 -21.33 47.04 13.11
N LYS D 496 -21.66 47.62 11.95
CA LYS D 496 -22.09 49.01 11.95
C LYS D 496 -23.50 49.14 12.48
N VAL D 497 -24.39 48.21 12.12
CA VAL D 497 -25.75 48.31 12.65
C VAL D 497 -25.80 47.78 14.08
N VAL D 498 -24.85 46.92 14.49
CA VAL D 498 -24.83 46.53 15.89
C VAL D 498 -24.25 47.63 16.75
N GLN D 499 -23.50 48.56 16.15
CA GLN D 499 -23.09 49.75 16.86
C GLN D 499 -24.26 50.72 17.01
N LEU D 500 -25.18 50.71 16.05
CA LEU D 500 -26.30 51.63 16.07
C LEU D 500 -27.31 51.24 17.15
N LEU D 501 -27.54 49.95 17.34
CA LEU D 501 -28.48 49.51 18.36
C LEU D 501 -27.94 49.76 19.75
N LEU D 502 -26.62 49.60 19.93
CA LEU D 502 -26.02 49.92 21.21
C LEU D 502 -25.92 51.42 21.44
N LYS D 503 -25.94 52.21 20.36
CA LYS D 503 -26.00 53.65 20.52
C LYS D 503 -27.36 54.11 21.04
N LYS D 504 -28.41 53.33 20.78
CA LYS D 504 -29.73 53.61 21.32
C LYS D 504 -29.95 52.88 22.64
N GLY D 505 -29.61 51.60 22.70
CA GLY D 505 -29.76 50.83 23.90
C GLY D 505 -30.44 49.52 23.61
N ALA D 506 -29.82 48.40 24.00
CA ALA D 506 -30.33 47.10 23.62
C ALA D 506 -30.41 46.10 24.76
N LEU D 507 -29.83 46.41 25.93
CA LEU D 507 -29.96 45.71 27.21
C LEU D 507 -29.35 44.31 27.24
N PHE D 508 -28.84 43.79 26.11
CA PHE D 508 -28.12 42.52 26.01
C PHE D 508 -28.93 41.34 26.54
N LEU D 509 -30.15 41.22 26.04
CA LEU D 509 -31.04 40.18 26.53
C LEU D 509 -30.60 38.82 26.01
N SER D 510 -31.19 37.79 26.58
CA SER D 510 -30.94 36.41 26.18
C SER D 510 -32.17 35.85 25.51
N ASP D 511 -31.99 35.14 24.41
CA ASP D 511 -33.10 34.58 23.66
C ASP D 511 -33.45 33.21 24.23
N HIS D 512 -34.25 32.45 23.49
CA HIS D 512 -34.40 31.04 23.78
C HIS D 512 -33.07 30.36 23.48
N ASN D 513 -32.68 29.45 24.38
CA ASN D 513 -31.36 28.83 24.62
C ASN D 513 -30.44 29.81 25.35
N GLY D 514 -30.89 31.01 25.67
CA GLY D 514 -30.15 31.87 26.56
C GLY D 514 -28.94 32.55 25.97
N TRP D 515 -28.87 32.67 24.64
CA TRP D 515 -27.70 33.27 24.02
C TRP D 515 -27.85 34.78 24.03
N THR D 516 -26.77 35.47 24.35
CA THR D 516 -26.78 36.92 24.17
C THR D 516 -26.28 37.22 22.76
N ALA D 517 -26.01 38.49 22.48
CA ALA D 517 -25.46 38.85 21.18
C ALA D 517 -24.04 38.35 21.02
N LEU D 518 -23.30 38.23 22.11
CA LEU D 518 -21.91 37.80 22.02
C LEU D 518 -21.80 36.32 21.72
N HIS D 519 -22.82 35.53 22.10
CA HIS D 519 -22.81 34.13 21.70
C HIS D 519 -23.00 34.00 20.20
N HIS D 520 -23.82 34.86 19.62
CA HIS D 520 -24.06 34.80 18.19
C HIS D 520 -22.88 35.36 17.40
N ALA D 521 -22.27 36.43 17.89
CA ALA D 521 -21.17 37.03 17.16
C ALA D 521 -19.92 36.18 17.23
N SER D 522 -19.76 35.42 18.31
CA SER D 522 -18.63 34.50 18.40
C SER D 522 -18.85 33.28 17.53
N MET D 523 -20.06 32.72 17.55
CA MET D 523 -20.36 31.63 16.64
C MET D 523 -20.55 32.19 15.25
N GLY D 524 -19.45 32.33 14.52
CA GLY D 524 -19.46 33.04 13.26
C GLY D 524 -18.17 33.80 13.10
N GLY D 525 -17.52 34.10 14.23
CA GLY D 525 -16.19 34.69 14.20
C GLY D 525 -16.14 36.11 13.72
N TYR D 526 -17.22 36.86 13.88
CA TYR D 526 -17.24 38.26 13.47
C TYR D 526 -16.55 39.06 14.55
N THR D 527 -15.22 39.12 14.46
CA THR D 527 -14.42 39.78 15.48
C THR D 527 -14.66 41.28 15.47
N GLN D 528 -14.98 41.86 14.32
CA GLN D 528 -15.29 43.28 14.27
C GLN D 528 -16.63 43.56 14.94
N THR D 529 -17.56 42.61 14.88
CA THR D 529 -18.81 42.75 15.63
C THR D 529 -18.57 42.48 17.12
N MET D 530 -17.70 41.51 17.42
CA MET D 530 -17.37 41.24 18.81
C MET D 530 -16.62 42.39 19.47
N LYS D 531 -15.88 43.16 18.68
CA LYS D 531 -15.09 44.24 19.24
C LYS D 531 -15.97 45.37 19.72
N VAL D 532 -16.96 45.77 18.93
CA VAL D 532 -17.81 46.90 19.31
C VAL D 532 -18.77 46.49 20.43
N ILE D 533 -19.11 45.20 20.51
CA ILE D 533 -19.93 44.72 21.63
C ILE D 533 -19.13 44.78 22.93
N LEU D 534 -17.87 44.37 22.88
CA LEU D 534 -17.03 44.31 24.07
C LEU D 534 -16.52 45.67 24.53
N ASP D 535 -16.86 46.75 23.86
CA ASP D 535 -16.42 48.08 24.28
C ASP D 535 -17.53 48.89 24.92
N THR D 536 -18.67 48.28 25.23
CA THR D 536 -19.80 49.02 25.81
C THR D 536 -19.84 48.93 27.32
N ASN D 537 -20.01 47.73 27.87
CA ASN D 537 -20.25 47.59 29.30
C ASN D 537 -19.47 46.47 29.98
N LEU D 538 -19.04 45.44 29.23
CA LEU D 538 -18.40 44.20 29.72
C LEU D 538 -19.30 43.40 30.65
N LYS D 539 -20.61 43.68 30.69
CA LYS D 539 -21.52 42.90 31.50
C LYS D 539 -22.01 41.65 30.79
N CYS D 540 -21.73 41.53 29.49
CA CYS D 540 -22.23 40.43 28.68
C CYS D 540 -21.17 39.40 28.37
N THR D 541 -19.89 39.67 28.69
CA THR D 541 -18.80 38.80 28.29
C THR D 541 -18.72 37.50 29.07
N ASP D 542 -19.50 37.34 30.15
CA ASP D 542 -19.40 36.14 30.97
C ASP D 542 -20.74 35.44 31.11
N ARG D 543 -21.65 35.66 30.16
CA ARG D 543 -22.97 35.08 30.29
C ARG D 543 -22.94 33.61 29.89
N LEU D 544 -24.01 32.91 30.22
CA LEU D 544 -24.08 31.47 30.02
C LEU D 544 -25.34 31.14 29.25
N ASP D 545 -25.26 30.12 28.42
CA ASP D 545 -26.41 29.64 27.68
C ASP D 545 -27.13 28.58 28.51
N GLU D 546 -28.03 27.83 27.89
CA GLU D 546 -28.76 26.79 28.62
C GLU D 546 -27.85 25.62 28.99
N ASP D 547 -26.78 25.38 28.24
CA ASP D 547 -25.77 24.41 28.61
C ASP D 547 -24.61 25.04 29.37
N GLY D 548 -24.65 26.33 29.65
CA GLY D 548 -23.59 26.94 30.41
C GLY D 548 -22.37 27.31 29.62
N ASN D 549 -22.41 27.22 28.30
CA ASN D 549 -21.30 27.67 27.48
C ASN D 549 -21.20 29.19 27.52
N THR D 550 -20.01 29.69 27.71
CA THR D 550 -19.80 31.13 27.58
C THR D 550 -19.46 31.42 26.13
N ALA D 551 -19.14 32.68 25.83
CA ALA D 551 -18.88 33.07 24.45
C ALA D 551 -17.58 32.49 23.93
N LEU D 552 -16.64 32.20 24.84
CA LEU D 552 -15.39 31.58 24.41
C LEU D 552 -15.60 30.15 23.98
N HIS D 553 -16.62 29.49 24.52
CA HIS D 553 -16.93 28.12 24.12
C HIS D 553 -17.38 28.06 22.67
N PHE D 554 -18.20 29.01 22.25
CA PHE D 554 -18.70 28.99 20.89
C PHE D 554 -17.64 29.42 19.89
N ALA D 555 -16.81 30.39 20.26
CA ALA D 555 -15.77 30.84 19.35
C ALA D 555 -14.68 29.80 19.17
N ALA D 556 -14.46 28.96 20.18
CA ALA D 556 -13.48 27.91 20.06
C ALA D 556 -14.04 26.64 19.42
N ARG D 557 -15.34 26.42 19.52
CA ARG D 557 -15.91 25.21 18.94
C ARG D 557 -15.99 25.30 17.43
N GLU D 558 -16.41 26.45 16.91
CA GLU D 558 -16.52 26.64 15.48
C GLU D 558 -15.22 27.09 14.84
N GLY D 559 -14.14 27.19 15.60
CA GLY D 559 -12.84 27.42 15.03
C GLY D 559 -12.60 28.80 14.47
N HIS D 560 -12.65 29.80 15.34
CA HIS D 560 -12.37 31.17 14.94
C HIS D 560 -11.24 31.67 15.83
N ALA D 561 -10.01 31.61 15.28
CA ALA D 561 -8.83 31.90 16.08
C ALA D 561 -8.73 33.37 16.45
N LYS D 562 -9.17 34.26 15.58
CA LYS D 562 -9.15 35.67 15.92
C LYS D 562 -10.24 36.04 16.91
N ALA D 563 -11.28 35.23 17.01
CA ALA D 563 -12.32 35.51 17.98
C ALA D 563 -11.87 35.13 19.39
N VAL D 564 -11.19 34.00 19.53
CA VAL D 564 -10.74 33.61 20.87
C VAL D 564 -9.56 34.46 21.29
N ALA D 565 -8.78 34.99 20.35
CA ALA D 565 -7.72 35.92 20.72
C ALA D 565 -8.29 37.23 21.21
N LEU D 566 -9.39 37.67 20.62
CA LEU D 566 -10.05 38.88 21.11
C LEU D 566 -10.74 38.61 22.44
N LEU D 567 -11.32 37.42 22.59
CA LEU D 567 -12.02 37.09 23.83
C LEU D 567 -11.08 36.74 24.96
N LEU D 568 -9.80 36.52 24.69
CA LEU D 568 -8.83 36.30 25.75
C LEU D 568 -8.01 37.53 26.05
N SER D 569 -7.90 38.47 25.10
CA SER D 569 -7.28 39.75 25.40
C SER D 569 -8.08 40.52 26.43
N HIS D 570 -9.41 40.50 26.30
CA HIS D 570 -10.28 40.88 27.39
C HIS D 570 -10.37 39.71 28.35
N ASN D 571 -10.43 40.00 29.64
CA ASN D 571 -10.35 38.96 30.67
C ASN D 571 -11.72 38.31 30.85
N ALA D 572 -12.13 37.56 29.84
CA ALA D 572 -13.33 36.76 29.94
C ALA D 572 -13.01 35.46 30.65
N ASP D 573 -13.95 35.05 31.51
CA ASP D 573 -13.70 33.94 32.42
C ASP D 573 -13.71 32.61 31.67
N ILE D 574 -12.94 31.66 32.19
CA ILE D 574 -12.84 30.33 31.63
C ILE D 574 -13.58 29.38 32.58
N VAL D 575 -14.61 28.73 32.09
CA VAL D 575 -15.47 27.91 32.91
C VAL D 575 -15.70 26.56 32.23
N LEU D 576 -16.57 25.77 32.82
CA LEU D 576 -17.01 24.51 32.24
C LEU D 576 -18.50 24.60 31.94
N ASN D 577 -18.93 23.80 30.98
CA ASN D 577 -20.34 23.73 30.64
C ASN D 577 -21.01 22.68 31.51
N LYS D 578 -22.22 22.28 31.15
CA LYS D 578 -22.88 21.17 31.83
C LYS D 578 -22.20 19.84 31.57
N GLN D 579 -21.47 19.72 30.47
CA GLN D 579 -20.71 18.52 30.19
C GLN D 579 -19.27 18.60 30.66
N GLN D 580 -18.98 19.56 31.57
CA GLN D 580 -17.68 19.74 32.22
C GLN D 580 -16.55 19.99 31.23
N ALA D 581 -16.88 20.61 30.10
CA ALA D 581 -15.90 20.91 29.07
C ALA D 581 -15.56 22.38 29.12
N SER D 582 -14.27 22.70 29.09
CA SER D 582 -13.84 24.07 28.92
C SER D 582 -13.86 24.41 27.44
N PHE D 583 -13.52 25.65 27.12
CA PHE D 583 -13.39 26.04 25.72
C PHE D 583 -12.20 25.36 25.06
N LEU D 584 -11.20 24.98 25.83
CA LEU D 584 -10.09 24.22 25.26
C LEU D 584 -10.52 22.82 24.88
N HIS D 585 -11.47 22.25 25.61
CA HIS D 585 -11.94 20.91 25.29
C HIS D 585 -12.75 20.90 24.01
N LEU D 586 -13.52 21.96 23.78
CA LEU D 586 -14.34 22.02 22.58
C LEU D 586 -13.50 22.23 21.33
N ALA D 587 -12.41 22.99 21.45
CA ALA D 587 -11.53 23.16 20.31
C ALA D 587 -10.76 21.89 20.00
N LEU D 588 -10.38 21.14 21.04
CA LEU D 588 -9.66 19.89 20.82
C LEU D 588 -10.56 18.81 20.26
N HIS D 589 -11.82 18.78 20.66
CA HIS D 589 -12.73 17.77 20.14
C HIS D 589 -13.11 18.04 18.71
N ASN D 590 -13.25 19.31 18.35
CA ASN D 590 -13.60 19.68 16.99
C ASN D 590 -12.36 19.90 16.11
N LYS D 591 -11.17 19.64 16.66
CA LYS D 591 -9.90 19.63 15.93
C LYS D 591 -9.61 20.99 15.29
N ARG D 592 -9.74 22.05 16.08
CA ARG D 592 -9.50 23.41 15.60
C ARG D 592 -8.05 23.75 15.86
N LYS D 593 -7.22 23.56 14.82
CA LYS D 593 -5.77 23.67 14.99
C LYS D 593 -5.34 25.11 15.21
N GLU D 594 -5.88 26.03 14.42
CA GLU D 594 -5.49 27.42 14.54
C GLU D 594 -6.00 28.07 15.82
N VAL D 595 -7.03 27.50 16.44
CA VAL D 595 -7.54 28.06 17.68
C VAL D 595 -6.63 27.70 18.84
N VAL D 596 -6.27 26.43 18.97
CA VAL D 596 -5.45 26.00 20.10
C VAL D 596 -4.03 26.51 20.00
N LEU D 597 -3.57 26.88 18.81
CA LEU D 597 -2.29 27.56 18.72
C LEU D 597 -2.38 28.97 19.30
N THR D 598 -3.51 29.64 19.09
CA THR D 598 -3.70 30.94 19.71
C THR D 598 -3.99 30.82 21.20
N ILE D 599 -4.45 29.66 21.66
CA ILE D 599 -4.59 29.46 23.10
C ILE D 599 -3.21 29.26 23.72
N ILE D 600 -2.35 28.50 23.04
CA ILE D 600 -1.03 28.19 23.57
C ILE D 600 -0.15 29.43 23.53
N ARG D 601 -0.09 30.10 22.38
CA ARG D 601 0.85 31.19 22.19
C ARG D 601 0.47 32.45 22.96
N SER D 602 -0.77 32.57 23.41
CA SER D 602 -1.15 33.75 24.16
C SER D 602 -0.89 33.54 25.64
N LYS D 603 -1.21 34.56 26.43
CA LYS D 603 -1.14 34.44 27.87
C LYS D 603 -2.35 33.66 28.38
N ARG D 604 -2.45 33.55 29.71
CA ARG D 604 -3.48 32.79 30.42
C ARG D 604 -3.51 31.32 29.99
N TRP D 605 -2.39 30.80 29.48
CA TRP D 605 -2.39 29.45 28.96
C TRP D 605 -2.39 28.42 30.09
N ASP D 606 -1.66 28.72 31.16
CA ASP D 606 -1.64 27.83 32.30
C ASP D 606 -2.97 27.80 33.02
N GLU D 607 -3.69 28.94 33.05
CA GLU D 607 -4.93 28.98 33.79
C GLU D 607 -6.08 28.34 33.02
N CYS D 608 -5.96 28.17 31.70
CA CYS D 608 -6.91 27.31 31.01
C CYS D 608 -6.38 25.89 30.89
N LEU D 609 -5.14 25.64 31.30
CA LEU D 609 -4.66 24.27 31.37
C LEU D 609 -5.18 23.57 32.61
N LYS D 610 -5.20 24.28 33.74
CA LYS D 610 -5.64 23.71 35.00
C LYS D 610 -7.13 23.90 35.24
N ILE D 611 -7.87 24.36 34.24
CA ILE D 611 -9.28 24.66 34.42
C ILE D 611 -10.16 23.43 34.20
N PHE D 612 -9.57 22.31 33.77
CA PHE D 612 -10.33 21.10 33.54
C PHE D 612 -10.79 20.48 34.86
N SER D 613 -11.70 19.52 34.74
CA SER D 613 -12.22 18.81 35.90
C SER D 613 -11.95 17.32 35.75
N HIS D 614 -11.73 16.66 36.88
CA HIS D 614 -11.55 15.22 36.91
C HIS D 614 -12.93 14.56 36.91
N ASN D 615 -12.94 13.25 37.18
CA ASN D 615 -14.11 12.34 37.21
C ASN D 615 -15.09 12.60 36.06
N SER D 616 -14.54 12.73 34.87
CA SER D 616 -15.33 12.97 33.67
C SER D 616 -14.80 12.06 32.57
N PRO D 617 -15.65 11.22 31.97
CA PRO D 617 -15.17 10.25 30.97
C PRO D 617 -14.63 10.90 29.71
N GLY D 618 -15.40 11.80 29.12
CA GLY D 618 -14.85 12.74 28.17
C GLY D 618 -14.31 13.95 28.89
N ASN D 619 -13.59 14.79 28.14
CA ASN D 619 -13.05 16.06 28.61
C ASN D 619 -12.10 15.85 29.79
N LYS D 620 -11.04 15.10 29.55
CA LYS D 620 -10.08 14.79 30.60
C LYS D 620 -9.08 15.91 30.80
N CYS D 621 -7.83 15.54 31.07
CA CYS D 621 -6.77 16.51 31.22
C CYS D 621 -6.44 17.01 29.81
N PRO D 622 -6.34 18.34 29.63
CA PRO D 622 -6.20 18.99 28.32
C PRO D 622 -4.98 18.55 27.52
N ILE D 623 -3.94 18.14 28.24
CA ILE D 623 -2.77 17.58 27.58
C ILE D 623 -3.12 16.26 26.90
N THR D 624 -3.92 15.44 27.56
CA THR D 624 -4.23 14.11 27.05
C THR D 624 -5.10 14.16 25.80
N GLU D 625 -6.03 15.11 25.73
CA GLU D 625 -6.74 15.29 24.47
C GLU D 625 -5.85 15.89 23.39
N MET D 626 -4.85 16.67 23.79
CA MET D 626 -3.94 17.22 22.79
C MET D 626 -3.06 16.13 22.21
N ILE D 627 -2.74 15.10 22.99
CA ILE D 627 -2.13 13.91 22.41
C ILE D 627 -3.13 13.17 21.55
N GLU D 628 -4.37 13.09 22.02
CA GLU D 628 -5.36 12.23 21.39
C GLU D 628 -5.87 12.81 20.08
N TYR D 629 -5.97 14.12 19.98
CA TYR D 629 -6.65 14.72 18.85
C TYR D 629 -5.75 15.58 17.97
N LEU D 630 -4.92 16.43 18.55
CA LEU D 630 -4.13 17.38 17.78
C LEU D 630 -2.66 17.26 18.15
N PRO D 631 -1.96 16.25 17.64
CA PRO D 631 -0.56 16.07 18.01
C PRO D 631 0.38 17.12 17.45
N GLU D 632 0.01 17.80 16.37
CA GLU D 632 0.91 18.83 15.84
C GLU D 632 0.95 20.05 16.74
N CYS D 633 -0.15 20.36 17.42
CA CYS D 633 -0.15 21.46 18.36
C CYS D 633 0.53 21.10 19.67
N MET D 634 0.59 19.82 20.00
CA MET D 634 1.43 19.41 21.12
C MET D 634 2.90 19.60 20.81
N LYS D 635 3.27 19.43 19.53
CA LYS D 635 4.66 19.67 19.12
C LYS D 635 5.03 21.14 19.27
N VAL D 636 4.08 22.04 19.01
CA VAL D 636 4.31 23.45 19.25
C VAL D 636 4.44 23.72 20.74
N LEU D 637 3.68 22.99 21.55
CA LEU D 637 3.79 23.15 23.00
C LEU D 637 5.12 22.62 23.51
N LEU D 638 5.62 21.55 22.91
CA LEU D 638 6.93 21.03 23.31
C LEU D 638 8.06 21.92 22.85
N ASP D 639 7.86 22.71 21.80
CA ASP D 639 8.87 23.67 21.40
C ASP D 639 9.03 24.79 22.42
N PHE D 640 7.95 25.11 23.14
CA PHE D 640 8.05 26.11 24.19
C PHE D 640 8.79 25.59 25.41
N CYS D 641 8.82 24.27 25.59
CA CYS D 641 9.59 23.70 26.69
C CYS D 641 11.08 23.67 26.38
N MET D 642 11.43 23.44 25.12
CA MET D 642 12.83 23.40 24.71
C MET D 642 13.30 24.82 24.46
N LEU D 643 13.87 25.44 25.48
CA LEU D 643 14.39 26.79 25.37
C LEU D 643 15.91 26.76 25.38
N HIS D 644 16.50 27.79 24.78
CA HIS D 644 17.95 27.90 24.67
C HIS D 644 18.54 28.94 25.60
N SER D 645 17.88 30.10 25.72
CA SER D 645 18.32 31.25 26.52
C SER D 645 19.72 31.72 26.13
N THR D 646 20.04 31.59 24.84
CA THR D 646 21.35 31.97 24.31
C THR D 646 21.19 32.16 22.80
N GLU D 647 22.20 32.75 22.20
CA GLU D 647 22.22 32.91 20.76
C GLU D 647 23.56 32.54 20.13
N ASP D 648 24.58 32.25 20.93
CA ASP D 648 25.88 31.86 20.42
C ASP D 648 25.86 30.35 20.21
N LYS D 649 25.63 29.93 18.97
CA LYS D 649 25.59 28.51 18.65
C LYS D 649 26.98 27.91 18.73
N SER D 650 27.06 26.68 19.23
CA SER D 650 28.30 25.91 19.42
C SER D 650 29.31 26.65 20.30
N CYS D 651 28.80 27.35 21.32
CA CYS D 651 29.64 28.05 22.26
C CYS D 651 29.86 27.19 23.51
N ARG D 652 30.85 27.60 24.31
CA ARG D 652 31.13 26.88 25.55
C ARG D 652 30.06 27.16 26.60
N ASP D 653 29.56 28.39 26.63
CA ASP D 653 28.48 28.76 27.53
C ASP D 653 27.10 28.49 26.94
N TYR D 654 27.04 27.92 25.74
CA TYR D 654 25.78 27.62 25.09
C TYR D 654 25.13 26.40 25.73
N TYR D 655 23.83 26.48 25.96
CA TYR D 655 23.10 25.39 26.58
C TYR D 655 21.67 25.39 26.06
N ILE D 656 21.01 24.24 26.20
CA ILE D 656 19.61 24.07 25.88
C ILE D 656 18.94 23.48 27.11
N GLU D 657 18.06 24.23 27.74
CA GLU D 657 17.34 23.74 28.89
C GLU D 657 16.03 23.11 28.46
N TYR D 658 15.81 21.86 28.85
CA TYR D 658 14.58 21.15 28.56
C TYR D 658 13.69 21.18 29.80
N ASN D 659 12.43 21.54 29.63
CA ASN D 659 11.47 21.60 30.72
C ASN D 659 10.44 20.51 30.55
N PHE D 660 10.08 19.85 31.64
CA PHE D 660 9.13 18.75 31.62
C PHE D 660 7.91 19.08 32.45
N LYS D 661 7.45 20.32 32.38
CA LYS D 661 6.30 20.71 33.18
C LYS D 661 4.99 20.19 32.62
N TYR D 662 4.95 19.81 31.34
CA TYR D 662 3.73 19.36 30.71
C TYR D 662 3.67 17.85 30.54
N LEU D 663 4.72 17.14 30.92
CA LEU D 663 4.78 15.72 30.65
C LEU D 663 4.35 14.86 31.84
N GLN D 664 3.90 15.47 32.93
CA GLN D 664 3.76 14.69 34.16
C GLN D 664 2.79 15.36 35.11
N CYS D 665 2.15 14.53 35.94
CA CYS D 665 1.49 15.01 37.14
C CYS D 665 2.53 15.37 38.19
N PRO D 666 2.15 16.06 39.27
CA PRO D 666 3.10 16.28 40.37
C PRO D 666 3.35 15.09 41.28
N LEU D 667 2.99 13.88 40.84
CA LEU D 667 3.29 12.56 41.41
C LEU D 667 2.51 12.25 42.68
N GLU D 668 1.76 13.21 43.21
CA GLU D 668 0.86 12.88 44.31
C GLU D 668 -0.39 12.17 43.81
N PHE D 669 -0.72 12.32 42.54
CA PHE D 669 -1.87 11.67 41.94
C PHE D 669 -1.50 10.35 41.28
N THR D 670 -0.27 9.88 41.49
CA THR D 670 0.16 8.61 40.93
C THR D 670 -0.06 7.44 41.88
N LYS D 671 0.01 7.70 43.18
CA LYS D 671 -0.18 6.66 44.19
C LYS D 671 -1.59 6.73 44.75
N LYS D 672 -2.14 5.57 45.08
CA LYS D 672 -3.48 5.50 45.67
C LYS D 672 -3.44 6.02 47.10
N THR D 673 -4.21 7.07 47.36
CA THR D 673 -4.26 7.72 48.66
C THR D 673 -5.69 8.13 48.93
N PRO D 674 -6.11 8.15 50.20
CA PRO D 674 -7.47 8.65 50.51
C PRO D 674 -7.63 10.13 50.24
N THR D 675 -6.57 10.91 50.40
CA THR D 675 -6.65 12.34 50.08
C THR D 675 -6.50 12.59 48.59
N GLN D 676 -5.80 11.72 47.87
CA GLN D 676 -5.57 11.88 46.43
C GLN D 676 -6.53 10.94 45.71
N ASP D 677 -7.70 11.47 45.35
CA ASP D 677 -8.69 10.68 44.64
C ASP D 677 -8.30 10.43 43.18
N VAL D 678 -7.41 11.24 42.63
CA VAL D 678 -6.94 11.05 41.26
C VAL D 678 -5.97 9.88 41.23
N ILE D 679 -6.11 9.03 40.21
CA ILE D 679 -5.33 7.80 40.10
C ILE D 679 -4.56 7.82 38.80
N TYR D 680 -4.09 8.99 38.38
CA TYR D 680 -3.36 9.14 37.13
C TYR D 680 -2.04 8.38 37.16
N GLU D 681 -1.94 7.35 36.34
CA GLU D 681 -0.73 6.53 36.26
C GLU D 681 0.42 7.35 35.71
N PRO D 682 1.65 7.12 36.17
CA PRO D 682 2.73 8.08 35.89
C PRO D 682 3.18 8.05 34.45
N LEU D 683 4.01 9.04 34.12
CA LEU D 683 4.43 9.38 32.75
C LEU D 683 3.21 9.55 31.86
N THR D 684 2.39 10.54 32.22
CA THR D 684 1.04 10.63 31.68
C THR D 684 1.05 11.01 30.21
N ALA D 685 1.87 11.99 29.83
CA ALA D 685 1.90 12.41 28.44
C ALA D 685 2.54 11.35 27.55
N LEU D 686 3.52 10.63 28.08
CA LEU D 686 4.18 9.62 27.27
C LEU D 686 3.35 8.35 27.18
N ASN D 687 2.61 8.01 28.22
CA ASN D 687 1.71 6.87 28.12
C ASN D 687 0.53 7.19 27.21
N ALA D 688 0.14 8.46 27.14
CA ALA D 688 -0.85 8.87 26.15
C ALA D 688 -0.28 8.85 24.75
N MET D 689 1.02 9.07 24.62
CA MET D 689 1.65 9.06 23.30
C MET D 689 1.71 7.65 22.73
N VAL D 690 2.09 6.68 23.55
CA VAL D 690 2.18 5.31 23.06
C VAL D 690 0.81 4.67 22.88
N GLN D 691 -0.23 5.22 23.50
CA GLN D 691 -1.57 4.70 23.26
C GLN D 691 -2.16 5.27 22.00
N ASN D 692 -1.91 6.55 21.73
CA ASN D 692 -2.45 7.22 20.55
C ASN D 692 -1.48 7.19 19.38
N ASN D 693 -0.44 6.34 19.45
CA ASN D 693 0.48 6.04 18.35
C ASN D 693 1.26 7.27 17.88
N ARG D 694 1.47 8.24 18.75
CA ARG D 694 2.11 9.50 18.37
C ARG D 694 3.62 9.30 18.38
N ILE D 695 4.11 8.71 17.29
CA ILE D 695 5.53 8.41 17.20
C ILE D 695 6.33 9.68 16.93
N GLU D 696 5.75 10.66 16.24
CA GLU D 696 6.44 11.92 15.99
C GLU D 696 6.58 12.73 17.25
N LEU D 697 5.66 12.57 18.20
CA LEU D 697 5.79 13.23 19.49
C LEU D 697 6.80 12.52 20.38
N LEU D 698 6.95 11.21 20.23
CA LEU D 698 7.87 10.48 21.08
C LEU D 698 9.31 10.70 20.67
N ASN D 699 9.55 11.02 19.40
CA ASN D 699 10.89 11.33 18.93
C ASN D 699 11.24 12.80 19.09
N HIS D 700 10.42 13.55 19.81
CA HIS D 700 10.74 14.93 20.08
C HIS D 700 11.92 15.03 21.04
N PRO D 701 12.77 16.04 20.89
CA PRO D 701 13.93 16.16 21.78
C PRO D 701 13.59 16.43 23.23
N VAL D 702 12.40 16.95 23.53
CA VAL D 702 12.01 17.07 24.93
C VAL D 702 11.65 15.72 25.50
N CYS D 703 10.94 14.89 24.72
CA CYS D 703 10.55 13.58 25.21
C CYS D 703 11.73 12.62 25.27
N LYS D 704 12.70 12.79 24.37
CA LYS D 704 13.91 11.98 24.46
C LYS D 704 14.73 12.36 25.67
N GLU D 705 14.79 13.66 25.99
CA GLU D 705 15.50 14.08 27.18
C GLU D 705 14.73 13.72 28.44
N TYR D 706 13.41 13.60 28.33
CA TYR D 706 12.62 13.23 29.49
C TYR D 706 12.81 11.77 29.84
N LEU D 707 12.88 10.91 28.83
CA LEU D 707 13.13 9.49 29.08
C LEU D 707 14.55 9.28 29.58
N LEU D 708 15.51 10.03 29.03
CA LEU D 708 16.88 9.92 29.48
C LEU D 708 17.04 10.45 30.89
N MET D 709 16.20 11.40 31.30
CA MET D 709 16.19 11.81 32.69
C MET D 709 15.65 10.70 33.57
N LYS D 710 14.57 10.05 33.14
CA LYS D 710 13.99 8.96 33.91
C LYS D 710 14.91 7.76 33.93
N TRP D 711 15.72 7.59 32.89
CA TRP D 711 16.68 6.49 32.85
C TRP D 711 17.78 6.71 33.86
N LEU D 712 18.36 7.90 33.90
CA LEU D 712 19.46 8.17 34.81
C LEU D 712 19.00 8.39 36.24
N ALA D 713 17.72 8.70 36.45
CA ALA D 713 17.23 8.88 37.81
C ALA D 713 17.12 7.53 38.51
N TYR D 714 16.32 6.63 37.96
CA TYR D 714 16.14 5.32 38.54
C TYR D 714 16.12 4.20 37.52
N GLY D 715 15.99 4.51 36.23
CA GLY D 715 15.81 3.45 35.25
C GLY D 715 17.07 2.65 35.01
N PHE D 716 18.21 3.32 34.93
CA PHE D 716 19.47 2.61 34.79
C PHE D 716 19.86 1.92 36.08
N ARG D 717 19.51 2.52 37.23
CA ARG D 717 19.89 1.93 38.50
C ARG D 717 19.08 0.68 38.79
N ALA D 718 17.77 0.73 38.54
CA ALA D 718 16.94 -0.45 38.79
C ALA D 718 17.21 -1.55 37.79
N HIS D 719 17.66 -1.20 36.60
CA HIS D 719 18.03 -2.21 35.63
C HIS D 719 19.35 -2.87 35.99
N MET D 720 20.24 -2.14 36.66
CA MET D 720 21.52 -2.71 37.01
C MET D 720 21.48 -3.59 38.24
N MET D 721 20.53 -3.39 39.15
CA MET D 721 20.44 -4.35 40.24
C MET D 721 19.74 -5.62 39.78
N ASN D 722 18.81 -5.50 38.83
CA ASN D 722 18.09 -6.66 38.36
C ASN D 722 18.98 -7.53 37.48
N LEU D 723 19.72 -6.91 36.58
CA LEU D 723 20.67 -7.66 35.77
C LEU D 723 21.88 -8.06 36.59
N GLY D 724 22.25 -7.25 37.57
CA GLY D 724 23.43 -7.56 38.37
C GLY D 724 23.21 -8.70 39.33
N SER D 725 22.00 -8.81 39.88
CA SER D 725 21.71 -9.94 40.76
C SER D 725 21.57 -11.23 39.98
N TYR D 726 21.19 -11.15 38.71
CA TYR D 726 21.09 -12.33 37.88
C TYR D 726 22.45 -12.83 37.45
N CYS D 727 23.35 -11.91 37.08
CA CYS D 727 24.70 -12.29 36.70
C CYS D 727 25.51 -12.78 37.88
N LEU D 728 25.05 -12.53 39.11
CA LEU D 728 25.69 -13.08 40.29
C LEU D 728 25.48 -14.59 40.40
N GLY D 729 24.52 -15.13 39.67
CA GLY D 729 24.36 -16.57 39.59
C GLY D 729 24.62 -17.11 38.21
N LEU D 730 24.49 -16.25 37.20
CA LEU D 730 24.75 -16.67 35.83
C LEU D 730 26.22 -16.95 35.60
N ILE D 731 27.08 -16.02 35.96
CA ILE D 731 28.51 -16.12 35.73
C ILE D 731 29.16 -17.18 36.62
N PRO D 732 28.88 -17.30 37.92
CA PRO D 732 29.48 -18.42 38.67
C PRO D 732 28.96 -19.79 38.27
N MET D 733 27.80 -19.86 37.62
CA MET D 733 27.37 -21.12 37.04
C MET D 733 28.26 -21.51 35.87
N THR D 734 28.50 -20.57 34.97
CA THR D 734 29.30 -20.84 33.78
C THR D 734 30.75 -21.11 34.13
N ILE D 735 31.28 -20.43 35.15
CA ILE D 735 32.62 -20.74 35.62
C ILE D 735 32.68 -22.13 36.20
N LEU D 736 31.62 -22.54 36.90
CA LEU D 736 31.59 -23.84 37.51
C LEU D 736 31.41 -24.95 36.50
N VAL D 737 30.79 -24.66 35.37
CA VAL D 737 30.57 -25.68 34.35
C VAL D 737 31.85 -25.93 33.57
N VAL D 738 32.50 -24.86 33.09
CA VAL D 738 33.66 -25.01 32.23
C VAL D 738 34.94 -25.37 32.98
N ASN D 739 34.92 -25.37 34.31
CA ASN D 739 36.11 -25.71 35.06
C ASN D 739 36.07 -27.10 35.68
N ILE D 740 34.90 -27.73 35.73
CA ILE D 740 34.77 -29.08 36.24
C ILE D 740 34.35 -29.97 35.08
N LYS D 741 34.96 -31.15 35.00
CA LYS D 741 34.54 -32.13 34.01
C LYS D 741 33.14 -32.60 34.33
N PRO D 742 32.22 -32.61 33.36
CA PRO D 742 30.80 -32.80 33.68
C PRO D 742 30.41 -34.20 34.12
N GLY D 743 31.34 -35.12 34.29
CA GLY D 743 30.95 -36.42 34.78
C GLY D 743 30.74 -36.45 36.27
N MET D 744 31.79 -36.23 37.03
CA MET D 744 31.83 -36.61 38.43
C MET D 744 31.44 -35.46 39.35
N ALA D 745 31.17 -35.82 40.61
CA ALA D 745 30.66 -34.89 41.60
C ALA D 745 31.78 -34.02 42.14
N PHE D 746 31.40 -33.06 42.98
CA PHE D 746 32.37 -32.16 43.58
C PHE D 746 31.83 -31.60 44.88
N ASN D 747 32.63 -31.67 45.93
CA ASN D 747 32.39 -30.96 47.17
C ASN D 747 32.70 -29.48 46.99
N SER D 748 32.56 -28.71 48.06
CA SER D 748 33.15 -27.38 48.08
C SER D 748 34.66 -27.45 48.15
N THR D 749 35.21 -28.56 48.63
CA THR D 749 36.65 -28.75 48.72
C THR D 749 37.29 -29.08 47.37
N GLY D 750 36.51 -29.37 46.35
CA GLY D 750 37.03 -29.64 45.04
C GLY D 750 36.35 -30.83 44.42
N ILE D 751 36.91 -31.29 43.33
CA ILE D 751 36.35 -32.41 42.57
C ILE D 751 36.65 -33.71 43.29
N ILE D 752 35.68 -34.61 43.32
CA ILE D 752 35.84 -35.85 44.07
C ILE D 752 36.51 -36.92 43.22
N ASN D 753 35.98 -37.16 42.02
CA ASN D 753 36.50 -38.12 41.03
C ASN D 753 36.67 -39.56 41.55
N LEU D 762 40.64 -37.38 44.37
CA LEU D 762 40.20 -36.06 44.79
C LEU D 762 41.22 -35.01 44.34
N ASP D 763 40.76 -34.02 43.57
CA ASP D 763 41.67 -33.07 42.94
C ASP D 763 42.14 -32.00 43.91
N THR D 764 41.19 -31.21 44.44
CA THR D 764 41.43 -30.09 45.37
C THR D 764 42.38 -29.04 44.79
N THR D 765 42.41 -28.89 43.48
CA THR D 765 43.13 -27.81 42.84
C THR D 765 42.14 -26.74 42.40
N ASN D 766 42.61 -25.47 42.43
CA ASN D 766 41.81 -24.23 42.37
C ASN D 766 40.49 -24.33 43.14
N SER D 767 40.60 -24.86 44.37
CA SER D 767 39.41 -25.11 45.18
C SER D 767 38.81 -23.84 45.74
N TYR D 768 39.56 -22.74 45.75
CA TYR D 768 38.98 -21.47 46.16
C TYR D 768 38.01 -20.95 45.12
N LEU D 769 38.32 -21.15 43.84
CA LEU D 769 37.41 -20.71 42.79
C LEU D 769 36.14 -21.55 42.77
N ILE D 770 36.28 -22.85 42.98
CA ILE D 770 35.11 -23.73 42.97
C ILE D 770 34.23 -23.46 44.18
N LYS D 771 34.83 -23.05 45.31
CA LYS D 771 34.05 -22.84 46.52
C LYS D 771 33.21 -21.57 46.42
N THR D 772 33.79 -20.48 45.91
CA THR D 772 33.04 -19.22 45.87
C THR D 772 31.98 -19.24 44.79
N CYS D 773 32.24 -19.89 43.66
CA CYS D 773 31.20 -20.01 42.64
C CYS D 773 30.09 -20.93 43.09
N MET D 774 30.41 -21.92 43.92
CA MET D 774 29.38 -22.73 44.57
C MET D 774 28.57 -21.90 45.53
N ILE D 775 29.23 -21.00 46.26
CA ILE D 775 28.55 -20.16 47.24
C ILE D 775 27.73 -19.10 46.54
N LEU D 776 28.29 -18.46 45.51
CA LEU D 776 27.60 -17.37 44.82
C LEU D 776 26.37 -17.85 44.08
N VAL D 777 26.38 -19.08 43.57
CA VAL D 777 25.21 -19.56 42.86
C VAL D 777 24.12 -19.90 43.86
N PHE D 778 24.50 -20.35 45.04
CA PHE D 778 23.53 -20.71 46.06
C PHE D 778 22.85 -19.48 46.64
N LEU D 779 23.62 -18.41 46.88
CA LEU D 779 23.02 -17.19 47.40
C LEU D 779 22.21 -16.46 46.35
N SER D 780 22.61 -16.54 45.09
CA SER D 780 21.83 -15.88 44.05
C SER D 780 20.54 -16.62 43.77
N SER D 781 20.49 -17.91 44.06
CA SER D 781 19.26 -18.67 43.88
C SER D 781 18.26 -18.33 44.97
N ILE D 782 18.70 -18.27 46.23
CA ILE D 782 17.79 -17.91 47.29
C ILE D 782 17.49 -16.41 47.30
N PHE D 783 18.34 -15.59 46.65
CA PHE D 783 17.91 -14.23 46.36
C PHE D 783 16.81 -14.24 45.32
N GLY D 784 16.86 -15.18 44.39
CA GLY D 784 15.83 -15.29 43.38
C GLY D 784 14.52 -15.83 43.91
N TYR D 785 14.56 -16.58 45.01
CA TYR D 785 13.32 -16.96 45.68
C TYR D 785 12.63 -15.74 46.25
N CYS D 786 13.37 -14.93 47.02
CA CYS D 786 12.79 -13.73 47.61
C CYS D 786 12.44 -12.70 46.54
N LYS D 787 13.14 -12.72 45.41
CA LYS D 787 12.72 -11.89 44.29
C LYS D 787 11.42 -12.41 43.70
N GLU D 788 11.26 -13.72 43.62
CA GLU D 788 10.01 -14.26 43.10
C GLU D 788 8.90 -14.23 44.14
N ALA D 789 9.22 -14.47 45.41
CA ALA D 789 8.20 -14.36 46.45
C ALA D 789 7.76 -12.92 46.65
N GLY D 790 8.66 -11.97 46.43
CA GLY D 790 8.26 -10.57 46.38
C GLY D 790 7.43 -10.24 45.17
N GLN D 791 7.56 -11.01 44.09
CA GLN D 791 6.75 -10.76 42.91
C GLN D 791 5.34 -11.29 43.07
N ILE D 792 5.15 -12.39 43.80
CA ILE D 792 3.79 -12.87 44.03
C ILE D 792 3.09 -12.06 45.11
N PHE D 793 3.83 -11.33 45.93
CA PHE D 793 3.19 -10.47 46.92
C PHE D 793 2.66 -9.21 46.27
N GLN D 794 3.38 -8.69 45.27
CA GLN D 794 2.91 -7.51 44.55
C GLN D 794 1.93 -7.87 43.45
N GLN D 795 2.10 -9.04 42.83
CA GLN D 795 1.21 -9.49 41.76
C GLN D 795 0.55 -10.78 42.25
N LYS D 796 -0.70 -10.67 42.70
CA LYS D 796 -1.44 -11.83 43.14
C LYS D 796 -2.39 -12.26 42.03
N ARG D 797 -2.31 -13.53 41.64
CA ARG D 797 -3.13 -14.24 40.65
C ARG D 797 -2.97 -13.74 39.23
N ASN D 798 -2.18 -12.69 38.99
CA ASN D 798 -1.71 -12.35 37.66
C ASN D 798 -0.25 -12.68 37.47
N TYR D 799 0.44 -13.02 38.56
CA TYR D 799 1.75 -13.64 38.47
C TYR D 799 1.68 -14.94 37.68
N PHE D 800 0.66 -15.75 37.94
CA PHE D 800 0.56 -17.08 37.39
C PHE D 800 0.07 -17.11 35.96
N MET D 801 -0.32 -15.96 35.41
CA MET D 801 -0.61 -15.86 33.99
C MET D 801 0.60 -15.39 33.19
N ASP D 802 1.80 -15.70 33.67
CA ASP D 802 3.04 -15.32 33.02
C ASP D 802 3.88 -16.57 32.86
N ILE D 803 4.41 -16.79 31.67
CA ILE D 803 5.21 -17.98 31.40
C ILE D 803 6.66 -17.79 31.81
N SER D 804 7.13 -16.55 31.91
CA SER D 804 8.53 -16.33 32.29
C SER D 804 8.78 -16.65 33.75
N ASN D 805 7.74 -16.67 34.58
CA ASN D 805 7.97 -16.96 35.99
C ASN D 805 8.24 -18.43 36.23
N VAL D 806 7.69 -19.32 35.41
CA VAL D 806 7.98 -20.73 35.62
C VAL D 806 9.38 -21.07 35.13
N LEU D 807 9.94 -20.24 34.24
CA LEU D 807 11.33 -20.41 33.85
C LEU D 807 12.26 -20.07 34.99
N GLU D 808 11.89 -19.06 35.79
CA GLU D 808 12.70 -18.69 36.93
C GLU D 808 12.63 -19.75 38.01
N TRP D 809 11.47 -20.39 38.18
CA TRP D 809 11.35 -21.40 39.22
C TRP D 809 12.14 -22.66 38.88
N ILE D 810 12.28 -23.00 37.60
CA ILE D 810 13.17 -24.08 37.22
C ILE D 810 14.61 -23.68 37.48
N ILE D 811 14.92 -22.42 37.22
CA ILE D 811 16.27 -21.89 37.33
C ILE D 811 16.78 -21.91 38.76
N TYR D 812 15.93 -21.59 39.72
CA TYR D 812 16.47 -21.41 41.06
C TYR D 812 16.55 -22.71 41.83
N THR D 813 15.63 -23.65 41.61
CA THR D 813 15.76 -24.95 42.27
C THR D 813 16.92 -25.74 41.69
N THR D 814 17.00 -25.83 40.36
CA THR D 814 18.07 -26.59 39.74
C THR D 814 19.43 -25.95 39.92
N GLY D 815 19.47 -24.65 40.22
CA GLY D 815 20.71 -24.06 40.69
C GLY D 815 21.15 -24.63 42.02
N ILE D 816 20.20 -24.82 42.94
CA ILE D 816 20.52 -25.30 44.28
C ILE D 816 20.93 -26.76 44.24
N ILE D 817 20.22 -27.58 43.46
CA ILE D 817 20.57 -28.99 43.38
C ILE D 817 21.92 -29.19 42.69
N PHE D 818 22.33 -28.24 41.85
CA PHE D 818 23.67 -28.31 41.30
C PHE D 818 24.73 -28.08 42.36
N VAL D 819 24.45 -27.24 43.35
CA VAL D 819 25.43 -26.89 44.36
C VAL D 819 25.01 -27.36 45.75
N LEU D 820 24.06 -28.28 45.80
CA LEU D 820 23.70 -28.92 47.06
C LEU D 820 24.84 -29.62 47.81
N PRO D 821 25.96 -30.10 47.18
CA PRO D 821 27.09 -30.58 48.00
C PRO D 821 27.82 -29.56 48.86
N LEU D 822 27.35 -28.31 48.91
CA LEU D 822 27.79 -27.41 49.97
C LEU D 822 27.42 -27.96 51.34
N PHE D 823 26.24 -28.55 51.46
CA PHE D 823 25.74 -29.06 52.73
C PHE D 823 25.61 -30.57 52.74
N VAL D 824 24.85 -31.15 51.82
CA VAL D 824 24.56 -32.57 51.82
C VAL D 824 25.00 -33.17 50.48
N GLU D 825 25.65 -34.32 50.54
CA GLU D 825 26.13 -34.95 49.32
C GLU D 825 24.98 -35.54 48.53
N ILE D 826 25.17 -35.61 47.22
CA ILE D 826 24.17 -36.17 46.29
C ILE D 826 24.91 -36.99 45.25
N PRO D 827 24.21 -37.88 44.55
CA PRO D 827 24.84 -38.60 43.45
C PRO D 827 25.30 -37.67 42.34
N ALA D 828 26.41 -38.05 41.70
CA ALA D 828 26.98 -37.24 40.63
C ALA D 828 26.07 -37.19 39.42
N HIS D 829 25.29 -38.24 39.20
CA HIS D 829 24.36 -38.24 38.08
C HIS D 829 23.24 -37.24 38.28
N LEU D 830 22.79 -37.07 39.52
CA LEU D 830 21.72 -36.11 39.77
C LEU D 830 22.25 -34.69 39.73
N GLN D 831 23.49 -34.48 40.17
CA GLN D 831 24.05 -33.14 40.26
C GLN D 831 24.25 -32.54 38.87
N TRP D 832 24.80 -33.31 37.95
CA TRP D 832 25.01 -32.80 36.62
C TRP D 832 23.77 -32.85 35.76
N GLN D 833 22.77 -33.64 36.14
CA GLN D 833 21.49 -33.57 35.45
C GLN D 833 20.80 -32.25 35.73
N CYS D 834 20.83 -31.81 36.99
CA CYS D 834 20.31 -30.49 37.30
C CYS D 834 21.25 -29.39 36.86
N GLY D 835 22.53 -29.71 36.66
CA GLY D 835 23.44 -28.71 36.14
C GLY D 835 23.19 -28.41 34.68
N ALA D 836 22.85 -29.43 33.90
CA ALA D 836 22.56 -29.22 32.49
C ALA D 836 21.26 -28.46 32.30
N ILE D 837 20.29 -28.66 33.19
CA ILE D 837 19.05 -27.91 33.12
C ILE D 837 19.27 -26.46 33.51
N ALA D 838 20.12 -26.23 34.50
CA ALA D 838 20.31 -24.88 35.02
C ALA D 838 21.10 -24.03 34.05
N VAL D 839 22.20 -24.56 33.50
CA VAL D 839 23.03 -23.76 32.61
C VAL D 839 22.35 -23.58 31.26
N TYR D 840 21.41 -24.47 30.91
CA TYR D 840 20.66 -24.22 29.70
C TYR D 840 19.64 -23.12 29.93
N PHE D 841 18.94 -23.16 31.05
CA PHE D 841 17.86 -22.21 31.27
C PHE D 841 18.35 -20.87 31.76
N TYR D 842 19.58 -20.76 32.28
CA TYR D 842 20.11 -19.46 32.66
C TYR D 842 20.25 -18.57 31.44
N TRP D 843 20.93 -19.06 30.41
CA TRP D 843 21.16 -18.26 29.23
C TRP D 843 19.91 -18.09 28.39
N MET D 844 18.94 -19.00 28.51
CA MET D 844 17.67 -18.77 27.83
C MET D 844 16.89 -17.67 28.52
N ASN D 845 17.01 -17.56 29.83
CA ASN D 845 16.29 -16.51 30.53
C ASN D 845 17.04 -15.20 30.49
N PHE D 846 18.36 -15.25 30.35
CA PHE D 846 19.12 -14.02 30.17
C PHE D 846 18.81 -13.36 28.84
N LEU D 847 18.31 -14.13 27.88
CA LEU D 847 17.77 -13.57 26.66
C LEU D 847 16.57 -12.68 26.94
N LEU D 848 15.78 -13.01 27.97
CA LEU D 848 14.64 -12.18 28.32
C LEU D 848 15.04 -10.90 29.04
N TYR D 849 16.20 -10.87 29.67
CA TYR D 849 16.58 -9.67 30.41
C TYR D 849 17.12 -8.58 29.51
N LEU D 850 17.47 -8.89 28.26
CA LEU D 850 17.87 -7.87 27.32
C LEU D 850 16.72 -7.45 26.42
N GLN D 851 15.51 -7.97 26.68
CA GLN D 851 14.32 -7.43 26.05
C GLN D 851 14.07 -6.00 26.49
N ARG D 852 14.52 -5.66 27.70
CA ARG D 852 14.43 -4.31 28.23
C ARG D 852 15.63 -3.47 27.82
N PHE D 853 15.91 -3.48 26.53
CA PHE D 853 16.94 -2.65 25.91
C PHE D 853 16.35 -2.09 24.63
N GLU D 854 17.19 -1.47 23.83
CA GLU D 854 16.71 -0.88 22.59
C GLU D 854 17.44 -1.38 21.36
N ASN D 855 18.75 -1.58 21.44
CA ASN D 855 19.50 -1.97 20.26
C ASN D 855 19.32 -3.44 19.89
N CYS D 856 19.08 -4.31 20.87
CA CYS D 856 18.89 -5.72 20.59
C CYS D 856 17.56 -6.23 21.10
N GLY D 857 16.77 -5.39 21.76
CA GLY D 857 15.52 -5.85 22.34
C GLY D 857 14.43 -6.10 21.33
N ILE D 858 14.56 -5.57 20.11
CA ILE D 858 13.52 -5.81 19.12
C ILE D 858 13.62 -7.22 18.55
N PHE D 859 14.79 -7.86 18.63
CA PHE D 859 14.89 -9.23 18.14
C PHE D 859 14.27 -10.22 19.09
N ILE D 860 14.17 -9.88 20.37
CA ILE D 860 13.49 -10.77 21.30
C ILE D 860 12.00 -10.70 21.08
N VAL D 861 11.49 -9.53 20.69
CA VAL D 861 10.08 -9.42 20.33
C VAL D 861 9.81 -10.18 19.05
N MET D 862 10.75 -10.15 18.11
CA MET D 862 10.61 -10.95 16.90
C MET D 862 10.73 -12.43 17.20
N LEU D 863 11.60 -12.79 18.14
CA LEU D 863 11.74 -14.18 18.52
C LEU D 863 10.51 -14.69 19.25
N GLU D 864 9.84 -13.82 20.00
CA GLU D 864 8.67 -14.27 20.74
C GLU D 864 7.47 -14.44 19.83
N VAL D 865 7.33 -13.58 18.82
CA VAL D 865 6.15 -13.67 17.98
C VAL D 865 6.28 -14.82 16.98
N ILE D 866 7.51 -15.19 16.61
CA ILE D 866 7.70 -16.36 15.77
C ILE D 866 7.46 -17.63 16.57
N LEU D 867 7.94 -17.64 17.81
CA LEU D 867 7.74 -18.78 18.69
C LEU D 867 6.29 -18.96 19.07
N LYS D 868 5.52 -17.86 19.16
CA LYS D 868 4.13 -17.98 19.53
C LYS D 868 3.30 -18.59 18.41
N THR D 869 3.61 -18.25 17.17
CA THR D 869 2.88 -18.81 16.05
C THR D 869 3.42 -20.15 15.61
N LEU D 870 4.50 -20.62 16.20
CA LEU D 870 4.91 -22.00 16.01
C LEU D 870 4.24 -22.91 17.01
N LEU D 871 4.05 -22.44 18.25
CA LEU D 871 3.28 -23.21 19.21
C LEU D 871 1.79 -23.13 18.97
N ARG D 872 1.33 -22.22 18.11
CA ARG D 872 -0.06 -22.23 17.72
C ARG D 872 -0.36 -23.26 16.66
N SER D 873 0.67 -23.68 15.90
CA SER D 873 0.52 -24.71 14.89
C SER D 873 1.21 -25.99 15.32
N THR D 874 1.26 -26.26 16.61
CA THR D 874 2.01 -27.42 17.05
C THR D 874 1.25 -28.72 16.82
N VAL D 875 -0.08 -28.67 16.75
CA VAL D 875 -0.86 -29.88 16.54
C VAL D 875 -0.73 -30.35 15.09
N VAL D 876 -0.47 -29.45 14.16
CA VAL D 876 -0.21 -29.85 12.79
C VAL D 876 1.13 -30.55 12.69
N PHE D 877 2.09 -30.16 13.54
CA PHE D 877 3.35 -30.89 13.59
C PHE D 877 3.17 -32.26 14.22
N ILE D 878 2.33 -32.36 15.25
CA ILE D 878 2.13 -33.64 15.93
C ILE D 878 1.47 -34.64 15.00
N PHE D 879 0.51 -34.19 14.21
CA PHE D 879 -0.20 -35.13 13.36
C PHE D 879 0.59 -35.46 12.11
N LEU D 880 1.47 -34.57 11.67
CA LEU D 880 2.35 -34.91 10.57
C LEU D 880 3.44 -35.86 11.00
N LEU D 881 4.02 -35.65 12.18
CA LEU D 881 5.02 -36.59 12.68
C LEU D 881 4.40 -37.89 13.12
N LEU D 882 3.13 -37.91 13.48
CA LEU D 882 2.51 -39.20 13.75
C LEU D 882 2.16 -39.93 12.47
N ALA D 883 1.82 -39.21 11.42
CA ALA D 883 1.54 -39.84 10.13
C ALA D 883 2.81 -40.43 9.53
N PHE D 884 3.85 -39.63 9.43
CA PHE D 884 5.08 -40.11 8.81
C PHE D 884 5.88 -40.99 9.74
N GLY D 885 5.85 -40.72 11.04
CA GLY D 885 6.66 -41.49 11.96
C GLY D 885 6.15 -42.90 12.16
N LEU D 886 4.83 -43.06 12.24
CA LEU D 886 4.31 -44.40 12.42
C LEU D 886 4.35 -45.20 11.14
N SER D 887 4.28 -44.54 9.99
CA SER D 887 4.42 -45.28 8.74
C SER D 887 5.86 -45.68 8.51
N PHE D 888 6.81 -44.82 8.89
CA PHE D 888 8.21 -45.19 8.78
C PHE D 888 8.58 -46.24 9.80
N TYR D 889 7.86 -46.31 10.91
CA TYR D 889 8.09 -47.37 11.88
C TYR D 889 7.65 -48.71 11.34
N ILE D 890 6.63 -48.72 10.48
CA ILE D 890 6.18 -49.98 9.91
C ILE D 890 7.06 -50.38 8.74
N LEU D 891 7.36 -49.44 7.85
CA LEU D 891 8.09 -49.75 6.64
C LEU D 891 9.55 -50.04 6.93
N LEU D 892 10.23 -49.08 7.53
CA LEU D 892 11.66 -49.24 7.80
C LEU D 892 11.92 -49.82 9.18
N ASN D 893 11.23 -50.90 9.53
CA ASN D 893 11.27 -51.40 10.89
C ASN D 893 12.57 -52.09 11.23
N LEU D 894 13.23 -52.68 10.25
CA LEU D 894 14.45 -53.42 10.52
C LEU D 894 15.66 -52.55 10.74
N GLN D 895 15.55 -51.25 10.49
CA GLN D 895 16.67 -50.35 10.68
C GLN D 895 16.64 -49.75 12.08
N ASP D 896 17.82 -49.63 12.67
CA ASP D 896 17.95 -49.09 14.01
C ASP D 896 17.42 -47.68 14.24
N PRO D 897 17.40 -46.75 13.28
CA PRO D 897 16.67 -45.48 13.53
C PRO D 897 15.19 -45.63 13.71
N PHE D 898 14.58 -46.71 13.22
CA PHE D 898 13.14 -46.90 13.33
C PHE D 898 12.96 -48.26 13.97
N SER D 899 13.07 -48.32 15.29
CA SER D 899 12.94 -49.58 15.98
C SER D 899 11.80 -49.58 16.98
N SER D 900 11.62 -48.49 17.69
CA SER D 900 10.47 -48.25 18.54
C SER D 900 9.66 -47.16 17.89
N PRO D 901 8.38 -47.03 18.24
CA PRO D 901 7.62 -45.87 17.74
C PRO D 901 8.14 -44.55 18.23
N LEU D 902 8.73 -44.51 19.41
CA LEU D 902 9.19 -43.25 19.98
C LEU D 902 10.57 -42.88 19.46
N LEU D 903 11.25 -43.78 18.78
CA LEU D 903 12.45 -43.41 18.04
C LEU D 903 12.16 -43.15 16.58
N SER D 904 10.99 -43.55 16.10
CA SER D 904 10.61 -43.23 14.74
C SER D 904 10.14 -41.80 14.63
N ILE D 905 9.54 -41.26 15.68
CA ILE D 905 9.04 -39.90 15.62
C ILE D 905 10.17 -38.90 15.75
N ILE D 906 11.16 -39.21 16.59
CA ILE D 906 12.30 -38.32 16.76
C ILE D 906 13.15 -38.28 15.50
N GLN D 907 13.30 -39.43 14.84
CA GLN D 907 14.03 -39.45 13.58
C GLN D 907 13.27 -38.72 12.49
N THR D 908 11.95 -38.88 12.45
CA THR D 908 11.13 -38.10 11.53
C THR D 908 11.17 -36.63 11.87
N PHE D 909 11.27 -36.30 13.15
CA PHE D 909 11.48 -34.92 13.54
C PHE D 909 12.87 -34.44 13.16
N SER D 910 13.84 -35.34 13.09
CA SER D 910 15.17 -34.95 12.67
C SER D 910 15.28 -34.82 11.17
N MET D 911 14.48 -35.58 10.43
CA MET D 911 14.44 -35.48 8.97
C MET D 911 13.62 -34.30 8.50
N MET D 912 13.06 -33.52 9.42
CA MET D 912 12.19 -32.41 9.08
C MET D 912 12.94 -31.31 8.35
N LEU D 913 14.20 -31.09 8.69
CA LEU D 913 14.94 -29.98 8.11
C LEU D 913 15.48 -30.28 6.72
N GLY D 914 15.34 -31.50 6.24
CA GLY D 914 15.96 -31.91 5.01
C GLY D 914 17.11 -32.85 5.21
N ASP D 915 17.26 -33.44 6.38
CA ASP D 915 18.32 -34.39 6.67
C ASP D 915 17.82 -35.81 6.52
N ILE D 916 16.95 -36.02 5.53
CA ILE D 916 16.65 -37.37 5.08
C ILE D 916 17.92 -38.01 4.58
N ASN D 917 18.24 -39.17 5.11
CA ASN D 917 19.52 -39.78 4.76
C ASN D 917 19.48 -40.36 3.36
N TYR D 918 18.51 -41.23 3.09
CA TYR D 918 18.14 -41.82 1.81
C TYR D 918 19.17 -42.83 1.30
N ARG D 919 20.40 -42.77 1.77
CA ARG D 919 21.38 -43.73 1.32
C ARG D 919 21.54 -44.84 2.34
N GLU D 920 21.79 -44.48 3.58
CA GLU D 920 21.87 -45.50 4.63
C GLU D 920 20.50 -45.95 5.10
N SER D 921 19.44 -45.29 4.67
CA SER D 921 18.09 -45.63 5.10
C SER D 921 17.20 -46.15 3.98
N PHE D 922 17.36 -45.66 2.77
CA PHE D 922 16.47 -46.07 1.69
C PHE D 922 17.17 -46.78 0.55
N LEU D 923 18.30 -46.24 0.07
CA LEU D 923 18.90 -46.80 -1.14
C LEU D 923 19.64 -48.10 -0.84
N GLU D 924 20.63 -48.05 0.03
CA GLU D 924 21.41 -49.24 0.36
C GLU D 924 20.63 -50.36 1.06
N PRO D 925 19.56 -50.10 1.83
CA PRO D 925 18.67 -51.21 2.15
C PRO D 925 17.95 -51.78 0.95
N TYR D 926 17.62 -50.96 -0.03
CA TYR D 926 16.89 -51.45 -1.19
C TYR D 926 17.78 -52.28 -2.09
N LEU D 927 19.05 -51.89 -2.22
CA LEU D 927 19.97 -52.65 -3.05
C LEU D 927 20.45 -53.93 -2.37
N ARG D 928 20.27 -54.04 -1.05
CA ARG D 928 20.58 -55.28 -0.35
C ARG D 928 19.34 -56.12 -0.11
N ASN D 929 18.21 -55.74 -0.71
CA ASN D 929 16.90 -56.38 -0.53
C ASN D 929 16.48 -56.43 0.93
N GLU D 930 16.82 -55.39 1.68
CA GLU D 930 16.47 -55.30 3.08
C GLU D 930 15.22 -54.49 3.32
N LEU D 931 14.63 -53.91 2.28
CA LEU D 931 13.37 -53.22 2.43
C LEU D 931 12.23 -54.22 2.33
N ALA D 932 11.36 -54.24 3.33
CA ALA D 932 10.23 -55.15 3.31
C ALA D 932 9.21 -54.72 2.26
N HIS D 933 8.85 -53.44 2.26
CA HIS D 933 7.93 -52.88 1.28
C HIS D 933 8.68 -51.81 0.51
N PRO D 934 9.33 -52.18 -0.59
CA PRO D 934 10.20 -51.25 -1.31
C PRO D 934 9.44 -50.13 -2.00
N VAL D 935 8.34 -50.48 -2.67
CA VAL D 935 7.61 -49.49 -3.44
C VAL D 935 6.86 -48.53 -2.52
N LEU D 936 6.44 -48.98 -1.34
CA LEU D 936 5.81 -48.06 -0.40
C LEU D 936 6.83 -47.18 0.29
N SER D 937 8.06 -47.69 0.51
CA SER D 937 9.05 -46.92 1.21
C SER D 937 9.53 -45.73 0.38
N PHE D 938 9.71 -45.95 -0.91
CA PHE D 938 10.07 -44.84 -1.77
C PHE D 938 8.90 -43.90 -1.99
N ALA D 939 7.67 -44.43 -1.97
CA ALA D 939 6.51 -43.56 -2.07
C ALA D 939 6.33 -42.73 -0.81
N GLN D 940 6.65 -43.33 0.35
CA GLN D 940 6.61 -42.56 1.58
C GLN D 940 7.75 -41.57 1.64
N LEU D 941 8.88 -41.90 1.03
CA LEU D 941 10.02 -40.99 0.98
C LEU D 941 9.70 -39.74 0.16
N VAL D 942 9.09 -39.93 -1.00
CA VAL D 942 8.75 -38.81 -1.87
C VAL D 942 7.67 -37.96 -1.24
N SER D 943 6.67 -38.60 -0.64
CA SER D 943 5.60 -37.83 -0.01
C SER D 943 6.06 -37.15 1.27
N PHE D 944 7.06 -37.71 1.94
CA PHE D 944 7.62 -37.00 3.09
C PHE D 944 8.38 -35.77 2.63
N THR D 945 9.24 -35.94 1.63
CA THR D 945 10.10 -34.86 1.15
C THR D 945 9.31 -33.71 0.57
N ILE D 946 8.16 -34.00 -0.04
CA ILE D 946 7.30 -32.94 -0.53
C ILE D 946 6.64 -32.22 0.64
N PHE D 947 6.14 -32.96 1.61
CA PHE D 947 5.33 -32.37 2.66
C PHE D 947 6.16 -31.62 3.69
N VAL D 948 7.05 -32.32 4.39
CA VAL D 948 7.63 -31.73 5.57
C VAL D 948 8.83 -30.81 5.29
N PRO D 949 9.89 -31.18 4.53
CA PRO D 949 10.97 -30.22 4.35
C PRO D 949 10.64 -29.17 3.31
N ILE D 950 9.79 -29.49 2.35
CA ILE D 950 9.49 -28.51 1.32
C ILE D 950 8.26 -27.71 1.72
N VAL D 951 7.11 -28.35 1.87
CA VAL D 951 5.87 -27.59 2.04
C VAL D 951 5.75 -27.05 3.46
N LEU D 952 6.00 -27.88 4.46
CA LEU D 952 5.80 -27.46 5.84
C LEU D 952 6.85 -26.45 6.26
N MET D 953 8.10 -26.62 5.82
CA MET D 953 9.12 -25.67 6.21
C MET D 953 8.99 -24.36 5.46
N ASN D 954 8.46 -24.39 4.24
CA ASN D 954 8.19 -23.13 3.57
C ASN D 954 6.98 -22.43 4.17
N LEU D 955 6.10 -23.17 4.81
CA LEU D 955 5.00 -22.54 5.53
C LEU D 955 5.50 -21.79 6.74
N LEU D 956 6.49 -22.34 7.44
CA LEU D 956 7.02 -21.66 8.60
C LEU D 956 7.86 -20.46 8.22
N ILE D 957 8.49 -20.52 7.04
CA ILE D 957 9.23 -19.36 6.56
C ILE D 957 8.28 -18.24 6.21
N GLY D 958 7.24 -18.54 5.42
CA GLY D 958 6.28 -17.53 5.05
C GLY D 958 5.44 -17.02 6.19
N LEU D 959 5.29 -17.81 7.25
CA LEU D 959 4.71 -17.28 8.47
C LEU D 959 5.65 -16.29 9.13
N ALA D 960 6.94 -16.60 9.13
CA ALA D 960 7.90 -15.75 9.81
C ALA D 960 8.16 -14.46 9.06
N VAL D 961 7.98 -14.46 7.74
CA VAL D 961 8.18 -13.23 6.97
C VAL D 961 7.07 -12.25 7.27
N GLY D 962 5.83 -12.71 7.33
CA GLY D 962 4.73 -11.83 7.69
C GLY D 962 4.76 -11.40 9.13
N ASP D 963 5.29 -12.24 10.02
CA ASP D 963 5.35 -11.90 11.44
C ASP D 963 6.44 -10.90 11.72
N ILE D 964 7.52 -10.91 10.96
CA ILE D 964 8.54 -9.90 11.16
C ILE D 964 8.13 -8.60 10.51
N ALA D 965 7.30 -8.67 9.45
CA ALA D 965 6.92 -7.49 8.70
C ALA D 965 6.05 -6.55 9.53
N ASP D 966 5.06 -7.09 10.24
CA ASP D 966 4.25 -6.19 11.06
C ASP D 966 4.89 -5.87 12.40
N VAL D 967 5.96 -6.57 12.78
CA VAL D 967 6.72 -6.11 13.93
C VAL D 967 7.60 -4.94 13.53
N GLN D 968 8.27 -5.05 12.39
CA GLN D 968 9.08 -3.94 11.88
C GLN D 968 8.25 -2.76 11.42
N LYS D 969 6.96 -2.96 11.13
CA LYS D 969 6.11 -1.84 10.81
C LYS D 969 5.88 -0.96 12.04
N HIS D 970 5.84 -1.55 13.23
CA HIS D 970 5.66 -0.81 14.46
C HIS D 970 6.90 -0.85 15.34
N ALA D 971 8.07 -1.04 14.74
CA ALA D 971 9.27 -1.28 15.54
C ALA D 971 9.78 -0.01 16.21
N SER D 972 9.70 1.12 15.50
CA SER D 972 10.18 2.38 16.07
C SER D 972 9.32 2.83 17.24
N LEU D 973 8.04 2.50 17.22
CA LEU D 973 7.18 2.81 18.35
C LEU D 973 7.31 1.77 19.44
N LYS D 974 7.68 0.54 19.09
CA LYS D 974 7.72 -0.54 20.06
C LYS D 974 8.84 -0.37 21.06
N ARG D 975 10.01 0.08 20.61
CA ARG D 975 11.13 0.25 21.52
C ARG D 975 10.91 1.42 22.45
N ILE D 976 10.22 2.46 22.00
CA ILE D 976 9.92 3.58 22.87
C ILE D 976 8.81 3.20 23.85
N ALA D 977 7.83 2.43 23.39
CA ALA D 977 6.76 2.00 24.28
C ALA D 977 7.26 0.99 25.30
N MET D 978 8.29 0.22 24.96
CA MET D 978 8.89 -0.67 25.95
C MET D 978 9.66 0.11 27.00
N GLN D 979 10.28 1.23 26.61
CA GLN D 979 10.97 2.05 27.59
C GLN D 979 9.98 2.78 28.49
N VAL D 980 8.85 3.20 27.93
CA VAL D 980 7.85 3.90 28.71
C VAL D 980 7.19 2.97 29.70
N GLU D 981 6.82 1.76 29.24
CA GLU D 981 6.20 0.77 30.10
C GLU D 981 7.15 0.26 31.17
N LEU D 982 8.46 0.32 30.91
CA LEU D 982 9.45 -0.01 31.93
C LEU D 982 9.39 0.99 33.07
N HIS D 983 9.53 2.27 32.75
CA HIS D 983 9.58 3.30 33.78
C HIS D 983 8.23 3.49 34.44
N THR D 984 7.14 3.23 33.73
CA THR D 984 5.82 3.33 34.33
C THR D 984 5.61 2.25 35.37
N SER D 985 6.04 1.03 35.07
CA SER D 985 5.91 -0.05 36.04
C SER D 985 6.93 0.07 37.16
N LEU D 986 8.04 0.76 36.91
CA LEU D 986 9.06 0.89 37.93
C LEU D 986 8.61 1.85 39.02
N GLU D 987 8.22 3.06 38.66
CA GLU D 987 7.85 4.03 39.65
C GLU D 987 6.41 3.87 40.13
N LYS D 988 5.68 2.88 39.62
CA LYS D 988 4.42 2.52 40.24
C LYS D 988 4.64 1.79 41.55
N LYS D 989 5.78 1.11 41.69
CA LYS D 989 6.10 0.40 42.91
C LYS D 989 7.18 1.09 43.73
N LEU D 990 7.76 2.16 43.24
CA LEU D 990 8.74 2.90 44.01
C LEU D 990 8.04 3.77 45.05
N PRO D 991 8.71 4.05 46.17
CA PRO D 991 8.11 4.92 47.18
C PRO D 991 8.12 6.37 46.71
N LEU D 992 7.16 7.13 47.24
CA LEU D 992 6.95 8.50 46.76
C LEU D 992 8.05 9.43 47.22
N TRP D 993 8.60 9.21 48.41
CA TRP D 993 9.69 10.05 48.89
C TRP D 993 10.95 9.84 48.07
N PHE D 994 11.16 8.63 47.56
CA PHE D 994 12.31 8.38 46.70
C PHE D 994 12.12 9.04 45.35
N LEU D 995 10.89 9.02 44.84
CA LEU D 995 10.60 9.66 43.57
C LEU D 995 10.72 11.17 43.65
N ARG D 996 10.44 11.75 44.83
CA ARG D 996 10.66 13.17 45.01
C ARG D 996 12.15 13.51 44.99
N LYS D 997 12.99 12.59 45.43
CA LYS D 997 14.41 12.86 45.50
C LYS D 997 15.06 12.81 44.13
N VAL D 998 14.73 11.80 43.33
CA VAL D 998 15.46 11.59 42.09
C VAL D 998 14.89 12.39 40.92
N ASP D 999 13.64 12.80 40.98
CA ASP D 999 13.06 13.57 39.89
C ASP D 999 13.57 14.99 39.94
N GLN D 1000 13.85 15.56 38.77
CA GLN D 1000 14.37 16.91 38.70
C GLN D 1000 13.62 17.82 37.75
N LYS D 1001 12.80 17.28 36.84
CA LYS D 1001 11.74 17.97 36.09
C LYS D 1001 12.22 19.06 35.13
N SER D 1002 13.51 19.34 35.09
CA SER D 1002 14.08 20.32 34.17
C SER D 1002 15.57 20.06 34.08
N THR D 1003 16.06 19.68 32.91
CA THR D 1003 17.47 19.42 32.72
C THR D 1003 18.08 20.44 31.78
N ILE D 1004 19.34 20.77 32.03
CA ILE D 1004 20.11 21.70 31.23
C ILE D 1004 21.18 20.92 30.50
N VAL D 1005 21.20 21.02 29.18
CA VAL D 1005 22.12 20.27 28.34
C VAL D 1005 23.03 21.24 27.63
N TYR D 1006 24.34 21.09 27.82
CA TYR D 1006 25.33 21.89 27.13
C TYR D 1006 25.78 21.12 25.90
N PRO D 1007 25.46 21.59 24.70
CA PRO D 1007 25.81 20.79 23.51
C PRO D 1007 27.28 20.81 23.17
N ASN D 1008 27.94 21.97 23.29
CA ASN D 1008 29.31 22.12 22.84
C ASN D 1008 30.33 22.18 23.98
N LYS D 1009 29.88 22.15 25.23
CA LYS D 1009 30.82 22.26 26.34
C LYS D 1009 31.58 20.96 26.63
N PRO D 1010 30.93 19.77 26.72
CA PRO D 1010 31.84 18.65 26.93
C PRO D 1010 32.35 18.06 25.63
N SER D 1039 0.06 9.52 7.38
CA SER D 1039 0.71 10.55 6.59
C SER D 1039 -0.12 10.87 5.37
N LEU D 1040 -1.01 9.97 5.01
CA LEU D 1040 -1.90 10.15 3.88
C LEU D 1040 -3.37 10.12 4.27
N GLU D 1041 -3.74 9.22 5.19
CA GLU D 1041 -5.11 9.22 5.69
C GLU D 1041 -5.40 10.46 6.53
N MET D 1042 -4.37 11.05 7.14
CA MET D 1042 -4.57 12.33 7.82
C MET D 1042 -4.79 13.45 6.82
N GLU D 1043 -4.26 13.32 5.60
CA GLU D 1043 -4.51 14.32 4.58
C GLU D 1043 -5.94 14.25 4.06
N ILE D 1044 -6.49 13.03 3.99
CA ILE D 1044 -7.87 12.88 3.53
C ILE D 1044 -8.84 13.39 4.58
N LEU D 1045 -8.56 13.13 5.85
CA LEU D 1045 -9.46 13.59 6.91
C LEU D 1045 -9.39 15.10 7.09
N LYS D 1046 -8.24 15.71 6.78
CA LYS D 1046 -8.18 17.15 6.74
C LYS D 1046 -8.97 17.70 5.56
N GLN D 1047 -8.98 16.97 4.45
CA GLN D 1047 -9.71 17.43 3.27
C GLN D 1047 -11.20 17.22 3.40
N LYS D 1048 -11.62 16.21 4.17
CA LYS D 1048 -13.04 15.99 4.38
C LYS D 1048 -13.66 17.08 5.23
N TYR D 1049 -12.92 17.52 6.25
CA TYR D 1049 -13.40 18.63 7.08
C TYR D 1049 -13.33 19.93 6.32
N ARG D 1050 -12.37 20.09 5.42
CA ARG D 1050 -12.31 21.28 4.60
C ARG D 1050 -13.38 21.28 3.51
N LEU D 1051 -13.99 20.13 3.24
CA LEU D 1051 -15.12 20.09 2.34
C LEU D 1051 -16.46 20.13 3.07
N LYS D 1052 -16.49 19.69 4.33
CA LYS D 1052 -17.74 19.66 5.07
C LYS D 1052 -18.19 21.07 5.45
N ASP D 1053 -17.25 21.96 5.72
CA ASP D 1053 -17.64 23.34 5.96
C ASP D 1053 -17.84 24.10 4.66
N LEU D 1054 -17.30 23.60 3.57
CA LEU D 1054 -17.50 24.25 2.28
C LEU D 1054 -18.93 24.05 1.81
N THR D 1055 -19.45 22.84 1.94
CA THR D 1055 -20.86 22.62 1.63
C THR D 1055 -21.78 23.22 2.67
N PHE D 1056 -21.28 23.47 3.87
CA PHE D 1056 -22.09 24.18 4.84
C PHE D 1056 -22.18 25.66 4.49
N LEU D 1057 -21.10 26.22 3.95
CA LEU D 1057 -21.12 27.60 3.52
C LEU D 1057 -21.97 27.78 2.28
N LEU D 1058 -21.93 26.82 1.37
CA LEU D 1058 -22.67 26.93 0.13
C LEU D 1058 -24.18 26.82 0.37
N GLU D 1059 -24.59 25.99 1.32
CA GLU D 1059 -26.00 25.95 1.67
C GLU D 1059 -26.44 27.23 2.35
N LYS D 1060 -25.58 27.80 3.20
CA LYS D 1060 -25.87 29.10 3.77
C LYS D 1060 -25.88 30.18 2.71
N GLN D 1061 -25.05 30.02 1.69
CA GLN D 1061 -25.03 30.96 0.58
C GLN D 1061 -26.28 30.82 -0.28
N HIS D 1062 -26.82 29.61 -0.38
CA HIS D 1062 -27.93 29.36 -1.27
C HIS D 1062 -29.21 30.00 -0.76
N GLU D 1063 -29.41 30.03 0.56
CA GLU D 1063 -30.60 30.66 1.10
C GLU D 1063 -30.54 32.17 1.00
N LEU D 1064 -29.34 32.73 0.92
CA LEU D 1064 -29.22 34.17 0.70
C LEU D 1064 -29.65 34.54 -0.71
N ILE D 1065 -29.25 33.74 -1.69
CA ILE D 1065 -29.60 34.01 -3.07
C ILE D 1065 -31.08 33.76 -3.29
N LYS D 1066 -31.63 32.77 -2.59
CA LYS D 1066 -33.07 32.56 -2.57
C LYS D 1066 -33.79 33.73 -1.93
N LEU D 1067 -33.14 34.41 -0.99
CA LEU D 1067 -33.76 35.59 -0.40
C LEU D 1067 -33.70 36.78 -1.34
N ILE D 1068 -32.67 36.86 -2.17
CA ILE D 1068 -32.53 37.98 -3.10
C ILE D 1068 -33.67 37.98 -4.10
N ILE D 1069 -33.96 36.81 -4.68
CA ILE D 1069 -35.07 36.71 -5.62
C ILE D 1069 -36.40 36.90 -4.91
N GLN D 1070 -36.45 36.53 -3.63
CA GLN D 1070 -37.66 36.69 -2.85
C GLN D 1070 -37.97 38.16 -2.59
N LYS D 1071 -36.94 38.97 -2.43
CA LYS D 1071 -37.10 40.41 -2.16
C LYS D 1071 -36.31 41.16 -3.22
N MET D 1072 -36.95 41.44 -4.35
CA MET D 1072 -36.24 42.08 -5.45
C MET D 1072 -37.23 42.92 -6.22
N GLU D 1073 -36.77 44.05 -6.72
CA GLU D 1073 -37.61 44.88 -7.54
C GLU D 1073 -37.61 44.34 -8.97
N ILE D 1074 -38.79 44.00 -9.45
CA ILE D 1074 -38.98 43.54 -10.81
C ILE D 1074 -40.15 44.34 -11.36
N ILE D 1075 -39.86 45.31 -12.23
CA ILE D 1075 -40.87 46.02 -12.98
C ILE D 1075 -40.69 45.84 -14.48
N SER D 1076 -39.46 45.95 -14.96
CA SER D 1076 -39.22 45.87 -16.40
C SER D 1076 -39.39 44.45 -16.93
N GLU D 1077 -39.21 43.44 -16.08
CA GLU D 1077 -39.22 42.04 -16.50
C GLU D 1077 -40.41 41.28 -15.94
N THR D 1078 -41.60 41.89 -15.98
CA THR D 1078 -42.80 41.27 -15.44
C THR D 1078 -43.63 40.55 -16.51
N GLU D 1079 -42.98 40.10 -17.59
CA GLU D 1079 -43.61 39.41 -18.72
C GLU D 1079 -44.78 40.17 -19.35
#